data_3ADY
# 
_entry.id   3ADY 
# 
_audit_conform.dict_name       mmcif_pdbx.dic 
_audit_conform.dict_version    5.388 
_audit_conform.dict_location   http://mmcif.pdb.org/dictionaries/ascii/mmcif_pdbx.dic 
# 
loop_
_database_2.database_id 
_database_2.database_code 
_database_2.pdbx_database_accession 
_database_2.pdbx_DOI 
PDB   3ADY         pdb_00003ady 10.2210/pdb3ady/pdb 
RCSB  RCSB029132   ?            ?                   
WWPDB D_1000029132 ?            ?                   
# 
loop_
_pdbx_audit_revision_history.ordinal 
_pdbx_audit_revision_history.data_content_type 
_pdbx_audit_revision_history.major_revision 
_pdbx_audit_revision_history.minor_revision 
_pdbx_audit_revision_history.revision_date 
1 'Structure model' 1 0 2010-11-03 
2 'Structure model' 1 1 2011-07-13 
3 'Structure model' 1 2 2024-03-13 
# 
_pdbx_audit_revision_details.ordinal             1 
_pdbx_audit_revision_details.revision_ordinal    1 
_pdbx_audit_revision_details.data_content_type   'Structure model' 
_pdbx_audit_revision_details.provider            repository 
_pdbx_audit_revision_details.type                'Initial release' 
_pdbx_audit_revision_details.description         ? 
_pdbx_audit_revision_details.details             ? 
# 
loop_
_pdbx_audit_revision_group.ordinal 
_pdbx_audit_revision_group.revision_ordinal 
_pdbx_audit_revision_group.data_content_type 
_pdbx_audit_revision_group.group 
1 2 'Structure model' 'Version format compliance' 
2 3 'Structure model' 'Data collection'           
3 3 'Structure model' 'Database references'       
# 
loop_
_pdbx_audit_revision_category.ordinal 
_pdbx_audit_revision_category.revision_ordinal 
_pdbx_audit_revision_category.data_content_type 
_pdbx_audit_revision_category.category 
1 3 'Structure model' chem_comp_atom     
2 3 'Structure model' chem_comp_bond     
3 3 'Structure model' database_2         
4 3 'Structure model' struct_ref_seq_dif 
# 
loop_
_pdbx_audit_revision_item.ordinal 
_pdbx_audit_revision_item.revision_ordinal 
_pdbx_audit_revision_item.data_content_type 
_pdbx_audit_revision_item.item 
1 3 'Structure model' '_database_2.pdbx_DOI'                
2 3 'Structure model' '_database_2.pdbx_database_accession' 
3 3 'Structure model' '_struct_ref_seq_dif.details'         
# 
_pdbx_database_status.status_code                     REL 
_pdbx_database_status.entry_id                        3ADY 
_pdbx_database_status.recvd_initial_deposition_date   2010-01-29 
_pdbx_database_status.deposit_site                    PDBJ 
_pdbx_database_status.process_site                    PDBJ 
_pdbx_database_status.status_code_sf                  REL 
_pdbx_database_status.status_code_mr                  ? 
_pdbx_database_status.SG_entry                        ? 
_pdbx_database_status.status_code_cs                  ? 
_pdbx_database_status.pdb_format_compatible           Y 
_pdbx_database_status.status_code_nmr_data            ? 
_pdbx_database_status.methods_development_category    ? 
# 
loop_
_audit_author.name 
_audit_author.pdbx_ordinal 
'Imada, K.'     1 
'Nakano, N.'    2 
'Kubori, T.'    3 
'Kinoshita, M.' 4 
'Nagai, H.'     5 
# 
_citation.id                        primary 
_citation.title                     
'Crystal structure of Legionella DotD: insights into the relationship between type IVB and type II/III secretion systems' 
_citation.journal_abbrev            'Plos Pathog.' 
_citation.journal_volume            6 
_citation.page_first                e1001129 
_citation.page_last                 e1001129 
_citation.year                      2010 
_citation.journal_id_ASTM           ? 
_citation.country                   US 
_citation.journal_id_ISSN           1553-7366 
_citation.journal_id_CSD            ? 
_citation.book_publisher            ? 
_citation.pdbx_database_id_PubMed   20949065 
_citation.pdbx_database_id_DOI      10.1371/journal.ppat.1001129 
# 
loop_
_citation_author.citation_id 
_citation_author.name 
_citation_author.ordinal 
_citation_author.identifier_ORCID 
primary 'Nakano, N.'    1 ? 
primary 'Kubori, T.'    2 ? 
primary 'Kinoshita, M.' 3 ? 
primary 'Imada, K.'     4 ? 
primary 'Nagai, H.'     5 ? 
# 
loop_
_entity.id 
_entity.type 
_entity.src_method 
_entity.pdbx_description 
_entity.formula_weight 
_entity.pdbx_number_of_molecules 
_entity.pdbx_ec 
_entity.pdbx_mutation 
_entity.pdbx_fragment 
_entity.details 
1 polymer man DotD  16191.568 1   ? ? 'periplasmic fragment, residues 20 -163' ? 
2 water   nat water 18.015    180 ? ? ?                                        ? 
# 
_entity_poly.entity_id                      1 
_entity_poly.type                           'polypeptide(L)' 
_entity_poly.nstd_linkage                   no 
_entity_poly.nstd_monomer                   no 
_entity_poly.pdbx_seq_one_letter_code       
;GSHMAGTMKFKKPPINNPSDDATIKLAEAAVSVSDSMLEMAKVEKVITPPSKDNTLTIPNAYNLQARASVDWSGPIEELT
ARIAKAAHFRFRVLGKSPSVPVLISISTKDESLAEILRDIDYQAGKKASIHVYPNSQVVELRYAKIYS
;
_entity_poly.pdbx_seq_one_letter_code_can   
;GSHMAGTMKFKKPPINNPSDDATIKLAEAAVSVSDSMLEMAKVEKVITPPSKDNTLTIPNAYNLQARASVDWSGPIEELT
ARIAKAAHFRFRVLGKSPSVPVLISISTKDESLAEILRDIDYQAGKKASIHVYPNSQVVELRYAKIYS
;
_entity_poly.pdbx_strand_id                 A 
_entity_poly.pdbx_target_identifier         ? 
# 
_pdbx_entity_nonpoly.entity_id   2 
_pdbx_entity_nonpoly.name        water 
_pdbx_entity_nonpoly.comp_id     HOH 
# 
loop_
_entity_poly_seq.entity_id 
_entity_poly_seq.num 
_entity_poly_seq.mon_id 
_entity_poly_seq.hetero 
1 1   GLY n 
1 2   SER n 
1 3   HIS n 
1 4   MET n 
1 5   ALA n 
1 6   GLY n 
1 7   THR n 
1 8   MET n 
1 9   LYS n 
1 10  PHE n 
1 11  LYS n 
1 12  LYS n 
1 13  PRO n 
1 14  PRO n 
1 15  ILE n 
1 16  ASN n 
1 17  ASN n 
1 18  PRO n 
1 19  SER n 
1 20  ASP n 
1 21  ASP n 
1 22  ALA n 
1 23  THR n 
1 24  ILE n 
1 25  LYS n 
1 26  LEU n 
1 27  ALA n 
1 28  GLU n 
1 29  ALA n 
1 30  ALA n 
1 31  VAL n 
1 32  SER n 
1 33  VAL n 
1 34  SER n 
1 35  ASP n 
1 36  SER n 
1 37  MET n 
1 38  LEU n 
1 39  GLU n 
1 40  MET n 
1 41  ALA n 
1 42  LYS n 
1 43  VAL n 
1 44  GLU n 
1 45  LYS n 
1 46  VAL n 
1 47  ILE n 
1 48  THR n 
1 49  PRO n 
1 50  PRO n 
1 51  SER n 
1 52  LYS n 
1 53  ASP n 
1 54  ASN n 
1 55  THR n 
1 56  LEU n 
1 57  THR n 
1 58  ILE n 
1 59  PRO n 
1 60  ASN n 
1 61  ALA n 
1 62  TYR n 
1 63  ASN n 
1 64  LEU n 
1 65  GLN n 
1 66  ALA n 
1 67  ARG n 
1 68  ALA n 
1 69  SER n 
1 70  VAL n 
1 71  ASP n 
1 72  TRP n 
1 73  SER n 
1 74  GLY n 
1 75  PRO n 
1 76  ILE n 
1 77  GLU n 
1 78  GLU n 
1 79  LEU n 
1 80  THR n 
1 81  ALA n 
1 82  ARG n 
1 83  ILE n 
1 84  ALA n 
1 85  LYS n 
1 86  ALA n 
1 87  ALA n 
1 88  HIS n 
1 89  PHE n 
1 90  ARG n 
1 91  PHE n 
1 92  ARG n 
1 93  VAL n 
1 94  LEU n 
1 95  GLY n 
1 96  LYS n 
1 97  SER n 
1 98  PRO n 
1 99  SER n 
1 100 VAL n 
1 101 PRO n 
1 102 VAL n 
1 103 LEU n 
1 104 ILE n 
1 105 SER n 
1 106 ILE n 
1 107 SER n 
1 108 THR n 
1 109 LYS n 
1 110 ASP n 
1 111 GLU n 
1 112 SER n 
1 113 LEU n 
1 114 ALA n 
1 115 GLU n 
1 116 ILE n 
1 117 LEU n 
1 118 ARG n 
1 119 ASP n 
1 120 ILE n 
1 121 ASP n 
1 122 TYR n 
1 123 GLN n 
1 124 ALA n 
1 125 GLY n 
1 126 LYS n 
1 127 LYS n 
1 128 ALA n 
1 129 SER n 
1 130 ILE n 
1 131 HIS n 
1 132 VAL n 
1 133 TYR n 
1 134 PRO n 
1 135 ASN n 
1 136 SER n 
1 137 GLN n 
1 138 VAL n 
1 139 VAL n 
1 140 GLU n 
1 141 LEU n 
1 142 ARG n 
1 143 TYR n 
1 144 ALA n 
1 145 LYS n 
1 146 ILE n 
1 147 TYR n 
1 148 SER n 
# 
_entity_src_gen.entity_id                          1 
_entity_src_gen.pdbx_src_id                        1 
_entity_src_gen.pdbx_alt_source_flag               sample 
_entity_src_gen.pdbx_seq_type                      ? 
_entity_src_gen.pdbx_beg_seq_num                   ? 
_entity_src_gen.pdbx_end_seq_num                   ? 
_entity_src_gen.gene_src_common_name               ? 
_entity_src_gen.gene_src_genus                     ? 
_entity_src_gen.pdbx_gene_src_gene                 'dotD, lpg2674' 
_entity_src_gen.gene_src_species                   ? 
_entity_src_gen.gene_src_strain                    'Philadelphia 1' 
_entity_src_gen.gene_src_tissue                    ? 
_entity_src_gen.gene_src_tissue_fraction           ? 
_entity_src_gen.gene_src_details                   ? 
_entity_src_gen.pdbx_gene_src_fragment             ? 
_entity_src_gen.pdbx_gene_src_scientific_name      'Legionella pneumophila' 
_entity_src_gen.pdbx_gene_src_ncbi_taxonomy_id     272624 
_entity_src_gen.pdbx_gene_src_variant              ? 
_entity_src_gen.pdbx_gene_src_cell_line            ? 
_entity_src_gen.pdbx_gene_src_atcc                 ? 
_entity_src_gen.pdbx_gene_src_organ                ? 
_entity_src_gen.pdbx_gene_src_organelle            ? 
_entity_src_gen.pdbx_gene_src_cell                 ? 
_entity_src_gen.pdbx_gene_src_cellular_location    ? 
_entity_src_gen.host_org_common_name               ? 
_entity_src_gen.pdbx_host_org_scientific_name      'Escherichia coli' 
_entity_src_gen.pdbx_host_org_ncbi_taxonomy_id     562 
_entity_src_gen.host_org_genus                     ? 
_entity_src_gen.pdbx_host_org_gene                 ? 
_entity_src_gen.pdbx_host_org_organ                ? 
_entity_src_gen.host_org_species                   ? 
_entity_src_gen.pdbx_host_org_tissue               ? 
_entity_src_gen.pdbx_host_org_tissue_fraction      ? 
_entity_src_gen.pdbx_host_org_strain               'BL21(DE3)' 
_entity_src_gen.pdbx_host_org_variant              ? 
_entity_src_gen.pdbx_host_org_cell_line            ? 
_entity_src_gen.pdbx_host_org_atcc                 ? 
_entity_src_gen.pdbx_host_org_culture_collection   ? 
_entity_src_gen.pdbx_host_org_cell                 ? 
_entity_src_gen.pdbx_host_org_organelle            ? 
_entity_src_gen.pdbx_host_org_cellular_location    ? 
_entity_src_gen.pdbx_host_org_vector_type          plasmid 
_entity_src_gen.pdbx_host_org_vector               ? 
_entity_src_gen.host_org_details                   ? 
_entity_src_gen.expression_system_id               ? 
_entity_src_gen.plasmid_name                       PET15b 
_entity_src_gen.plasmid_details                    ? 
_entity_src_gen.pdbx_description                   ? 
# 
loop_
_chem_comp.id 
_chem_comp.type 
_chem_comp.mon_nstd_flag 
_chem_comp.name 
_chem_comp.pdbx_synonyms 
_chem_comp.formula 
_chem_comp.formula_weight 
ALA 'L-peptide linking' y ALANINE         ? 'C3 H7 N O2'     89.093  
ARG 'L-peptide linking' y ARGININE        ? 'C6 H15 N4 O2 1' 175.209 
ASN 'L-peptide linking' y ASPARAGINE      ? 'C4 H8 N2 O3'    132.118 
ASP 'L-peptide linking' y 'ASPARTIC ACID' ? 'C4 H7 N O4'     133.103 
GLN 'L-peptide linking' y GLUTAMINE       ? 'C5 H10 N2 O3'   146.144 
GLU 'L-peptide linking' y 'GLUTAMIC ACID' ? 'C5 H9 N O4'     147.129 
GLY 'peptide linking'   y GLYCINE         ? 'C2 H5 N O2'     75.067  
HIS 'L-peptide linking' y HISTIDINE       ? 'C6 H10 N3 O2 1' 156.162 
HOH non-polymer         . WATER           ? 'H2 O'           18.015  
ILE 'L-peptide linking' y ISOLEUCINE      ? 'C6 H13 N O2'    131.173 
LEU 'L-peptide linking' y LEUCINE         ? 'C6 H13 N O2'    131.173 
LYS 'L-peptide linking' y LYSINE          ? 'C6 H15 N2 O2 1' 147.195 
MET 'L-peptide linking' y METHIONINE      ? 'C5 H11 N O2 S'  149.211 
PHE 'L-peptide linking' y PHENYLALANINE   ? 'C9 H11 N O2'    165.189 
PRO 'L-peptide linking' y PROLINE         ? 'C5 H9 N O2'     115.130 
SER 'L-peptide linking' y SERINE          ? 'C3 H7 N O3'     105.093 
THR 'L-peptide linking' y THREONINE       ? 'C4 H9 N O3'     119.119 
TRP 'L-peptide linking' y TRYPTOPHAN      ? 'C11 H12 N2 O2'  204.225 
TYR 'L-peptide linking' y TYROSINE        ? 'C9 H11 N O3'    181.189 
VAL 'L-peptide linking' y VALINE          ? 'C5 H11 N O2'    117.146 
# 
loop_
_pdbx_poly_seq_scheme.asym_id 
_pdbx_poly_seq_scheme.entity_id 
_pdbx_poly_seq_scheme.seq_id 
_pdbx_poly_seq_scheme.mon_id 
_pdbx_poly_seq_scheme.ndb_seq_num 
_pdbx_poly_seq_scheme.pdb_seq_num 
_pdbx_poly_seq_scheme.auth_seq_num 
_pdbx_poly_seq_scheme.pdb_mon_id 
_pdbx_poly_seq_scheme.auth_mon_id 
_pdbx_poly_seq_scheme.pdb_strand_id 
_pdbx_poly_seq_scheme.pdb_ins_code 
_pdbx_poly_seq_scheme.hetero 
A 1 1   GLY 1   16  ?   ?   ?   A . n 
A 1 2   SER 2   17  ?   ?   ?   A . n 
A 1 3   HIS 3   18  ?   ?   ?   A . n 
A 1 4   MET 4   19  ?   ?   ?   A . n 
A 1 5   ALA 5   20  ?   ?   ?   A . n 
A 1 6   GLY 6   21  ?   ?   ?   A . n 
A 1 7   THR 7   22  ?   ?   ?   A . n 
A 1 8   MET 8   23  ?   ?   ?   A . n 
A 1 9   LYS 9   24  ?   ?   ?   A . n 
A 1 10  PHE 10  25  ?   ?   ?   A . n 
A 1 11  LYS 11  26  ?   ?   ?   A . n 
A 1 12  LYS 12  27  ?   ?   ?   A . n 
A 1 13  PRO 13  28  ?   ?   ?   A . n 
A 1 14  PRO 14  29  ?   ?   ?   A . n 
A 1 15  ILE 15  30  ?   ?   ?   A . n 
A 1 16  ASN 16  31  ?   ?   ?   A . n 
A 1 17  ASN 17  32  ?   ?   ?   A . n 
A 1 18  PRO 18  33  ?   ?   ?   A . n 
A 1 19  SER 19  34  ?   ?   ?   A . n 
A 1 20  ASP 20  35  ?   ?   ?   A . n 
A 1 21  ASP 21  36  ?   ?   ?   A . n 
A 1 22  ALA 22  37  37  ALA ALA A . n 
A 1 23  THR 23  38  38  THR THR A . n 
A 1 24  ILE 24  39  39  ILE ILE A . n 
A 1 25  LYS 25  40  40  LYS LYS A . n 
A 1 26  LEU 26  41  41  LEU LEU A . n 
A 1 27  ALA 27  42  42  ALA ALA A . n 
A 1 28  GLU 28  43  ?   ?   ?   A . n 
A 1 29  ALA 29  44  ?   ?   ?   A . n 
A 1 30  ALA 30  45  ?   ?   ?   A . n 
A 1 31  VAL 31  46  ?   ?   ?   A . n 
A 1 32  SER 32  47  ?   ?   ?   A . n 
A 1 33  VAL 33  48  ?   ?   ?   A . n 
A 1 34  SER 34  49  ?   ?   ?   A . n 
A 1 35  ASP 35  50  ?   ?   ?   A . n 
A 1 36  SER 36  51  ?   ?   ?   A . n 
A 1 37  MET 37  52  ?   ?   ?   A . n 
A 1 38  LEU 38  53  ?   ?   ?   A . n 
A 1 39  GLU 39  54  ?   ?   ?   A . n 
A 1 40  MET 40  55  ?   ?   ?   A . n 
A 1 41  ALA 41  56  ?   ?   ?   A . n 
A 1 42  LYS 42  57  ?   ?   ?   A . n 
A 1 43  VAL 43  58  ?   ?   ?   A . n 
A 1 44  GLU 44  59  ?   ?   ?   A . n 
A 1 45  LYS 45  60  ?   ?   ?   A . n 
A 1 46  VAL 46  61  ?   ?   ?   A . n 
A 1 47  ILE 47  62  ?   ?   ?   A . n 
A 1 48  THR 48  63  ?   ?   ?   A . n 
A 1 49  PRO 49  64  ?   ?   ?   A . n 
A 1 50  PRO 50  65  ?   ?   ?   A . n 
A 1 51  SER 51  66  66  SER SER A . n 
A 1 52  LYS 52  67  67  LYS LYS A . n 
A 1 53  ASP 53  68  68  ASP ASP A . n 
A 1 54  ASN 54  69  69  ASN ASN A . n 
A 1 55  THR 55  70  70  THR THR A . n 
A 1 56  LEU 56  71  71  LEU LEU A . n 
A 1 57  THR 57  72  72  THR THR A . n 
A 1 58  ILE 58  73  73  ILE ILE A . n 
A 1 59  PRO 59  74  74  PRO PRO A . n 
A 1 60  ASN 60  75  75  ASN ASN A . n 
A 1 61  ALA 61  76  76  ALA ALA A . n 
A 1 62  TYR 62  77  77  TYR TYR A . n 
A 1 63  ASN 63  78  78  ASN ASN A . n 
A 1 64  LEU 64  79  79  LEU LEU A . n 
A 1 65  GLN 65  80  80  GLN GLN A . n 
A 1 66  ALA 66  81  81  ALA ALA A . n 
A 1 67  ARG 67  82  82  ARG ARG A . n 
A 1 68  ALA 68  83  83  ALA ALA A . n 
A 1 69  SER 69  84  84  SER SER A . n 
A 1 70  VAL 70  85  85  VAL VAL A . n 
A 1 71  ASP 71  86  86  ASP ASP A . n 
A 1 72  TRP 72  87  87  TRP TRP A . n 
A 1 73  SER 73  88  88  SER SER A . n 
A 1 74  GLY 74  89  89  GLY GLY A . n 
A 1 75  PRO 75  90  90  PRO PRO A . n 
A 1 76  ILE 76  91  91  ILE ILE A . n 
A 1 77  GLU 77  92  92  GLU GLU A . n 
A 1 78  GLU 78  93  93  GLU GLU A . n 
A 1 79  LEU 79  94  94  LEU LEU A . n 
A 1 80  THR 80  95  95  THR THR A . n 
A 1 81  ALA 81  96  96  ALA ALA A . n 
A 1 82  ARG 82  97  97  ARG ARG A . n 
A 1 83  ILE 83  98  98  ILE ILE A . n 
A 1 84  ALA 84  99  99  ALA ALA A . n 
A 1 85  LYS 85  100 100 LYS LYS A . n 
A 1 86  ALA 86  101 101 ALA ALA A . n 
A 1 87  ALA 87  102 102 ALA ALA A . n 
A 1 88  HIS 88  103 103 HIS HIS A . n 
A 1 89  PHE 89  104 104 PHE PHE A . n 
A 1 90  ARG 90  105 105 ARG ARG A . n 
A 1 91  PHE 91  106 106 PHE PHE A . n 
A 1 92  ARG 92  107 107 ARG ARG A . n 
A 1 93  VAL 93  108 108 VAL VAL A . n 
A 1 94  LEU 94  109 109 LEU LEU A . n 
A 1 95  GLY 95  110 110 GLY GLY A . n 
A 1 96  LYS 96  111 111 LYS LYS A . n 
A 1 97  SER 97  112 112 SER SER A . n 
A 1 98  PRO 98  113 113 PRO PRO A . n 
A 1 99  SER 99  114 114 SER SER A . n 
A 1 100 VAL 100 115 115 VAL VAL A . n 
A 1 101 PRO 101 116 116 PRO PRO A . n 
A 1 102 VAL 102 117 117 VAL VAL A . n 
A 1 103 LEU 103 118 118 LEU LEU A . n 
A 1 104 ILE 104 119 119 ILE ILE A . n 
A 1 105 SER 105 120 120 SER SER A . n 
A 1 106 ILE 106 121 121 ILE ILE A . n 
A 1 107 SER 107 122 122 SER SER A . n 
A 1 108 THR 108 123 123 THR THR A . n 
A 1 109 LYS 109 124 124 LYS LYS A . n 
A 1 110 ASP 110 125 125 ASP ASP A . n 
A 1 111 GLU 111 126 126 GLU GLU A . n 
A 1 112 SER 112 127 127 SER SER A . n 
A 1 113 LEU 113 128 128 LEU LEU A . n 
A 1 114 ALA 114 129 129 ALA ALA A . n 
A 1 115 GLU 115 130 130 GLU GLU A . n 
A 1 116 ILE 116 131 131 ILE ILE A . n 
A 1 117 LEU 117 132 132 LEU LEU A . n 
A 1 118 ARG 118 133 133 ARG ARG A . n 
A 1 119 ASP 119 134 134 ASP ASP A . n 
A 1 120 ILE 120 135 135 ILE ILE A . n 
A 1 121 ASP 121 136 136 ASP ASP A . n 
A 1 122 TYR 122 137 137 TYR TYR A . n 
A 1 123 GLN 123 138 138 GLN GLN A . n 
A 1 124 ALA 124 139 139 ALA ALA A . n 
A 1 125 GLY 125 140 140 GLY GLY A . n 
A 1 126 LYS 126 141 141 LYS LYS A . n 
A 1 127 LYS 127 142 142 LYS LYS A . n 
A 1 128 ALA 128 143 143 ALA ALA A . n 
A 1 129 SER 129 144 144 SER SER A . n 
A 1 130 ILE 130 145 145 ILE ILE A . n 
A 1 131 HIS 131 146 146 HIS HIS A . n 
A 1 132 VAL 132 147 147 VAL VAL A . n 
A 1 133 TYR 133 148 148 TYR TYR A . n 
A 1 134 PRO 134 149 149 PRO PRO A . n 
A 1 135 ASN 135 150 150 ASN ASN A . n 
A 1 136 SER 136 151 151 SER SER A . n 
A 1 137 GLN 137 152 152 GLN GLN A . n 
A 1 138 VAL 138 153 153 VAL VAL A . n 
A 1 139 VAL 139 154 154 VAL VAL A . n 
A 1 140 GLU 140 155 155 GLU GLU A . n 
A 1 141 LEU 141 156 156 LEU LEU A . n 
A 1 142 ARG 142 157 157 ARG ARG A . n 
A 1 143 TYR 143 158 158 TYR TYR A . n 
A 1 144 ALA 144 159 159 ALA ALA A . n 
A 1 145 LYS 145 160 160 LYS LYS A . n 
A 1 146 ILE 146 161 161 ILE ILE A . n 
A 1 147 TYR 147 162 ?   ?   ?   A . n 
A 1 148 SER 148 163 ?   ?   ?   A . n 
# 
loop_
_pdbx_nonpoly_scheme.asym_id 
_pdbx_nonpoly_scheme.entity_id 
_pdbx_nonpoly_scheme.mon_id 
_pdbx_nonpoly_scheme.ndb_seq_num 
_pdbx_nonpoly_scheme.pdb_seq_num 
_pdbx_nonpoly_scheme.auth_seq_num 
_pdbx_nonpoly_scheme.pdb_mon_id 
_pdbx_nonpoly_scheme.auth_mon_id 
_pdbx_nonpoly_scheme.pdb_strand_id 
_pdbx_nonpoly_scheme.pdb_ins_code 
B 2 HOH 1   1001 1001 HOH HOH A . 
B 2 HOH 2   1002 1002 HOH HOH A . 
B 2 HOH 3   1003 1003 HOH HOH A . 
B 2 HOH 4   1004 1004 HOH HOH A . 
B 2 HOH 5   1005 1005 HOH HOH A . 
B 2 HOH 6   1006 1006 HOH HOH A . 
B 2 HOH 7   1007 1007 HOH HOH A . 
B 2 HOH 8   1008 1008 HOH HOH A . 
B 2 HOH 9   1009 1009 HOH HOH A . 
B 2 HOH 10  1010 1010 HOH HOH A . 
B 2 HOH 11  1011 1011 HOH HOH A . 
B 2 HOH 12  1012 1012 HOH HOH A . 
B 2 HOH 13  1013 1013 HOH HOH A . 
B 2 HOH 14  1014 1014 HOH HOH A . 
B 2 HOH 15  1015 1015 HOH HOH A . 
B 2 HOH 16  1016 1016 HOH HOH A . 
B 2 HOH 17  1017 1017 HOH HOH A . 
B 2 HOH 18  1018 1018 HOH HOH A . 
B 2 HOH 19  1019 1019 HOH HOH A . 
B 2 HOH 20  1020 1020 HOH HOH A . 
B 2 HOH 21  1021 1021 HOH HOH A . 
B 2 HOH 22  1022 1022 HOH HOH A . 
B 2 HOH 23  1023 1023 HOH HOH A . 
B 2 HOH 24  1024 1024 HOH HOH A . 
B 2 HOH 25  1025 1025 HOH HOH A . 
B 2 HOH 26  1026 1026 HOH HOH A . 
B 2 HOH 27  1027 1027 HOH HOH A . 
B 2 HOH 28  1028 1028 HOH HOH A . 
B 2 HOH 29  1029 1029 HOH HOH A . 
B 2 HOH 30  1030 1030 HOH HOH A . 
B 2 HOH 31  1031 1031 HOH HOH A . 
B 2 HOH 32  1032 1032 HOH HOH A . 
B 2 HOH 33  1033 1033 HOH HOH A . 
B 2 HOH 34  1034 1034 HOH HOH A . 
B 2 HOH 35  1035 1035 HOH HOH A . 
B 2 HOH 36  1036 1036 HOH HOH A . 
B 2 HOH 37  1037 1037 HOH HOH A . 
B 2 HOH 38  1038 1038 HOH HOH A . 
B 2 HOH 39  1039 1039 HOH HOH A . 
B 2 HOH 40  1040 1040 HOH HOH A . 
B 2 HOH 41  1041 1041 HOH HOH A . 
B 2 HOH 42  1042 1042 HOH HOH A . 
B 2 HOH 43  1043 1043 HOH HOH A . 
B 2 HOH 44  1044 1044 HOH HOH A . 
B 2 HOH 45  1045 1045 HOH HOH A . 
B 2 HOH 46  1046 1046 HOH HOH A . 
B 2 HOH 47  1047 1047 HOH HOH A . 
B 2 HOH 48  1048 1048 HOH HOH A . 
B 2 HOH 49  1049 1049 HOH HOH A . 
B 2 HOH 50  1050 1050 HOH HOH A . 
B 2 HOH 51  1051 1051 HOH HOH A . 
B 2 HOH 52  1052 1052 HOH HOH A . 
B 2 HOH 53  1053 1053 HOH HOH A . 
B 2 HOH 54  1054 1054 HOH HOH A . 
B 2 HOH 55  1055 1055 HOH HOH A . 
B 2 HOH 56  1056 1056 HOH HOH A . 
B 2 HOH 57  1057 1057 HOH HOH A . 
B 2 HOH 58  1058 1058 HOH HOH A . 
B 2 HOH 59  1059 1059 HOH HOH A . 
B 2 HOH 60  1060 1060 HOH HOH A . 
B 2 HOH 61  1061 1061 HOH HOH A . 
B 2 HOH 62  1062 1062 HOH HOH A . 
B 2 HOH 63  1063 1063 HOH HOH A . 
B 2 HOH 64  1064 1064 HOH HOH A . 
B 2 HOH 65  1065 1065 HOH HOH A . 
B 2 HOH 66  1066 1066 HOH HOH A . 
B 2 HOH 67  1067 1067 HOH HOH A . 
B 2 HOH 68  1068 1068 HOH HOH A . 
B 2 HOH 69  1069 1069 HOH HOH A . 
B 2 HOH 70  1070 1070 HOH HOH A . 
B 2 HOH 71  1071 1071 HOH HOH A . 
B 2 HOH 72  1072 1072 HOH HOH A . 
B 2 HOH 73  1073 1073 HOH HOH A . 
B 2 HOH 74  1074 1074 HOH HOH A . 
B 2 HOH 75  1075 1075 HOH HOH A . 
B 2 HOH 76  1076 1076 HOH HOH A . 
B 2 HOH 77  1077 1077 HOH HOH A . 
B 2 HOH 78  1078 1078 HOH HOH A . 
B 2 HOH 79  1079 1079 HOH HOH A . 
B 2 HOH 80  1080 1080 HOH HOH A . 
B 2 HOH 81  1081 1081 HOH HOH A . 
B 2 HOH 82  1082 1082 HOH HOH A . 
B 2 HOH 83  1083 1083 HOH HOH A . 
B 2 HOH 84  1084 1084 HOH HOH A . 
B 2 HOH 85  1085 1085 HOH HOH A . 
B 2 HOH 86  1086 1086 HOH HOH A . 
B 2 HOH 87  1087 1087 HOH HOH A . 
B 2 HOH 88  1088 1088 HOH HOH A . 
B 2 HOH 89  1089 1089 HOH HOH A . 
B 2 HOH 90  1090 1090 HOH HOH A . 
B 2 HOH 91  1091 1091 HOH HOH A . 
B 2 HOH 92  1092 1092 HOH HOH A . 
B 2 HOH 93  1093 1093 HOH HOH A . 
B 2 HOH 94  1094 1094 HOH HOH A . 
B 2 HOH 95  1095 1095 HOH HOH A . 
B 2 HOH 96  1096 1096 HOH HOH A . 
B 2 HOH 97  1097 1097 HOH HOH A . 
B 2 HOH 98  1098 1098 HOH HOH A . 
B 2 HOH 99  1099 1099 HOH HOH A . 
B 2 HOH 100 1100 1100 HOH HOH A . 
B 2 HOH 101 1101 1101 HOH HOH A . 
B 2 HOH 102 1102 1102 HOH HOH A . 
B 2 HOH 103 1103 1103 HOH HOH A . 
B 2 HOH 104 1104 1104 HOH HOH A . 
B 2 HOH 105 1105 1105 HOH HOH A . 
B 2 HOH 106 1106 1106 HOH HOH A . 
B 2 HOH 107 1107 1107 HOH HOH A . 
B 2 HOH 108 1108 1108 HOH HOH A . 
B 2 HOH 109 1109 1109 HOH HOH A . 
B 2 HOH 110 1110 1110 HOH HOH A . 
B 2 HOH 111 1111 1111 HOH HOH A . 
B 2 HOH 112 1112 1112 HOH HOH A . 
B 2 HOH 113 1113 1113 HOH HOH A . 
B 2 HOH 114 1114 1114 HOH HOH A . 
B 2 HOH 115 1115 1115 HOH HOH A . 
B 2 HOH 116 1116 1116 HOH HOH A . 
B 2 HOH 117 1117 1117 HOH HOH A . 
B 2 HOH 118 1118 1118 HOH HOH A . 
B 2 HOH 119 1119 1119 HOH HOH A . 
B 2 HOH 120 1120 1120 HOH HOH A . 
B 2 HOH 121 1121 1121 HOH HOH A . 
B 2 HOH 122 1122 1122 HOH HOH A . 
B 2 HOH 123 1123 1123 HOH HOH A . 
B 2 HOH 124 1124 1124 HOH HOH A . 
B 2 HOH 125 1125 1125 HOH HOH A . 
B 2 HOH 126 1126 1126 HOH HOH A . 
B 2 HOH 127 1127 1127 HOH HOH A . 
B 2 HOH 128 1128 1128 HOH HOH A . 
B 2 HOH 129 1129 1129 HOH HOH A . 
B 2 HOH 130 1130 1130 HOH HOH A . 
B 2 HOH 131 1131 1131 HOH HOH A . 
B 2 HOH 132 1132 1132 HOH HOH A . 
B 2 HOH 133 1133 1133 HOH HOH A . 
B 2 HOH 134 1134 1134 HOH HOH A . 
B 2 HOH 135 1135 1135 HOH HOH A . 
B 2 HOH 136 1136 1136 HOH HOH A . 
B 2 HOH 137 1137 1137 HOH HOH A . 
B 2 HOH 138 1138 1138 HOH HOH A . 
B 2 HOH 139 1139 1139 HOH HOH A . 
B 2 HOH 140 1140 1140 HOH HOH A . 
B 2 HOH 141 1141 1141 HOH HOH A . 
B 2 HOH 142 1142 1142 HOH HOH A . 
B 2 HOH 143 1143 1143 HOH HOH A . 
B 2 HOH 144 1144 1144 HOH HOH A . 
B 2 HOH 145 1145 1145 HOH HOH A . 
B 2 HOH 146 1146 1146 HOH HOH A . 
B 2 HOH 147 1147 1147 HOH HOH A . 
B 2 HOH 148 1148 1148 HOH HOH A . 
B 2 HOH 149 1149 1149 HOH HOH A . 
B 2 HOH 150 1150 1150 HOH HOH A . 
B 2 HOH 151 1151 1151 HOH HOH A . 
B 2 HOH 152 1152 1152 HOH HOH A . 
B 2 HOH 153 1153 1153 HOH HOH A . 
B 2 HOH 154 1154 1154 HOH HOH A . 
B 2 HOH 155 1155 1155 HOH HOH A . 
B 2 HOH 156 1156 1156 HOH HOH A . 
B 2 HOH 157 1157 1157 HOH HOH A . 
B 2 HOH 158 1158 1158 HOH HOH A . 
B 2 HOH 159 1159 1159 HOH HOH A . 
B 2 HOH 160 1160 1160 HOH HOH A . 
B 2 HOH 161 1161 1161 HOH HOH A . 
B 2 HOH 162 1162 1162 HOH HOH A . 
B 2 HOH 163 1163 1163 HOH HOH A . 
B 2 HOH 164 1164 1164 HOH HOH A . 
B 2 HOH 165 1165 1165 HOH HOH A . 
B 2 HOH 166 1166 1166 HOH HOH A . 
B 2 HOH 167 1167 1167 HOH HOH A . 
B 2 HOH 168 1168 1168 HOH HOH A . 
B 2 HOH 169 1169 1169 HOH HOH A . 
B 2 HOH 170 1170 1170 HOH HOH A . 
B 2 HOH 171 1171 1171 HOH HOH A . 
B 2 HOH 172 1172 1172 HOH HOH A . 
B 2 HOH 173 1173 1173 HOH HOH A . 
B 2 HOH 174 1174 1174 HOH HOH A . 
B 2 HOH 175 1175 1175 HOH HOH A . 
B 2 HOH 176 1176 1176 HOH HOH A . 
B 2 HOH 177 1177 1177 HOH HOH A . 
B 2 HOH 178 1178 1178 HOH HOH A . 
B 2 HOH 179 1179 1179 HOH HOH A . 
B 2 HOH 180 1180 1180 HOH HOH A . 
# 
loop_
_software.name 
_software.classification 
_software.version 
_software.citation_id 
_software.pdbx_ordinal 
ADSC   'data collection' Quantum ? 1 
SOLVE  phasing           .       ? 2 
CNS    refinement        1.1     ? 3 
MOSFLM 'data reduction'  .       ? 4 
SCALA  'data scaling'    .       ? 5 
# 
_cell.entry_id           3ADY 
_cell.length_a           103.860 
_cell.length_b           103.860 
_cell.length_c           103.860 
_cell.angle_alpha        90.00 
_cell.angle_beta         90.00 
_cell.angle_gamma        90.00 
_cell.Z_PDB              24 
_cell.pdbx_unique_axis   ? 
_cell.length_a_esd       ? 
_cell.length_b_esd       ? 
_cell.length_c_esd       ? 
_cell.angle_alpha_esd    ? 
_cell.angle_beta_esd     ? 
_cell.angle_gamma_esd    ? 
# 
_symmetry.entry_id                         3ADY 
_symmetry.space_group_name_H-M             'I 2 3' 
_symmetry.pdbx_full_space_group_name_H-M   ? 
_symmetry.cell_setting                     ? 
_symmetry.Int_Tables_number                197 
_symmetry.space_group_name_Hall            ? 
# 
_exptl.entry_id          3ADY 
_exptl.method            'X-RAY DIFFRACTION' 
_exptl.crystals_number   1 
# 
_exptl_crystal.id                    1 
_exptl_crystal.density_meas          ? 
_exptl_crystal.density_Matthews      2.88 
_exptl_crystal.density_percent_sol   57.34 
_exptl_crystal.description           ? 
_exptl_crystal.F_000                 ? 
_exptl_crystal.preparation           ? 
# 
_exptl_crystal_grow.crystal_id      1 
_exptl_crystal_grow.method          'VAPOR DIFFUSION, SITTING DROP' 
_exptl_crystal_grow.temp            277 
_exptl_crystal_grow.temp_details    ? 
_exptl_crystal_grow.pH              10.0 
_exptl_crystal_grow.pdbx_details    '8% PEG 8000, 0.1M CHES-NaOH, pH 10.0, VAPOR DIFFUSION, SITTING DROP, temperature 277K' 
_exptl_crystal_grow.pdbx_pH_range   . 
# 
_diffrn.id                     1 
_diffrn.ambient_temp           90 
_diffrn.ambient_temp_details   ? 
_diffrn.crystal_id             1 
# 
_diffrn_detector.diffrn_id              1 
_diffrn_detector.detector               CCD 
_diffrn_detector.type                   'ADSC QUANTUM 315' 
_diffrn_detector.pdbx_collection_date   2008-11-22 
_diffrn_detector.details                ? 
# 
_diffrn_radiation.diffrn_id                        1 
_diffrn_radiation.wavelength_id                    1 
_diffrn_radiation.pdbx_monochromatic_or_laue_m_l   M 
_diffrn_radiation.monochromator                    'Double-crystal monochromator' 
_diffrn_radiation.pdbx_diffrn_protocol             'SINGLE WAVELENGTH' 
_diffrn_radiation.pdbx_scattering_type             x-ray 
# 
_diffrn_radiation_wavelength.id           1 
_diffrn_radiation_wavelength.wavelength   0.97897 
_diffrn_radiation_wavelength.wt           1.0 
# 
_diffrn_source.diffrn_id                   1 
_diffrn_source.source                      SYNCHROTRON 
_diffrn_source.type                        'SPRING-8 BEAMLINE BL41XU' 
_diffrn_source.pdbx_synchrotron_site       SPring-8 
_diffrn_source.pdbx_synchrotron_beamline   BL41XU 
_diffrn_source.pdbx_wavelength             ? 
_diffrn_source.pdbx_wavelength_list        0.97897 
# 
_reflns.entry_id                     3ADY 
_reflns.observed_criterion_sigma_I   0 
_reflns.observed_criterion_sigma_F   0 
_reflns.d_resolution_low             42.41 
_reflns.d_resolution_high            2.00 
_reflns.number_obs                   12739 
_reflns.number_all                   12739 
_reflns.percent_possible_obs         99.9 
_reflns.pdbx_Rmerge_I_obs            ? 
_reflns.pdbx_Rsym_value              0.072 
_reflns.B_iso_Wilson_estimate        29.39 
_reflns.pdbx_redundancy              7.1 
_reflns.pdbx_netI_over_sigmaI        19.9 
_reflns.R_free_details               ? 
_reflns.limit_h_max                  ? 
_reflns.limit_h_min                  ? 
_reflns.limit_k_max                  ? 
_reflns.limit_k_min                  ? 
_reflns.limit_l_max                  ? 
_reflns.limit_l_min                  ? 
_reflns.observed_criterion_F_max     ? 
_reflns.observed_criterion_F_min     ? 
_reflns.pdbx_chi_squared             ? 
_reflns.pdbx_scaling_rejects         ? 
_reflns.pdbx_diffrn_id               1 
_reflns.pdbx_ordinal                 1 
# 
_reflns_shell.d_res_high             2.00 
_reflns_shell.d_res_low              2.11 
_reflns_shell.percent_possible_all   100 
_reflns_shell.Rmerge_I_obs           ? 
_reflns_shell.pdbx_Rsym_value        0.352 
_reflns_shell.meanI_over_sigI_obs    5.6 
_reflns_shell.pdbx_redundancy        7.3 
_reflns_shell.percent_possible_obs   ? 
_reflns_shell.number_unique_all      1830 
_reflns_shell.number_measured_all    ? 
_reflns_shell.number_measured_obs    ? 
_reflns_shell.number_unique_obs      ? 
_reflns_shell.pdbx_chi_squared       ? 
_reflns_shell.pdbx_diffrn_id         ? 
_reflns_shell.pdbx_ordinal           1 
# 
_refine.entry_id                                 3ADY 
_refine.ls_number_reflns_obs                     12727 
_refine.ls_number_reflns_all                     ? 
_refine.pdbx_ls_sigma_I                          ? 
_refine.pdbx_ls_sigma_F                          0.0 
_refine.pdbx_data_cutoff_high_absF               2399416.19 
_refine.pdbx_data_cutoff_low_absF                0.000000 
_refine.pdbx_data_cutoff_high_rms_absF           ? 
_refine.ls_d_res_low                             36.72 
_refine.ls_d_res_high                            2.00 
_refine.ls_percent_reflns_obs                    99.6 
_refine.ls_R_factor_obs                          0.225 
_refine.ls_R_factor_all                          ? 
_refine.ls_R_factor_R_work                       0.225 
_refine.ls_R_factor_R_free                       0.247 
_refine.ls_R_factor_R_free_error                 0.010 
_refine.ls_R_factor_R_free_error_details         ? 
_refine.ls_percent_reflns_R_free                 4.9 
_refine.ls_number_reflns_R_free                  623 
_refine.ls_number_parameters                     ? 
_refine.ls_number_restraints                     ? 
_refine.occupancy_min                            ? 
_refine.occupancy_max                            ? 
_refine.correlation_coeff_Fo_to_Fc               ? 
_refine.correlation_coeff_Fo_to_Fc_free          ? 
_refine.B_iso_mean                               41.8 
_refine.aniso_B[1][1]                            0.00 
_refine.aniso_B[2][2]                            0.00 
_refine.aniso_B[3][3]                            0.00 
_refine.aniso_B[1][2]                            0.00 
_refine.aniso_B[1][3]                            0.00 
_refine.aniso_B[2][3]                            0.00 
_refine.solvent_model_details                    'FLAT MODEL' 
_refine.solvent_model_param_ksol                 0.327575 
_refine.solvent_model_param_bsol                 56.5225 
_refine.pdbx_solvent_vdw_probe_radii             ? 
_refine.pdbx_solvent_ion_probe_radii             ? 
_refine.pdbx_solvent_shrinkage_radii             ? 
_refine.pdbx_ls_cross_valid_method               THROUGHOUT 
_refine.details                                  ? 
_refine.pdbx_starting_model                      ? 
_refine.pdbx_method_to_determine_struct          SAD 
_refine.pdbx_isotropic_thermal_model             RESTRAINED 
_refine.pdbx_stereochemistry_target_values       'Engh & Huber' 
_refine.pdbx_stereochem_target_val_spec_case     ? 
_refine.pdbx_R_Free_selection_details            RANDOM 
_refine.pdbx_overall_ESU_R                       ? 
_refine.pdbx_overall_ESU_R_Free                  ? 
_refine.overall_SU_ML                            ? 
_refine.overall_SU_B                             ? 
_refine.ls_redundancy_reflns_obs                 ? 
_refine.B_iso_min                                ? 
_refine.B_iso_max                                ? 
_refine.overall_SU_R_Cruickshank_DPI             ? 
_refine.overall_SU_R_free                        ? 
_refine.ls_wR_factor_R_free                      ? 
_refine.ls_wR_factor_R_work                      ? 
_refine.overall_FOM_free_R_set                   ? 
_refine.overall_FOM_work_R_set                   ? 
_refine.pdbx_refine_id                           'X-RAY DIFFRACTION' 
_refine.pdbx_overall_phase_error                 ? 
_refine.pdbx_diffrn_id                           1 
_refine.pdbx_TLS_residual_ADP_flag               ? 
_refine.pdbx_overall_SU_R_free_Cruickshank_DPI   ? 
_refine.pdbx_overall_SU_R_Blow_DPI               ? 
_refine.pdbx_overall_SU_R_free_Blow_DPI          ? 
# 
_refine_analyze.entry_id                        3ADY 
_refine_analyze.Luzzati_coordinate_error_obs    0.26 
_refine_analyze.Luzzati_sigma_a_obs             0.21 
_refine_analyze.Luzzati_d_res_low_obs           5.00 
_refine_analyze.Luzzati_coordinate_error_free   0.28 
_refine_analyze.Luzzati_sigma_a_free            0.17 
_refine_analyze.Luzzati_d_res_low_free          ? 
_refine_analyze.number_disordered_residues      ? 
_refine_analyze.occupancy_sum_hydrogen          ? 
_refine_analyze.occupancy_sum_non_hydrogen      ? 
_refine_analyze.pdbx_Luzzati_d_res_high_obs     ? 
_refine_analyze.pdbx_refine_id                  'X-RAY DIFFRACTION' 
# 
_refine_hist.pdbx_refine_id                   'X-RAY DIFFRACTION' 
_refine_hist.cycle_id                         LAST 
_refine_hist.pdbx_number_atoms_protein        794 
_refine_hist.pdbx_number_atoms_nucleic_acid   0 
_refine_hist.pdbx_number_atoms_ligand         0 
_refine_hist.number_atoms_solvent             180 
_refine_hist.number_atoms_total               974 
_refine_hist.d_res_high                       2.00 
_refine_hist.d_res_low                        36.72 
# 
loop_
_refine_ls_restr.type 
_refine_ls_restr.dev_ideal 
_refine_ls_restr.dev_ideal_target 
_refine_ls_restr.weight 
_refine_ls_restr.number 
_refine_ls_restr.pdbx_refine_id 
_refine_ls_restr.pdbx_restraint_function 
c_bond_d                0.005 ?    ? ? 'X-RAY DIFFRACTION' ? 
c_bond_d_na             ?     ?    ? ? 'X-RAY DIFFRACTION' ? 
c_bond_d_prot           ?     ?    ? ? 'X-RAY DIFFRACTION' ? 
c_angle_d               ?     ?    ? ? 'X-RAY DIFFRACTION' ? 
c_angle_d_na            ?     ?    ? ? 'X-RAY DIFFRACTION' ? 
c_angle_d_prot          ?     ?    ? ? 'X-RAY DIFFRACTION' ? 
c_angle_deg             1.1   ?    ? ? 'X-RAY DIFFRACTION' ? 
c_angle_deg_na          ?     ?    ? ? 'X-RAY DIFFRACTION' ? 
c_angle_deg_prot        ?     ?    ? ? 'X-RAY DIFFRACTION' ? 
c_dihedral_angle_d      24.1  ?    ? ? 'X-RAY DIFFRACTION' ? 
c_dihedral_angle_d_na   ?     ?    ? ? 'X-RAY DIFFRACTION' ? 
c_dihedral_angle_d_prot ?     ?    ? ? 'X-RAY DIFFRACTION' ? 
c_improper_angle_d      0.68  ?    ? ? 'X-RAY DIFFRACTION' ? 
c_improper_angle_d_na   ?     ?    ? ? 'X-RAY DIFFRACTION' ? 
c_improper_angle_d_prot ?     ?    ? ? 'X-RAY DIFFRACTION' ? 
c_mcbond_it             1.65  1.50 ? ? 'X-RAY DIFFRACTION' ? 
c_mcangle_it            2.69  2.00 ? ? 'X-RAY DIFFRACTION' ? 
c_scbond_it             2.31  2.00 ? ? 'X-RAY DIFFRACTION' ? 
c_scangle_it            3.61  2.50 ? ? 'X-RAY DIFFRACTION' ? 
# 
_refine_ls_shell.pdbx_total_number_of_bins_used   6 
_refine_ls_shell.d_res_high                       2.00 
_refine_ls_shell.d_res_low                        2.13 
_refine_ls_shell.number_reflns_R_work             1990 
_refine_ls_shell.R_factor_R_work                  0.271 
_refine_ls_shell.percent_reflns_obs               99.4 
_refine_ls_shell.R_factor_R_free                  0.270 
_refine_ls_shell.R_factor_R_free_error            0.028 
_refine_ls_shell.percent_reflns_R_free            4.6 
_refine_ls_shell.number_reflns_R_free             96 
_refine_ls_shell.number_reflns_all                ? 
_refine_ls_shell.R_factor_all                     ? 
_refine_ls_shell.number_reflns_obs                2086 
_refine_ls_shell.redundancy_reflns_obs            ? 
_refine_ls_shell.pdbx_refine_id                   'X-RAY DIFFRACTION' 
# 
loop_
_pdbx_xplor_file.pdbx_refine_id 
_pdbx_xplor_file.serial_no 
_pdbx_xplor_file.param_file 
_pdbx_xplor_file.topol_file 
'X-RAY DIFFRACTION' 1 protein_rep.param protein.top 
'X-RAY DIFFRACTION' 2 water_rep.param   water.top   
# 
_struct.entry_id                  3ADY 
_struct.title                     'Crystal structure of DotD from Legionella' 
_struct.pdbx_model_details        ? 
_struct.pdbx_CASP_flag            ? 
_struct.pdbx_model_type_details   ? 
# 
_struct_keywords.entry_id        3ADY 
_struct_keywords.pdbx_keywords   'PROTON TRANSPORT' 
_struct_keywords.text            '3-layer(bab) sandwich, MTH1598-like, PROTON TRANSPORT' 
# 
loop_
_struct_asym.id 
_struct_asym.pdbx_blank_PDB_chainid_flag 
_struct_asym.pdbx_modified 
_struct_asym.entity_id 
_struct_asym.details 
A N N 1 ? 
B N N 2 ? 
# 
_struct_ref.id                         1 
_struct_ref.db_name                    UNP 
_struct_ref.db_code                    Q5ZS45_LEGPH 
_struct_ref.pdbx_db_accession          Q5ZS45 
_struct_ref.entity_id                  1 
_struct_ref.pdbx_seq_one_letter_code   
;AGTMKFKKPPINNPSDDATIKLAEAAVSVSDSMLEMAKVEKVITPPSKDNTLTIPNAYNLQARASVDWSGPIEELTARIA
KAAHFRFRVLGKSPSVPVLISISTKDESLAEILRDIDYQAGKKASIHVYPNSQVVELRYAKIYS
;
_struct_ref.pdbx_align_begin           20 
_struct_ref.pdbx_db_isoform            ? 
# 
_struct_ref_seq.align_id                      1 
_struct_ref_seq.ref_id                        1 
_struct_ref_seq.pdbx_PDB_id_code              3ADY 
_struct_ref_seq.pdbx_strand_id                A 
_struct_ref_seq.seq_align_beg                 5 
_struct_ref_seq.pdbx_seq_align_beg_ins_code   ? 
_struct_ref_seq.seq_align_end                 148 
_struct_ref_seq.pdbx_seq_align_end_ins_code   ? 
_struct_ref_seq.pdbx_db_accession             Q5ZS45 
_struct_ref_seq.db_align_beg                  20 
_struct_ref_seq.pdbx_db_align_beg_ins_code    ? 
_struct_ref_seq.db_align_end                  163 
_struct_ref_seq.pdbx_db_align_end_ins_code    ? 
_struct_ref_seq.pdbx_auth_seq_align_beg       20 
_struct_ref_seq.pdbx_auth_seq_align_end       163 
# 
loop_
_struct_ref_seq_dif.align_id 
_struct_ref_seq_dif.pdbx_pdb_id_code 
_struct_ref_seq_dif.mon_id 
_struct_ref_seq_dif.pdbx_pdb_strand_id 
_struct_ref_seq_dif.seq_num 
_struct_ref_seq_dif.pdbx_pdb_ins_code 
_struct_ref_seq_dif.pdbx_seq_db_name 
_struct_ref_seq_dif.pdbx_seq_db_accession_code 
_struct_ref_seq_dif.db_mon_id 
_struct_ref_seq_dif.pdbx_seq_db_seq_num 
_struct_ref_seq_dif.details 
_struct_ref_seq_dif.pdbx_auth_seq_num 
_struct_ref_seq_dif.pdbx_ordinal 
1 3ADY GLY A 1 ? UNP Q5ZS45 ? ? 'expression tag' 16 1 
1 3ADY SER A 2 ? UNP Q5ZS45 ? ? 'expression tag' 17 2 
1 3ADY HIS A 3 ? UNP Q5ZS45 ? ? 'expression tag' 18 3 
1 3ADY MET A 4 ? UNP Q5ZS45 ? ? 'expression tag' 19 4 
# 
_pdbx_struct_assembly.id                   1 
_pdbx_struct_assembly.details              software_defined_assembly 
_pdbx_struct_assembly.method_details       PISA 
_pdbx_struct_assembly.oligomeric_details   monomeric 
_pdbx_struct_assembly.oligomeric_count     1 
# 
_pdbx_struct_assembly_gen.assembly_id       1 
_pdbx_struct_assembly_gen.oper_expression   1 
_pdbx_struct_assembly_gen.asym_id_list      A,B 
# 
_pdbx_struct_oper_list.id                   1 
_pdbx_struct_oper_list.type                 'identity operation' 
_pdbx_struct_oper_list.name                 1_555 
_pdbx_struct_oper_list.symmetry_operation   x,y,z 
_pdbx_struct_oper_list.matrix[1][1]         1.0000000000 
_pdbx_struct_oper_list.matrix[1][2]         0.0000000000 
_pdbx_struct_oper_list.matrix[1][3]         0.0000000000 
_pdbx_struct_oper_list.vector[1]            0.0000000000 
_pdbx_struct_oper_list.matrix[2][1]         0.0000000000 
_pdbx_struct_oper_list.matrix[2][2]         1.0000000000 
_pdbx_struct_oper_list.matrix[2][3]         0.0000000000 
_pdbx_struct_oper_list.vector[2]            0.0000000000 
_pdbx_struct_oper_list.matrix[3][1]         0.0000000000 
_pdbx_struct_oper_list.matrix[3][2]         0.0000000000 
_pdbx_struct_oper_list.matrix[3][3]         1.0000000000 
_pdbx_struct_oper_list.vector[3]            0.0000000000 
# 
_struct_biol.id        1 
_struct_biol.details   'AUTHOR STATES THAT THE BIOLOGICAL ASSEMBLY IS UNKNOWN.' 
# 
loop_
_struct_conf.conf_type_id 
_struct_conf.id 
_struct_conf.pdbx_PDB_helix_id 
_struct_conf.beg_label_comp_id 
_struct_conf.beg_label_asym_id 
_struct_conf.beg_label_seq_id 
_struct_conf.pdbx_beg_PDB_ins_code 
_struct_conf.end_label_comp_id 
_struct_conf.end_label_asym_id 
_struct_conf.end_label_seq_id 
_struct_conf.pdbx_end_PDB_ins_code 
_struct_conf.beg_auth_comp_id 
_struct_conf.beg_auth_asym_id 
_struct_conf.beg_auth_seq_id 
_struct_conf.end_auth_comp_id 
_struct_conf.end_auth_asym_id 
_struct_conf.end_auth_seq_id 
_struct_conf.pdbx_PDB_helix_class 
_struct_conf.details 
_struct_conf.pdbx_PDB_helix_length 
HELX_P HELX_P1 1 ALA A 61  ? GLN A 65  ? ALA A 76  GLN A 80  5 ? 5  
HELX_P HELX_P2 2 ILE A 76  ? ALA A 87  ? ILE A 91  ALA A 102 1 ? 12 
HELX_P HELX_P3 3 LEU A 113 ? GLY A 125 ? LEU A 128 GLY A 140 1 ? 13 
# 
_struct_conf_type.id          HELX_P 
_struct_conf_type.criteria    ? 
_struct_conf_type.reference   ? 
# 
loop_
_struct_sheet.id 
_struct_sheet.type 
_struct_sheet.number_strands 
_struct_sheet.details 
A ? 3 ? 
B ? 3 ? 
# 
loop_
_struct_sheet_order.sheet_id 
_struct_sheet_order.range_id_1 
_struct_sheet_order.range_id_2 
_struct_sheet_order.offset 
_struct_sheet_order.sense 
A 1 2 ? anti-parallel 
A 2 3 ? anti-parallel 
B 1 2 ? parallel      
B 2 3 ? anti-parallel 
# 
loop_
_struct_sheet_range.sheet_id 
_struct_sheet_range.id 
_struct_sheet_range.beg_label_comp_id 
_struct_sheet_range.beg_label_asym_id 
_struct_sheet_range.beg_label_seq_id 
_struct_sheet_range.pdbx_beg_PDB_ins_code 
_struct_sheet_range.end_label_comp_id 
_struct_sheet_range.end_label_asym_id 
_struct_sheet_range.end_label_seq_id 
_struct_sheet_range.pdbx_end_PDB_ins_code 
_struct_sheet_range.beg_auth_comp_id 
_struct_sheet_range.beg_auth_asym_id 
_struct_sheet_range.beg_auth_seq_id 
_struct_sheet_range.end_auth_comp_id 
_struct_sheet_range.end_auth_asym_id 
_struct_sheet_range.end_auth_seq_id 
A 1 LYS A 25  ? LEU A 26  ? LYS A 40  LEU A 41  
A 2 ARG A 67  ? PRO A 75  ? ARG A 82  PRO A 90  
A 3 LEU A 103 ? SER A 112 ? LEU A 118 SER A 127 
B 1 ARG A 90  ? LEU A 94  ? ARG A 105 LEU A 109 
B 2 VAL A 138 ? TYR A 143 ? VAL A 153 TYR A 158 
B 3 ALA A 128 ? TYR A 133 ? ALA A 143 TYR A 148 
# 
loop_
_pdbx_struct_sheet_hbond.sheet_id 
_pdbx_struct_sheet_hbond.range_id_1 
_pdbx_struct_sheet_hbond.range_id_2 
_pdbx_struct_sheet_hbond.range_1_label_atom_id 
_pdbx_struct_sheet_hbond.range_1_label_comp_id 
_pdbx_struct_sheet_hbond.range_1_label_asym_id 
_pdbx_struct_sheet_hbond.range_1_label_seq_id 
_pdbx_struct_sheet_hbond.range_1_PDB_ins_code 
_pdbx_struct_sheet_hbond.range_1_auth_atom_id 
_pdbx_struct_sheet_hbond.range_1_auth_comp_id 
_pdbx_struct_sheet_hbond.range_1_auth_asym_id 
_pdbx_struct_sheet_hbond.range_1_auth_seq_id 
_pdbx_struct_sheet_hbond.range_2_label_atom_id 
_pdbx_struct_sheet_hbond.range_2_label_comp_id 
_pdbx_struct_sheet_hbond.range_2_label_asym_id 
_pdbx_struct_sheet_hbond.range_2_label_seq_id 
_pdbx_struct_sheet_hbond.range_2_PDB_ins_code 
_pdbx_struct_sheet_hbond.range_2_auth_atom_id 
_pdbx_struct_sheet_hbond.range_2_auth_comp_id 
_pdbx_struct_sheet_hbond.range_2_auth_asym_id 
_pdbx_struct_sheet_hbond.range_2_auth_seq_id 
A 1 2 N LYS A 25  ? N LYS A 40  O SER A 69  ? O SER A 84  
A 2 3 N TRP A 72  ? N TRP A 87  O ILE A 106 ? O ILE A 121 
B 1 2 N ARG A 90  ? N ARG A 105 O VAL A 139 ? O VAL A 154 
B 2 3 O GLU A 140 ? O GLU A 155 N HIS A 131 ? N HIS A 146 
# 
loop_
_pdbx_validate_torsion.id 
_pdbx_validate_torsion.PDB_model_num 
_pdbx_validate_torsion.auth_comp_id 
_pdbx_validate_torsion.auth_asym_id 
_pdbx_validate_torsion.auth_seq_id 
_pdbx_validate_torsion.PDB_ins_code 
_pdbx_validate_torsion.label_alt_id 
_pdbx_validate_torsion.phi 
_pdbx_validate_torsion.psi 
1 1 ASP A 125 ? ? -167.22 110.82 
2 1 ALA A 159 ? ? -68.55  17.05  
# 
loop_
_pdbx_unobs_or_zero_occ_residues.id 
_pdbx_unobs_or_zero_occ_residues.PDB_model_num 
_pdbx_unobs_or_zero_occ_residues.polymer_flag 
_pdbx_unobs_or_zero_occ_residues.occupancy_flag 
_pdbx_unobs_or_zero_occ_residues.auth_asym_id 
_pdbx_unobs_or_zero_occ_residues.auth_comp_id 
_pdbx_unobs_or_zero_occ_residues.auth_seq_id 
_pdbx_unobs_or_zero_occ_residues.PDB_ins_code 
_pdbx_unobs_or_zero_occ_residues.label_asym_id 
_pdbx_unobs_or_zero_occ_residues.label_comp_id 
_pdbx_unobs_or_zero_occ_residues.label_seq_id 
1  1 Y 1 A GLY 16  ? A GLY 1   
2  1 Y 1 A SER 17  ? A SER 2   
3  1 Y 1 A HIS 18  ? A HIS 3   
4  1 Y 1 A MET 19  ? A MET 4   
5  1 Y 1 A ALA 20  ? A ALA 5   
6  1 Y 1 A GLY 21  ? A GLY 6   
7  1 Y 1 A THR 22  ? A THR 7   
8  1 Y 1 A MET 23  ? A MET 8   
9  1 Y 1 A LYS 24  ? A LYS 9   
10 1 Y 1 A PHE 25  ? A PHE 10  
11 1 Y 1 A LYS 26  ? A LYS 11  
12 1 Y 1 A LYS 27  ? A LYS 12  
13 1 Y 1 A PRO 28  ? A PRO 13  
14 1 Y 1 A PRO 29  ? A PRO 14  
15 1 Y 1 A ILE 30  ? A ILE 15  
16 1 Y 1 A ASN 31  ? A ASN 16  
17 1 Y 1 A ASN 32  ? A ASN 17  
18 1 Y 1 A PRO 33  ? A PRO 18  
19 1 Y 1 A SER 34  ? A SER 19  
20 1 Y 1 A ASP 35  ? A ASP 20  
21 1 Y 1 A ASP 36  ? A ASP 21  
22 1 Y 1 A GLU 43  ? A GLU 28  
23 1 Y 1 A ALA 44  ? A ALA 29  
24 1 Y 1 A ALA 45  ? A ALA 30  
25 1 Y 1 A VAL 46  ? A VAL 31  
26 1 Y 1 A SER 47  ? A SER 32  
27 1 Y 1 A VAL 48  ? A VAL 33  
28 1 Y 1 A SER 49  ? A SER 34  
29 1 Y 1 A ASP 50  ? A ASP 35  
30 1 Y 1 A SER 51  ? A SER 36  
31 1 Y 1 A MET 52  ? A MET 37  
32 1 Y 1 A LEU 53  ? A LEU 38  
33 1 Y 1 A GLU 54  ? A GLU 39  
34 1 Y 1 A MET 55  ? A MET 40  
35 1 Y 1 A ALA 56  ? A ALA 41  
36 1 Y 1 A LYS 57  ? A LYS 42  
37 1 Y 1 A VAL 58  ? A VAL 43  
38 1 Y 1 A GLU 59  ? A GLU 44  
39 1 Y 1 A LYS 60  ? A LYS 45  
40 1 Y 1 A VAL 61  ? A VAL 46  
41 1 Y 1 A ILE 62  ? A ILE 47  
42 1 Y 1 A THR 63  ? A THR 48  
43 1 Y 1 A PRO 64  ? A PRO 49  
44 1 Y 1 A PRO 65  ? A PRO 50  
45 1 Y 1 A TYR 162 ? A TYR 147 
46 1 Y 1 A SER 163 ? A SER 148 
# 
loop_
_chem_comp_atom.comp_id 
_chem_comp_atom.atom_id 
_chem_comp_atom.type_symbol 
_chem_comp_atom.pdbx_aromatic_flag 
_chem_comp_atom.pdbx_stereo_config 
_chem_comp_atom.pdbx_ordinal 
ALA N    N N N 1   
ALA CA   C N S 2   
ALA C    C N N 3   
ALA O    O N N 4   
ALA CB   C N N 5   
ALA OXT  O N N 6   
ALA H    H N N 7   
ALA H2   H N N 8   
ALA HA   H N N 9   
ALA HB1  H N N 10  
ALA HB2  H N N 11  
ALA HB3  H N N 12  
ALA HXT  H N N 13  
ARG N    N N N 14  
ARG CA   C N S 15  
ARG C    C N N 16  
ARG O    O N N 17  
ARG CB   C N N 18  
ARG CG   C N N 19  
ARG CD   C N N 20  
ARG NE   N N N 21  
ARG CZ   C N N 22  
ARG NH1  N N N 23  
ARG NH2  N N N 24  
ARG OXT  O N N 25  
ARG H    H N N 26  
ARG H2   H N N 27  
ARG HA   H N N 28  
ARG HB2  H N N 29  
ARG HB3  H N N 30  
ARG HG2  H N N 31  
ARG HG3  H N N 32  
ARG HD2  H N N 33  
ARG HD3  H N N 34  
ARG HE   H N N 35  
ARG HH11 H N N 36  
ARG HH12 H N N 37  
ARG HH21 H N N 38  
ARG HH22 H N N 39  
ARG HXT  H N N 40  
ASN N    N N N 41  
ASN CA   C N S 42  
ASN C    C N N 43  
ASN O    O N N 44  
ASN CB   C N N 45  
ASN CG   C N N 46  
ASN OD1  O N N 47  
ASN ND2  N N N 48  
ASN OXT  O N N 49  
ASN H    H N N 50  
ASN H2   H N N 51  
ASN HA   H N N 52  
ASN HB2  H N N 53  
ASN HB3  H N N 54  
ASN HD21 H N N 55  
ASN HD22 H N N 56  
ASN HXT  H N N 57  
ASP N    N N N 58  
ASP CA   C N S 59  
ASP C    C N N 60  
ASP O    O N N 61  
ASP CB   C N N 62  
ASP CG   C N N 63  
ASP OD1  O N N 64  
ASP OD2  O N N 65  
ASP OXT  O N N 66  
ASP H    H N N 67  
ASP H2   H N N 68  
ASP HA   H N N 69  
ASP HB2  H N N 70  
ASP HB3  H N N 71  
ASP HD2  H N N 72  
ASP HXT  H N N 73  
GLN N    N N N 74  
GLN CA   C N S 75  
GLN C    C N N 76  
GLN O    O N N 77  
GLN CB   C N N 78  
GLN CG   C N N 79  
GLN CD   C N N 80  
GLN OE1  O N N 81  
GLN NE2  N N N 82  
GLN OXT  O N N 83  
GLN H    H N N 84  
GLN H2   H N N 85  
GLN HA   H N N 86  
GLN HB2  H N N 87  
GLN HB3  H N N 88  
GLN HG2  H N N 89  
GLN HG3  H N N 90  
GLN HE21 H N N 91  
GLN HE22 H N N 92  
GLN HXT  H N N 93  
GLU N    N N N 94  
GLU CA   C N S 95  
GLU C    C N N 96  
GLU O    O N N 97  
GLU CB   C N N 98  
GLU CG   C N N 99  
GLU CD   C N N 100 
GLU OE1  O N N 101 
GLU OE2  O N N 102 
GLU OXT  O N N 103 
GLU H    H N N 104 
GLU H2   H N N 105 
GLU HA   H N N 106 
GLU HB2  H N N 107 
GLU HB3  H N N 108 
GLU HG2  H N N 109 
GLU HG3  H N N 110 
GLU HE2  H N N 111 
GLU HXT  H N N 112 
GLY N    N N N 113 
GLY CA   C N N 114 
GLY C    C N N 115 
GLY O    O N N 116 
GLY OXT  O N N 117 
GLY H    H N N 118 
GLY H2   H N N 119 
GLY HA2  H N N 120 
GLY HA3  H N N 121 
GLY HXT  H N N 122 
HIS N    N N N 123 
HIS CA   C N S 124 
HIS C    C N N 125 
HIS O    O N N 126 
HIS CB   C N N 127 
HIS CG   C Y N 128 
HIS ND1  N Y N 129 
HIS CD2  C Y N 130 
HIS CE1  C Y N 131 
HIS NE2  N Y N 132 
HIS OXT  O N N 133 
HIS H    H N N 134 
HIS H2   H N N 135 
HIS HA   H N N 136 
HIS HB2  H N N 137 
HIS HB3  H N N 138 
HIS HD1  H N N 139 
HIS HD2  H N N 140 
HIS HE1  H N N 141 
HIS HE2  H N N 142 
HIS HXT  H N N 143 
HOH O    O N N 144 
HOH H1   H N N 145 
HOH H2   H N N 146 
ILE N    N N N 147 
ILE CA   C N S 148 
ILE C    C N N 149 
ILE O    O N N 150 
ILE CB   C N S 151 
ILE CG1  C N N 152 
ILE CG2  C N N 153 
ILE CD1  C N N 154 
ILE OXT  O N N 155 
ILE H    H N N 156 
ILE H2   H N N 157 
ILE HA   H N N 158 
ILE HB   H N N 159 
ILE HG12 H N N 160 
ILE HG13 H N N 161 
ILE HG21 H N N 162 
ILE HG22 H N N 163 
ILE HG23 H N N 164 
ILE HD11 H N N 165 
ILE HD12 H N N 166 
ILE HD13 H N N 167 
ILE HXT  H N N 168 
LEU N    N N N 169 
LEU CA   C N S 170 
LEU C    C N N 171 
LEU O    O N N 172 
LEU CB   C N N 173 
LEU CG   C N N 174 
LEU CD1  C N N 175 
LEU CD2  C N N 176 
LEU OXT  O N N 177 
LEU H    H N N 178 
LEU H2   H N N 179 
LEU HA   H N N 180 
LEU HB2  H N N 181 
LEU HB3  H N N 182 
LEU HG   H N N 183 
LEU HD11 H N N 184 
LEU HD12 H N N 185 
LEU HD13 H N N 186 
LEU HD21 H N N 187 
LEU HD22 H N N 188 
LEU HD23 H N N 189 
LEU HXT  H N N 190 
LYS N    N N N 191 
LYS CA   C N S 192 
LYS C    C N N 193 
LYS O    O N N 194 
LYS CB   C N N 195 
LYS CG   C N N 196 
LYS CD   C N N 197 
LYS CE   C N N 198 
LYS NZ   N N N 199 
LYS OXT  O N N 200 
LYS H    H N N 201 
LYS H2   H N N 202 
LYS HA   H N N 203 
LYS HB2  H N N 204 
LYS HB3  H N N 205 
LYS HG2  H N N 206 
LYS HG3  H N N 207 
LYS HD2  H N N 208 
LYS HD3  H N N 209 
LYS HE2  H N N 210 
LYS HE3  H N N 211 
LYS HZ1  H N N 212 
LYS HZ2  H N N 213 
LYS HZ3  H N N 214 
LYS HXT  H N N 215 
MET N    N N N 216 
MET CA   C N S 217 
MET C    C N N 218 
MET O    O N N 219 
MET CB   C N N 220 
MET CG   C N N 221 
MET SD   S N N 222 
MET CE   C N N 223 
MET OXT  O N N 224 
MET H    H N N 225 
MET H2   H N N 226 
MET HA   H N N 227 
MET HB2  H N N 228 
MET HB3  H N N 229 
MET HG2  H N N 230 
MET HG3  H N N 231 
MET HE1  H N N 232 
MET HE2  H N N 233 
MET HE3  H N N 234 
MET HXT  H N N 235 
PHE N    N N N 236 
PHE CA   C N S 237 
PHE C    C N N 238 
PHE O    O N N 239 
PHE CB   C N N 240 
PHE CG   C Y N 241 
PHE CD1  C Y N 242 
PHE CD2  C Y N 243 
PHE CE1  C Y N 244 
PHE CE2  C Y N 245 
PHE CZ   C Y N 246 
PHE OXT  O N N 247 
PHE H    H N N 248 
PHE H2   H N N 249 
PHE HA   H N N 250 
PHE HB2  H N N 251 
PHE HB3  H N N 252 
PHE HD1  H N N 253 
PHE HD2  H N N 254 
PHE HE1  H N N 255 
PHE HE2  H N N 256 
PHE HZ   H N N 257 
PHE HXT  H N N 258 
PRO N    N N N 259 
PRO CA   C N S 260 
PRO C    C N N 261 
PRO O    O N N 262 
PRO CB   C N N 263 
PRO CG   C N N 264 
PRO CD   C N N 265 
PRO OXT  O N N 266 
PRO H    H N N 267 
PRO HA   H N N 268 
PRO HB2  H N N 269 
PRO HB3  H N N 270 
PRO HG2  H N N 271 
PRO HG3  H N N 272 
PRO HD2  H N N 273 
PRO HD3  H N N 274 
PRO HXT  H N N 275 
SER N    N N N 276 
SER CA   C N S 277 
SER C    C N N 278 
SER O    O N N 279 
SER CB   C N N 280 
SER OG   O N N 281 
SER OXT  O N N 282 
SER H    H N N 283 
SER H2   H N N 284 
SER HA   H N N 285 
SER HB2  H N N 286 
SER HB3  H N N 287 
SER HG   H N N 288 
SER HXT  H N N 289 
THR N    N N N 290 
THR CA   C N S 291 
THR C    C N N 292 
THR O    O N N 293 
THR CB   C N R 294 
THR OG1  O N N 295 
THR CG2  C N N 296 
THR OXT  O N N 297 
THR H    H N N 298 
THR H2   H N N 299 
THR HA   H N N 300 
THR HB   H N N 301 
THR HG1  H N N 302 
THR HG21 H N N 303 
THR HG22 H N N 304 
THR HG23 H N N 305 
THR HXT  H N N 306 
TRP N    N N N 307 
TRP CA   C N S 308 
TRP C    C N N 309 
TRP O    O N N 310 
TRP CB   C N N 311 
TRP CG   C Y N 312 
TRP CD1  C Y N 313 
TRP CD2  C Y N 314 
TRP NE1  N Y N 315 
TRP CE2  C Y N 316 
TRP CE3  C Y N 317 
TRP CZ2  C Y N 318 
TRP CZ3  C Y N 319 
TRP CH2  C Y N 320 
TRP OXT  O N N 321 
TRP H    H N N 322 
TRP H2   H N N 323 
TRP HA   H N N 324 
TRP HB2  H N N 325 
TRP HB3  H N N 326 
TRP HD1  H N N 327 
TRP HE1  H N N 328 
TRP HE3  H N N 329 
TRP HZ2  H N N 330 
TRP HZ3  H N N 331 
TRP HH2  H N N 332 
TRP HXT  H N N 333 
TYR N    N N N 334 
TYR CA   C N S 335 
TYR C    C N N 336 
TYR O    O N N 337 
TYR CB   C N N 338 
TYR CG   C Y N 339 
TYR CD1  C Y N 340 
TYR CD2  C Y N 341 
TYR CE1  C Y N 342 
TYR CE2  C Y N 343 
TYR CZ   C Y N 344 
TYR OH   O N N 345 
TYR OXT  O N N 346 
TYR H    H N N 347 
TYR H2   H N N 348 
TYR HA   H N N 349 
TYR HB2  H N N 350 
TYR HB3  H N N 351 
TYR HD1  H N N 352 
TYR HD2  H N N 353 
TYR HE1  H N N 354 
TYR HE2  H N N 355 
TYR HH   H N N 356 
TYR HXT  H N N 357 
VAL N    N N N 358 
VAL CA   C N S 359 
VAL C    C N N 360 
VAL O    O N N 361 
VAL CB   C N N 362 
VAL CG1  C N N 363 
VAL CG2  C N N 364 
VAL OXT  O N N 365 
VAL H    H N N 366 
VAL H2   H N N 367 
VAL HA   H N N 368 
VAL HB   H N N 369 
VAL HG11 H N N 370 
VAL HG12 H N N 371 
VAL HG13 H N N 372 
VAL HG21 H N N 373 
VAL HG22 H N N 374 
VAL HG23 H N N 375 
VAL HXT  H N N 376 
# 
loop_
_chem_comp_bond.comp_id 
_chem_comp_bond.atom_id_1 
_chem_comp_bond.atom_id_2 
_chem_comp_bond.value_order 
_chem_comp_bond.pdbx_aromatic_flag 
_chem_comp_bond.pdbx_stereo_config 
_chem_comp_bond.pdbx_ordinal 
ALA N   CA   sing N N 1   
ALA N   H    sing N N 2   
ALA N   H2   sing N N 3   
ALA CA  C    sing N N 4   
ALA CA  CB   sing N N 5   
ALA CA  HA   sing N N 6   
ALA C   O    doub N N 7   
ALA C   OXT  sing N N 8   
ALA CB  HB1  sing N N 9   
ALA CB  HB2  sing N N 10  
ALA CB  HB3  sing N N 11  
ALA OXT HXT  sing N N 12  
ARG N   CA   sing N N 13  
ARG N   H    sing N N 14  
ARG N   H2   sing N N 15  
ARG CA  C    sing N N 16  
ARG CA  CB   sing N N 17  
ARG CA  HA   sing N N 18  
ARG C   O    doub N N 19  
ARG C   OXT  sing N N 20  
ARG CB  CG   sing N N 21  
ARG CB  HB2  sing N N 22  
ARG CB  HB3  sing N N 23  
ARG CG  CD   sing N N 24  
ARG CG  HG2  sing N N 25  
ARG CG  HG3  sing N N 26  
ARG CD  NE   sing N N 27  
ARG CD  HD2  sing N N 28  
ARG CD  HD3  sing N N 29  
ARG NE  CZ   sing N N 30  
ARG NE  HE   sing N N 31  
ARG CZ  NH1  sing N N 32  
ARG CZ  NH2  doub N N 33  
ARG NH1 HH11 sing N N 34  
ARG NH1 HH12 sing N N 35  
ARG NH2 HH21 sing N N 36  
ARG NH2 HH22 sing N N 37  
ARG OXT HXT  sing N N 38  
ASN N   CA   sing N N 39  
ASN N   H    sing N N 40  
ASN N   H2   sing N N 41  
ASN CA  C    sing N N 42  
ASN CA  CB   sing N N 43  
ASN CA  HA   sing N N 44  
ASN C   O    doub N N 45  
ASN C   OXT  sing N N 46  
ASN CB  CG   sing N N 47  
ASN CB  HB2  sing N N 48  
ASN CB  HB3  sing N N 49  
ASN CG  OD1  doub N N 50  
ASN CG  ND2  sing N N 51  
ASN ND2 HD21 sing N N 52  
ASN ND2 HD22 sing N N 53  
ASN OXT HXT  sing N N 54  
ASP N   CA   sing N N 55  
ASP N   H    sing N N 56  
ASP N   H2   sing N N 57  
ASP CA  C    sing N N 58  
ASP CA  CB   sing N N 59  
ASP CA  HA   sing N N 60  
ASP C   O    doub N N 61  
ASP C   OXT  sing N N 62  
ASP CB  CG   sing N N 63  
ASP CB  HB2  sing N N 64  
ASP CB  HB3  sing N N 65  
ASP CG  OD1  doub N N 66  
ASP CG  OD2  sing N N 67  
ASP OD2 HD2  sing N N 68  
ASP OXT HXT  sing N N 69  
GLN N   CA   sing N N 70  
GLN N   H    sing N N 71  
GLN N   H2   sing N N 72  
GLN CA  C    sing N N 73  
GLN CA  CB   sing N N 74  
GLN CA  HA   sing N N 75  
GLN C   O    doub N N 76  
GLN C   OXT  sing N N 77  
GLN CB  CG   sing N N 78  
GLN CB  HB2  sing N N 79  
GLN CB  HB3  sing N N 80  
GLN CG  CD   sing N N 81  
GLN CG  HG2  sing N N 82  
GLN CG  HG3  sing N N 83  
GLN CD  OE1  doub N N 84  
GLN CD  NE2  sing N N 85  
GLN NE2 HE21 sing N N 86  
GLN NE2 HE22 sing N N 87  
GLN OXT HXT  sing N N 88  
GLU N   CA   sing N N 89  
GLU N   H    sing N N 90  
GLU N   H2   sing N N 91  
GLU CA  C    sing N N 92  
GLU CA  CB   sing N N 93  
GLU CA  HA   sing N N 94  
GLU C   O    doub N N 95  
GLU C   OXT  sing N N 96  
GLU CB  CG   sing N N 97  
GLU CB  HB2  sing N N 98  
GLU CB  HB3  sing N N 99  
GLU CG  CD   sing N N 100 
GLU CG  HG2  sing N N 101 
GLU CG  HG3  sing N N 102 
GLU CD  OE1  doub N N 103 
GLU CD  OE2  sing N N 104 
GLU OE2 HE2  sing N N 105 
GLU OXT HXT  sing N N 106 
GLY N   CA   sing N N 107 
GLY N   H    sing N N 108 
GLY N   H2   sing N N 109 
GLY CA  C    sing N N 110 
GLY CA  HA2  sing N N 111 
GLY CA  HA3  sing N N 112 
GLY C   O    doub N N 113 
GLY C   OXT  sing N N 114 
GLY OXT HXT  sing N N 115 
HIS N   CA   sing N N 116 
HIS N   H    sing N N 117 
HIS N   H2   sing N N 118 
HIS CA  C    sing N N 119 
HIS CA  CB   sing N N 120 
HIS CA  HA   sing N N 121 
HIS C   O    doub N N 122 
HIS C   OXT  sing N N 123 
HIS CB  CG   sing N N 124 
HIS CB  HB2  sing N N 125 
HIS CB  HB3  sing N N 126 
HIS CG  ND1  sing Y N 127 
HIS CG  CD2  doub Y N 128 
HIS ND1 CE1  doub Y N 129 
HIS ND1 HD1  sing N N 130 
HIS CD2 NE2  sing Y N 131 
HIS CD2 HD2  sing N N 132 
HIS CE1 NE2  sing Y N 133 
HIS CE1 HE1  sing N N 134 
HIS NE2 HE2  sing N N 135 
HIS OXT HXT  sing N N 136 
HOH O   H1   sing N N 137 
HOH O   H2   sing N N 138 
ILE N   CA   sing N N 139 
ILE N   H    sing N N 140 
ILE N   H2   sing N N 141 
ILE CA  C    sing N N 142 
ILE CA  CB   sing N N 143 
ILE CA  HA   sing N N 144 
ILE C   O    doub N N 145 
ILE C   OXT  sing N N 146 
ILE CB  CG1  sing N N 147 
ILE CB  CG2  sing N N 148 
ILE CB  HB   sing N N 149 
ILE CG1 CD1  sing N N 150 
ILE CG1 HG12 sing N N 151 
ILE CG1 HG13 sing N N 152 
ILE CG2 HG21 sing N N 153 
ILE CG2 HG22 sing N N 154 
ILE CG2 HG23 sing N N 155 
ILE CD1 HD11 sing N N 156 
ILE CD1 HD12 sing N N 157 
ILE CD1 HD13 sing N N 158 
ILE OXT HXT  sing N N 159 
LEU N   CA   sing N N 160 
LEU N   H    sing N N 161 
LEU N   H2   sing N N 162 
LEU CA  C    sing N N 163 
LEU CA  CB   sing N N 164 
LEU CA  HA   sing N N 165 
LEU C   O    doub N N 166 
LEU C   OXT  sing N N 167 
LEU CB  CG   sing N N 168 
LEU CB  HB2  sing N N 169 
LEU CB  HB3  sing N N 170 
LEU CG  CD1  sing N N 171 
LEU CG  CD2  sing N N 172 
LEU CG  HG   sing N N 173 
LEU CD1 HD11 sing N N 174 
LEU CD1 HD12 sing N N 175 
LEU CD1 HD13 sing N N 176 
LEU CD2 HD21 sing N N 177 
LEU CD2 HD22 sing N N 178 
LEU CD2 HD23 sing N N 179 
LEU OXT HXT  sing N N 180 
LYS N   CA   sing N N 181 
LYS N   H    sing N N 182 
LYS N   H2   sing N N 183 
LYS CA  C    sing N N 184 
LYS CA  CB   sing N N 185 
LYS CA  HA   sing N N 186 
LYS C   O    doub N N 187 
LYS C   OXT  sing N N 188 
LYS CB  CG   sing N N 189 
LYS CB  HB2  sing N N 190 
LYS CB  HB3  sing N N 191 
LYS CG  CD   sing N N 192 
LYS CG  HG2  sing N N 193 
LYS CG  HG3  sing N N 194 
LYS CD  CE   sing N N 195 
LYS CD  HD2  sing N N 196 
LYS CD  HD3  sing N N 197 
LYS CE  NZ   sing N N 198 
LYS CE  HE2  sing N N 199 
LYS CE  HE3  sing N N 200 
LYS NZ  HZ1  sing N N 201 
LYS NZ  HZ2  sing N N 202 
LYS NZ  HZ3  sing N N 203 
LYS OXT HXT  sing N N 204 
MET N   CA   sing N N 205 
MET N   H    sing N N 206 
MET N   H2   sing N N 207 
MET CA  C    sing N N 208 
MET CA  CB   sing N N 209 
MET CA  HA   sing N N 210 
MET C   O    doub N N 211 
MET C   OXT  sing N N 212 
MET CB  CG   sing N N 213 
MET CB  HB2  sing N N 214 
MET CB  HB3  sing N N 215 
MET CG  SD   sing N N 216 
MET CG  HG2  sing N N 217 
MET CG  HG3  sing N N 218 
MET SD  CE   sing N N 219 
MET CE  HE1  sing N N 220 
MET CE  HE2  sing N N 221 
MET CE  HE3  sing N N 222 
MET OXT HXT  sing N N 223 
PHE N   CA   sing N N 224 
PHE N   H    sing N N 225 
PHE N   H2   sing N N 226 
PHE CA  C    sing N N 227 
PHE CA  CB   sing N N 228 
PHE CA  HA   sing N N 229 
PHE C   O    doub N N 230 
PHE C   OXT  sing N N 231 
PHE CB  CG   sing N N 232 
PHE CB  HB2  sing N N 233 
PHE CB  HB3  sing N N 234 
PHE CG  CD1  doub Y N 235 
PHE CG  CD2  sing Y N 236 
PHE CD1 CE1  sing Y N 237 
PHE CD1 HD1  sing N N 238 
PHE CD2 CE2  doub Y N 239 
PHE CD2 HD2  sing N N 240 
PHE CE1 CZ   doub Y N 241 
PHE CE1 HE1  sing N N 242 
PHE CE2 CZ   sing Y N 243 
PHE CE2 HE2  sing N N 244 
PHE CZ  HZ   sing N N 245 
PHE OXT HXT  sing N N 246 
PRO N   CA   sing N N 247 
PRO N   CD   sing N N 248 
PRO N   H    sing N N 249 
PRO CA  C    sing N N 250 
PRO CA  CB   sing N N 251 
PRO CA  HA   sing N N 252 
PRO C   O    doub N N 253 
PRO C   OXT  sing N N 254 
PRO CB  CG   sing N N 255 
PRO CB  HB2  sing N N 256 
PRO CB  HB3  sing N N 257 
PRO CG  CD   sing N N 258 
PRO CG  HG2  sing N N 259 
PRO CG  HG3  sing N N 260 
PRO CD  HD2  sing N N 261 
PRO CD  HD3  sing N N 262 
PRO OXT HXT  sing N N 263 
SER N   CA   sing N N 264 
SER N   H    sing N N 265 
SER N   H2   sing N N 266 
SER CA  C    sing N N 267 
SER CA  CB   sing N N 268 
SER CA  HA   sing N N 269 
SER C   O    doub N N 270 
SER C   OXT  sing N N 271 
SER CB  OG   sing N N 272 
SER CB  HB2  sing N N 273 
SER CB  HB3  sing N N 274 
SER OG  HG   sing N N 275 
SER OXT HXT  sing N N 276 
THR N   CA   sing N N 277 
THR N   H    sing N N 278 
THR N   H2   sing N N 279 
THR CA  C    sing N N 280 
THR CA  CB   sing N N 281 
THR CA  HA   sing N N 282 
THR C   O    doub N N 283 
THR C   OXT  sing N N 284 
THR CB  OG1  sing N N 285 
THR CB  CG2  sing N N 286 
THR CB  HB   sing N N 287 
THR OG1 HG1  sing N N 288 
THR CG2 HG21 sing N N 289 
THR CG2 HG22 sing N N 290 
THR CG2 HG23 sing N N 291 
THR OXT HXT  sing N N 292 
TRP N   CA   sing N N 293 
TRP N   H    sing N N 294 
TRP N   H2   sing N N 295 
TRP CA  C    sing N N 296 
TRP CA  CB   sing N N 297 
TRP CA  HA   sing N N 298 
TRP C   O    doub N N 299 
TRP C   OXT  sing N N 300 
TRP CB  CG   sing N N 301 
TRP CB  HB2  sing N N 302 
TRP CB  HB3  sing N N 303 
TRP CG  CD1  doub Y N 304 
TRP CG  CD2  sing Y N 305 
TRP CD1 NE1  sing Y N 306 
TRP CD1 HD1  sing N N 307 
TRP CD2 CE2  doub Y N 308 
TRP CD2 CE3  sing Y N 309 
TRP NE1 CE2  sing Y N 310 
TRP NE1 HE1  sing N N 311 
TRP CE2 CZ2  sing Y N 312 
TRP CE3 CZ3  doub Y N 313 
TRP CE3 HE3  sing N N 314 
TRP CZ2 CH2  doub Y N 315 
TRP CZ2 HZ2  sing N N 316 
TRP CZ3 CH2  sing Y N 317 
TRP CZ3 HZ3  sing N N 318 
TRP CH2 HH2  sing N N 319 
TRP OXT HXT  sing N N 320 
TYR N   CA   sing N N 321 
TYR N   H    sing N N 322 
TYR N   H2   sing N N 323 
TYR CA  C    sing N N 324 
TYR CA  CB   sing N N 325 
TYR CA  HA   sing N N 326 
TYR C   O    doub N N 327 
TYR C   OXT  sing N N 328 
TYR CB  CG   sing N N 329 
TYR CB  HB2  sing N N 330 
TYR CB  HB3  sing N N 331 
TYR CG  CD1  doub Y N 332 
TYR CG  CD2  sing Y N 333 
TYR CD1 CE1  sing Y N 334 
TYR CD1 HD1  sing N N 335 
TYR CD2 CE2  doub Y N 336 
TYR CD2 HD2  sing N N 337 
TYR CE1 CZ   doub Y N 338 
TYR CE1 HE1  sing N N 339 
TYR CE2 CZ   sing Y N 340 
TYR CE2 HE2  sing N N 341 
TYR CZ  OH   sing N N 342 
TYR OH  HH   sing N N 343 
TYR OXT HXT  sing N N 344 
VAL N   CA   sing N N 345 
VAL N   H    sing N N 346 
VAL N   H2   sing N N 347 
VAL CA  C    sing N N 348 
VAL CA  CB   sing N N 349 
VAL CA  HA   sing N N 350 
VAL C   O    doub N N 351 
VAL C   OXT  sing N N 352 
VAL CB  CG1  sing N N 353 
VAL CB  CG2  sing N N 354 
VAL CB  HB   sing N N 355 
VAL CG1 HG11 sing N N 356 
VAL CG1 HG12 sing N N 357 
VAL CG1 HG13 sing N N 358 
VAL CG2 HG21 sing N N 359 
VAL CG2 HG22 sing N N 360 
VAL CG2 HG23 sing N N 361 
VAL OXT HXT  sing N N 362 
# 
_atom_sites.entry_id                    3ADY 
_atom_sites.fract_transf_matrix[1][1]   -0.00680949 
_atom_sites.fract_transf_matrix[1][2]   0.00677654 
_atom_sites.fract_transf_matrix[1][3]   0.00063860 
_atom_sites.fract_transf_matrix[2][1]   -0.00593210 
_atom_sites.fract_transf_matrix[2][2]   -0.00546554 
_atom_sites.fract_transf_matrix[2][3]   -0.00525704 
_atom_sites.fract_transf_matrix[3][1]   -0.00333758 
_atom_sites.fract_transf_matrix[3][2]   -0.00411155 
_atom_sites.fract_transf_matrix[3][3]   0.00804078 
_atom_sites.fract_transf_vector[1]      0.178142 
_atom_sites.fract_transf_vector[2]      0.463300 
_atom_sites.fract_transf_vector[3]      0.138812 
# 
loop_
_atom_type.symbol 
C 
N 
O 
# 
loop_
_atom_site.group_PDB 
_atom_site.id 
_atom_site.type_symbol 
_atom_site.label_atom_id 
_atom_site.label_alt_id 
_atom_site.label_comp_id 
_atom_site.label_asym_id 
_atom_site.label_entity_id 
_atom_site.label_seq_id 
_atom_site.pdbx_PDB_ins_code 
_atom_site.Cartn_x 
_atom_site.Cartn_y 
_atom_site.Cartn_z 
_atom_site.occupancy 
_atom_site.B_iso_or_equiv 
_atom_site.pdbx_formal_charge 
_atom_site.auth_seq_id 
_atom_site.auth_comp_id 
_atom_site.auth_asym_id 
_atom_site.auth_atom_id 
_atom_site.pdbx_PDB_model_num 
ATOM   1   N N   . ALA A 1 22  ? 8.757   -6.726  -4.137  1.00 81.38 ? 37   ALA A N   1 
ATOM   2   C CA  . ALA A 1 22  ? 7.573   -7.605  -3.931  1.00 81.04 ? 37   ALA A CA  1 
ATOM   3   C C   . ALA A 1 22  ? 7.081   -8.147  -5.271  1.00 81.14 ? 37   ALA A C   1 
ATOM   4   O O   . ALA A 1 22  ? 7.617   -7.792  -6.317  1.00 81.91 ? 37   ALA A O   1 
ATOM   5   C CB  . ALA A 1 22  ? 6.467   -6.826  -3.247  1.00 81.02 ? 37   ALA A CB  1 
ATOM   6   N N   . THR A 1 23  ? 6.060   -9.002  -5.243  1.00 80.25 ? 38   THR A N   1 
ATOM   7   C CA  . THR A 1 23  ? 5.517   -9.589  -6.471  1.00 79.61 ? 38   THR A CA  1 
ATOM   8   C C   . THR A 1 23  ? 4.026   -9.888  -6.363  1.00 78.90 ? 38   THR A C   1 
ATOM   9   O O   . THR A 1 23  ? 3.580   -10.510 -5.399  1.00 78.85 ? 38   THR A O   1 
ATOM   10  C CB  . THR A 1 23  ? 6.242   -10.897 -6.828  1.00 80.20 ? 38   THR A CB  1 
ATOM   11  O OG1 . THR A 1 23  ? 5.531   -11.563 -7.878  1.00 80.29 ? 38   THR A OG1 1 
ATOM   12  C CG2 . THR A 1 23  ? 6.317   -11.807 -5.619  1.00 80.05 ? 38   THR A CG2 1 
ATOM   13  N N   . ILE A 1 24  ? 3.266   -9.452  -7.364  1.00 77.84 ? 39   ILE A N   1 
ATOM   14  C CA  . ILE A 1 24  ? 1.822   -9.663  -7.398  1.00 77.05 ? 39   ILE A CA  1 
ATOM   15  C C   . ILE A 1 24  ? 1.406   -10.240 -8.756  1.00 76.74 ? 39   ILE A C   1 
ATOM   16  O O   . ILE A 1 24  ? 2.040   -9.972  -9.777  1.00 76.66 ? 39   ILE A O   1 
ATOM   17  C CB  . ILE A 1 24  ? 1.070   -8.338  -7.170  1.00 76.49 ? 39   ILE A CB  1 
ATOM   18  C CG1 . ILE A 1 24  ? 1.398   -7.350  -8.284  1.00 76.12 ? 39   ILE A CG1 1 
ATOM   19  C CG2 . ILE A 1 24  ? 1.483   -7.722  -5.835  1.00 76.26 ? 39   ILE A CG2 1 
ATOM   20  C CD1 . ILE A 1 24  ? 0.714   -6.018  -8.127  1.00 75.36 ? 39   ILE A CD1 1 
ATOM   21  N N   . LYS A 1 25  ? 0.345   -11.041 -8.764  1.00 76.06 ? 40   LYS A N   1 
ATOM   22  C CA  . LYS A 1 25  ? -0.151  -11.646 -9.994  1.00 75.86 ? 40   LYS A CA  1 
ATOM   23  C C   . LYS A 1 25  ? -1.440  -10.984 -10.487 1.00 75.30 ? 40   LYS A C   1 
ATOM   24  O O   . LYS A 1 25  ? -2.530  -11.366 -10.075 1.00 74.03 ? 40   LYS A O   1 
ATOM   25  C CB  . LYS A 1 25  ? -0.387  -13.150 -9.779  1.00 76.53 ? 40   LYS A CB  1 
ATOM   26  C CG  . LYS A 1 25  ? 0.857   -14.032 -9.891  1.00 78.07 ? 40   LYS A CG  1 
ATOM   27  C CD  . LYS A 1 25  ? 1.938   -13.661 -8.883  1.00 79.35 ? 40   LYS A CD  1 
ATOM   28  C CE  . LYS A 1 25  ? 3.265   -14.357 -9.191  1.00 80.36 ? 40   LYS A CE  1 
ATOM   29  N NZ  . LYS A 1 25  ? 4.328   -13.860 -8.270  1.00 81.22 ? 40   LYS A NZ  1 
ATOM   30  N N   . LEU A 1 26  ? -1.307  -9.993  -11.364 1.00 75.48 ? 41   LEU A N   1 
ATOM   31  C CA  . LEU A 1 26  ? -2.472  -9.306  -11.906 1.00 76.08 ? 41   LEU A CA  1 
ATOM   32  C C   . LEU A 1 26  ? -3.405  -10.278 -12.630 1.00 76.62 ? 41   LEU A C   1 
ATOM   33  O O   . LEU A 1 26  ? -2.949  -11.169 -13.347 1.00 76.31 ? 41   LEU A O   1 
ATOM   34  C CB  . LEU A 1 26  ? -2.040  -8.189  -12.865 1.00 75.61 ? 41   LEU A CB  1 
ATOM   35  C CG  . LEU A 1 26  ? -1.607  -6.838  -12.284 1.00 75.08 ? 41   LEU A CG  1 
ATOM   36  C CD1 . LEU A 1 26  ? -2.759  -6.238  -11.495 1.00 74.20 ? 41   LEU A CD1 1 
ATOM   37  C CD2 . LEU A 1 26  ? -0.388  -7.010  -11.400 1.00 74.94 ? 41   LEU A CD2 1 
ATOM   38  N N   . ALA A 1 27  ? -4.710  -10.099 -12.437 1.00 77.52 ? 42   ALA A N   1 
ATOM   39  C CA  . ALA A 1 27  ? -5.702  -10.959 -13.066 1.00 78.57 ? 42   ALA A CA  1 
ATOM   40  C C   . ALA A 1 27  ? -6.293  -10.314 -14.314 1.00 79.24 ? 42   ALA A C   1 
ATOM   41  O O   . ALA A 1 27  ? -5.845  -9.204  -14.678 1.00 79.77 ? 42   ALA A O   1 
ATOM   42  C CB  . ALA A 1 27  ? -6.814  -11.298 -12.068 1.00 78.49 ? 42   ALA A CB  1 
ATOM   43  N N   . SER A 1 51  ? -7.512  0.318   13.125  1.00 76.17 ? 66   SER A N   1 
ATOM   44  C CA  . SER A 1 51  ? -8.810  1.021   13.343  1.00 75.68 ? 66   SER A CA  1 
ATOM   45  C C   . SER A 1 51  ? -8.797  2.399   12.689  1.00 75.07 ? 66   SER A C   1 
ATOM   46  O O   . SER A 1 51  ? -9.851  2.979   12.424  1.00 75.41 ? 66   SER A O   1 
ATOM   47  C CB  . SER A 1 51  ? -9.085  1.168   14.843  1.00 76.22 ? 66   SER A CB  1 
ATOM   48  O OG  . SER A 1 51  ? -10.325 1.814   15.074  1.00 76.80 ? 66   SER A OG  1 
ATOM   49  N N   . LYS A 1 52  ? -7.599  2.917   12.435  1.00 73.71 ? 67   LYS A N   1 
ATOM   50  C CA  . LYS A 1 52  ? -7.446  4.227   11.809  1.00 72.05 ? 67   LYS A CA  1 
ATOM   51  C C   . LYS A 1 52  ? -8.218  4.289   10.495  1.00 71.69 ? 67   LYS A C   1 
ATOM   52  O O   . LYS A 1 52  ? -8.052  3.434   9.624   1.00 72.06 ? 67   LYS A O   1 
ATOM   53  C CB  . LYS A 1 52  ? -5.965  4.520   11.556  1.00 70.61 ? 67   LYS A CB  1 
ATOM   54  C CG  . LYS A 1 52  ? -5.260  3.478   10.704  1.00 68.68 ? 67   LYS A CG  1 
ATOM   55  C CD  . LYS A 1 52  ? -3.810  3.857   10.452  1.00 65.82 ? 67   LYS A CD  1 
ATOM   56  C CE  . LYS A 1 52  ? -3.102  2.796   9.632   1.00 63.88 ? 67   LYS A CE  1 
ATOM   57  N NZ  . LYS A 1 52  ? -1.693  3.169   9.348   1.00 60.82 ? 67   LYS A NZ  1 
ATOM   58  N N   . ASP A 1 53  ? -9.065  5.303   10.361  1.00 70.67 ? 68   ASP A N   1 
ATOM   59  C CA  . ASP A 1 53  ? -9.866  5.470   9.154   1.00 69.56 ? 68   ASP A CA  1 
ATOM   60  C C   . ASP A 1 53  ? -9.031  5.965   7.978   1.00 68.07 ? 68   ASP A C   1 
ATOM   61  O O   . ASP A 1 53  ? -8.315  6.960   8.086   1.00 66.93 ? 68   ASP A O   1 
ATOM   62  C CB  . ASP A 1 53  ? -11.013 6.448   9.413   1.00 70.70 ? 68   ASP A CB  1 
ATOM   63  C CG  . ASP A 1 53  ? -11.792 6.773   8.154   1.00 71.59 ? 68   ASP A CG  1 
ATOM   64  O OD1 . ASP A 1 53  ? -12.286 5.831   7.499   1.00 72.50 ? 68   ASP A OD1 1 
ATOM   65  O OD2 . ASP A 1 53  ? -11.908 7.970   7.820   1.00 72.42 ? 68   ASP A OD2 1 
ATOM   66  N N   . ASN A 1 54  ? -9.132  5.260   6.855   1.00 66.79 ? 69   ASN A N   1 
ATOM   67  C CA  . ASN A 1 54  ? -8.392  5.626   5.654   1.00 65.77 ? 69   ASN A CA  1 
ATOM   68  C C   . ASN A 1 54  ? -9.325  5.916   4.482   1.00 64.78 ? 69   ASN A C   1 
ATOM   69  O O   . ASN A 1 54  ? -8.945  5.755   3.322   1.00 64.47 ? 69   ASN A O   1 
ATOM   70  C CB  . ASN A 1 54  ? -7.418  4.511   5.267   1.00 65.82 ? 69   ASN A CB  1 
ATOM   71  C CG  . ASN A 1 54  ? -8.060  3.140   5.291   1.00 65.94 ? 69   ASN A CG  1 
ATOM   72  O OD1 . ASN A 1 54  ? -9.238  2.987   4.967   1.00 66.44 ? 69   ASN A OD1 1 
ATOM   73  N ND2 . ASN A 1 54  ? -7.283  2.131   5.666   1.00 65.49 ? 69   ASN A ND2 1 
ATOM   74  N N   . THR A 1 55  ? -10.546 6.344   4.790   1.00 63.20 ? 70   THR A N   1 
ATOM   75  C CA  . THR A 1 55  ? -11.524 6.658   3.755   1.00 61.64 ? 70   THR A CA  1 
ATOM   76  C C   . THR A 1 55  ? -11.053 7.818   2.884   1.00 59.51 ? 70   THR A C   1 
ATOM   77  O O   . THR A 1 55  ? -11.160 7.764   1.660   1.00 59.61 ? 70   THR A O   1 
ATOM   78  C CB  . THR A 1 55  ? -12.896 7.016   4.367   1.00 62.96 ? 70   THR A CB  1 
ATOM   79  O OG1 . THR A 1 55  ? -12.715 7.954   5.435   1.00 63.77 ? 70   THR A OG1 1 
ATOM   80  C CG2 . THR A 1 55  ? -13.586 5.767   4.897   1.00 63.42 ? 70   THR A CG2 1 
ATOM   81  N N   . LEU A 1 56  ? -10.529 8.864   3.519   1.00 56.70 ? 71   LEU A N   1 
ATOM   82  C CA  . LEU A 1 56  ? -10.037 10.031  2.794   1.00 54.39 ? 71   LEU A CA  1 
ATOM   83  C C   . LEU A 1 56  ? -8.565  9.895   2.416   1.00 51.92 ? 71   LEU A C   1 
ATOM   84  O O   . LEU A 1 56  ? -8.119  10.466  1.420   1.00 51.34 ? 71   LEU A O   1 
ATOM   85  C CB  . LEU A 1 56  ? -10.225 11.307  3.627   1.00 55.99 ? 71   LEU A CB  1 
ATOM   86  C CG  . LEU A 1 56  ? -11.639 11.852  3.863   1.00 57.05 ? 71   LEU A CG  1 
ATOM   87  C CD1 . LEU A 1 56  ? -12.307 12.135  2.522   1.00 57.41 ? 71   LEU A CD1 1 
ATOM   88  C CD2 . LEU A 1 56  ? -12.458 10.858  4.673   1.00 57.75 ? 71   LEU A CD2 1 
ATOM   89  N N   . THR A 1 57  ? -7.809  9.145   3.212   1.00 49.04 ? 72   THR A N   1 
ATOM   90  C CA  . THR A 1 57  ? -6.391  8.960   2.933   1.00 46.60 ? 72   THR A CA  1 
ATOM   91  C C   . THR A 1 57  ? -6.176  7.998   1.768   1.00 43.98 ? 72   THR A C   1 
ATOM   92  O O   . THR A 1 57  ? -5.281  8.196   0.949   1.00 42.29 ? 72   THR A O   1 
ATOM   93  C CB  . THR A 1 57  ? -5.633  8.434   4.171   1.00 47.29 ? 72   THR A CB  1 
ATOM   94  O OG1 . THR A 1 57  ? -6.210  7.194   4.599   1.00 47.70 ? 72   THR A OG1 1 
ATOM   95  C CG2 . THR A 1 57  ? -5.702  9.448   5.305   1.00 48.45 ? 72   THR A CG2 1 
ATOM   96  N N   . ILE A 1 58  ? -6.999  6.956   1.696   1.00 42.18 ? 73   ILE A N   1 
ATOM   97  C CA  . ILE A 1 58  ? -6.893  5.978   0.620   1.00 40.26 ? 73   ILE A CA  1 
ATOM   98  C C   . ILE A 1 58  ? -8.229  5.809   -0.094  1.00 40.25 ? 73   ILE A C   1 
ATOM   99  O O   . ILE A 1 58  ? -8.907  4.792   0.063   1.00 41.15 ? 73   ILE A O   1 
ATOM   100 C CB  . ILE A 1 58  ? -6.442  4.590   1.144   1.00 40.77 ? 73   ILE A CB  1 
ATOM   101 C CG1 . ILE A 1 58  ? -5.119  4.713   1.899   1.00 40.24 ? 73   ILE A CG1 1 
ATOM   102 C CG2 . ILE A 1 58  ? -6.269  3.623   -0.022  1.00 39.38 ? 73   ILE A CG2 1 
ATOM   103 C CD1 . ILE A 1 58  ? -4.653  3.406   2.521   1.00 41.73 ? 73   ILE A CD1 1 
ATOM   104 N N   . PRO A 1 59  ? -8.634  6.815   -0.881  1.00 38.89 ? 74   PRO A N   1 
ATOM   105 C CA  . PRO A 1 59  ? -9.903  6.728   -1.606  1.00 39.02 ? 74   PRO A CA  1 
ATOM   106 C C   . PRO A 1 59  ? -9.762  5.773   -2.788  1.00 39.10 ? 74   PRO A C   1 
ATOM   107 O O   . PRO A 1 59  ? -8.654  5.351   -3.126  1.00 36.74 ? 74   PRO A O   1 
ATOM   108 C CB  . PRO A 1 59  ? -10.136 8.167   -2.053  1.00 38.91 ? 74   PRO A CB  1 
ATOM   109 C CG  . PRO A 1 59  ? -8.733  8.658   -2.294  1.00 37.64 ? 74   PRO A CG  1 
ATOM   110 C CD  . PRO A 1 59  ? -7.995  8.127   -1.089  1.00 38.22 ? 74   PRO A CD  1 
ATOM   111 N N   . ASN A 1 60  ? -10.884 5.423   -3.405  1.00 39.63 ? 75   ASN A N   1 
ATOM   112 C CA  . ASN A 1 60  ? -10.850 4.534   -4.557  1.00 39.58 ? 75   ASN A CA  1 
ATOM   113 C C   . ASN A 1 60  ? -10.303 5.273   -5.780  1.00 36.20 ? 75   ASN A C   1 
ATOM   114 O O   . ASN A 1 60  ? -10.457 6.487   -5.912  1.00 37.92 ? 75   ASN A O   1 
ATOM   115 C CB  . ASN A 1 60  ? -12.248 3.973   -4.852  1.00 43.99 ? 75   ASN A CB  1 
ATOM   116 C CG  . ASN A 1 60  ? -13.364 4.818   -4.261  1.00 48.02 ? 75   ASN A CG  1 
ATOM   117 O OD1 . ASN A 1 60  ? -13.479 4.954   -3.041  1.00 50.08 ? 75   ASN A OD1 1 
ATOM   118 N ND2 . ASN A 1 60  ? -14.200 5.384   -5.127  1.00 50.26 ? 75   ASN A ND2 1 
ATOM   119 N N   . ALA A 1 61  ? -9.651  4.525   -6.662  1.00 31.06 ? 76   ALA A N   1 
ATOM   120 C CA  . ALA A 1 61  ? -9.054  5.064   -7.881  1.00 24.29 ? 76   ALA A CA  1 
ATOM   121 C C   . ALA A 1 61  ? -9.196  3.968   -8.928  1.00 22.77 ? 76   ALA A C   1 
ATOM   122 O O   . ALA A 1 61  ? -8.976  2.792   -8.631  1.00 19.08 ? 76   ALA A O   1 
ATOM   123 C CB  . ALA A 1 61  ? -7.581  5.383   -7.643  1.00 23.17 ? 76   ALA A CB  1 
ATOM   124 N N   . TYR A 1 62  ? -9.548  4.342   -10.152 1.00 19.79 ? 77   TYR A N   1 
ATOM   125 C CA  . TYR A 1 62  ? -9.760  3.343   -11.194 1.00 19.49 ? 77   TYR A CA  1 
ATOM   126 C C   . TYR A 1 62  ? -8.693  2.263   -11.342 1.00 18.51 ? 77   TYR A C   1 
ATOM   127 O O   . TYR A 1 62  ? -9.010  1.071   -11.338 1.00 19.61 ? 77   TYR A O   1 
ATOM   128 C CB  . TYR A 1 62  ? -9.980  4.012   -12.558 1.00 18.66 ? 77   TYR A CB  1 
ATOM   129 C CG  . TYR A 1 62  ? -10.124 3.001   -13.669 1.00 20.23 ? 77   TYR A CG  1 
ATOM   130 C CD1 . TYR A 1 62  ? -9.042  2.676   -14.487 1.00 21.37 ? 77   TYR A CD1 1 
ATOM   131 C CD2 . TYR A 1 62  ? -11.330 2.324   -13.869 1.00 20.76 ? 77   TYR A CD2 1 
ATOM   132 C CE1 . TYR A 1 62  ? -9.150  1.706   -15.472 1.00 21.91 ? 77   TYR A CE1 1 
ATOM   133 C CE2 . TYR A 1 62  ? -11.450 1.348   -14.852 1.00 23.26 ? 77   TYR A CE2 1 
ATOM   134 C CZ  . TYR A 1 62  ? -10.355 1.043   -15.646 1.00 25.35 ? 77   TYR A CZ  1 
ATOM   135 O OH  . TYR A 1 62  ? -10.447 0.053   -16.592 1.00 29.15 ? 77   TYR A OH  1 
ATOM   136 N N   . ASN A 1 63  ? -7.434  2.666   -11.476 1.00 17.56 ? 78   ASN A N   1 
ATOM   137 C CA  . ASN A 1 63  ? -6.358  1.690   -11.659 1.00 18.81 ? 78   ASN A CA  1 
ATOM   138 C C   . ASN A 1 63  ? -6.190  0.734   -10.472 1.00 20.11 ? 78   ASN A C   1 
ATOM   139 O O   . ASN A 1 63  ? -5.665  -0.371  -10.639 1.00 19.79 ? 78   ASN A O   1 
ATOM   140 C CB  . ASN A 1 63  ? -5.029  2.402   -11.947 1.00 21.15 ? 78   ASN A CB  1 
ATOM   141 C CG  . ASN A 1 63  ? -4.985  3.055   -13.332 1.00 24.25 ? 78   ASN A CG  1 
ATOM   142 O OD1 . ASN A 1 63  ? -5.899  2.905   -14.136 1.00 28.16 ? 78   ASN A OD1 1 
ATOM   143 N ND2 . ASN A 1 63  ? -3.902  3.781   -13.607 1.00 24.38 ? 78   ASN A ND2 1 
ATOM   144 N N   . LEU A 1 64  ? -6.636  1.149   -9.289  1.00 18.91 ? 79   LEU A N   1 
ATOM   145 C CA  . LEU A 1 64  ? -6.524  0.310   -8.094  1.00 20.44 ? 79   LEU A CA  1 
ATOM   146 C C   . LEU A 1 64  ? -7.649  -0.708  -7.975  1.00 22.15 ? 79   LEU A C   1 
ATOM   147 O O   . LEU A 1 64  ? -7.687  -1.503  -7.036  1.00 20.91 ? 79   LEU A O   1 
ATOM   148 C CB  . LEU A 1 64  ? -6.493  1.175   -6.834  1.00 18.76 ? 79   LEU A CB  1 
ATOM   149 C CG  . LEU A 1 64  ? -5.258  2.069   -6.719  1.00 19.75 ? 79   LEU A CG  1 
ATOM   150 C CD1 . LEU A 1 64  ? -5.332  2.872   -5.429  1.00 20.80 ? 79   LEU A CD1 1 
ATOM   151 C CD2 . LEU A 1 64  ? -4.000  1.212   -6.751  1.00 19.29 ? 79   LEU A CD2 1 
ATOM   152 N N   . GLN A 1 65  ? -8.569  -0.675  -8.929  1.00 22.26 ? 80   GLN A N   1 
ATOM   153 C CA  . GLN A 1 65  ? -9.685  -1.603  -8.942  1.00 22.32 ? 80   GLN A CA  1 
ATOM   154 C C   . GLN A 1 65  ? -9.205  -2.938  -9.508  1.00 22.90 ? 80   GLN A C   1 
ATOM   155 O O   . GLN A 1 65  ? -9.831  -3.981  -9.297  1.00 23.86 ? 80   GLN A O   1 
ATOM   156 C CB  . GLN A 1 65  ? -10.809 -1.008  -9.796  1.00 28.08 ? 80   GLN A CB  1 
ATOM   157 C CG  . GLN A 1 65  ? -12.053 -1.851  -9.937  1.00 31.77 ? 80   GLN A CG  1 
ATOM   158 C CD  . GLN A 1 65  ? -13.140 -1.103  -10.699 1.00 35.27 ? 80   GLN A CD  1 
ATOM   159 O OE1 . GLN A 1 65  ? -13.818 -0.230  -10.145 1.00 35.53 ? 80   GLN A OE1 1 
ATOM   160 N NE2 . GLN A 1 65  ? -13.292 -1.425  -11.976 1.00 33.90 ? 80   GLN A NE2 1 
ATOM   161 N N   . ALA A 1 66  ? -8.079  -2.906  -10.213 1.00 21.64 ? 81   ALA A N   1 
ATOM   162 C CA  . ALA A 1 66  ? -7.508  -4.111  -10.803 1.00 22.49 ? 81   ALA A CA  1 
ATOM   163 C C   . ALA A 1 66  ? -7.365  -5.178  -9.721  1.00 25.05 ? 81   ALA A C   1 
ATOM   164 O O   . ALA A 1 66  ? -7.018  -4.868  -8.581  1.00 23.70 ? 81   ALA A O   1 
ATOM   165 C CB  . ALA A 1 66  ? -6.156  -3.800  -11.417 1.00 22.56 ? 81   ALA A CB  1 
ATOM   166 N N   . ARG A 1 67  ? -7.627  -6.429  -10.087 1.00 25.38 ? 82   ARG A N   1 
ATOM   167 C CA  . ARG A 1 67  ? -7.564  -7.550  -9.145  1.00 26.55 ? 82   ARG A CA  1 
ATOM   168 C C   . ARG A 1 67  ? -6.216  -8.249  -9.213  1.00 24.32 ? 82   ARG A C   1 
ATOM   169 O O   . ARG A 1 67  ? -5.581  -8.280  -10.265 1.00 23.14 ? 82   ARG A O   1 
ATOM   170 C CB  . ARG A 1 67  ? -8.660  -8.570  -9.469  1.00 29.73 ? 82   ARG A CB  1 
ATOM   171 C CG  . ARG A 1 67  ? -10.018 -7.976  -9.816  1.00 32.72 ? 82   ARG A CG  1 
ATOM   172 C CD  . ARG A 1 67  ? -10.750 -7.462  -8.598  1.00 34.34 ? 82   ARG A CD  1 
ATOM   173 N NE  . ARG A 1 67  ? -11.073 -8.539  -7.665  1.00 37.07 ? 82   ARG A NE  1 
ATOM   174 C CZ  . ARG A 1 67  ? -11.672 -8.350  -6.495  1.00 36.70 ? 82   ARG A CZ  1 
ATOM   175 N NH1 . ARG A 1 67  ? -12.020 -7.127  -6.114  1.00 36.44 ? 82   ARG A NH1 1 
ATOM   176 N NH2 . ARG A 1 67  ? -11.902 -9.381  -5.695  1.00 40.41 ? 82   ARG A NH2 1 
ATOM   177 N N   . ALA A 1 68  ? -5.776  -8.822  -8.093  1.00 23.08 ? 83   ALA A N   1 
ATOM   178 C CA  . ALA A 1 68  ? -4.494  -9.511  -8.087  1.00 22.73 ? 83   ALA A CA  1 
ATOM   179 C C   . ALA A 1 68  ? -4.405  -10.621 -7.045  1.00 22.90 ? 83   ALA A C   1 
ATOM   180 O O   . ALA A 1 68  ? -5.169  -10.653 -6.081  1.00 20.58 ? 83   ALA A O   1 
ATOM   181 C CB  . ALA A 1 68  ? -3.370  -8.514  -7.862  1.00 23.22 ? 83   ALA A CB  1 
ATOM   182 N N   . SER A 1 69  ? -3.465  -11.533 -7.264  1.00 22.84 ? 84   SER A N   1 
ATOM   183 C CA  . SER A 1 69  ? -3.212  -12.633 -6.344  1.00 24.09 ? 84   SER A CA  1 
ATOM   184 C C   . SER A 1 69  ? -1.871  -12.280 -5.708  1.00 23.66 ? 84   SER A C   1 
ATOM   185 O O   . SER A 1 69  ? -0.912  -11.971 -6.419  1.00 22.82 ? 84   SER A O   1 
ATOM   186 C CB  . SER A 1 69  ? -3.094  -13.957 -7.104  1.00 26.93 ? 84   SER A CB  1 
ATOM   187 O OG  . SER A 1 69  ? -2.686  -15.006 -6.239  1.00 34.58 ? 84   SER A OG  1 
ATOM   188 N N   . VAL A 1 70  ? -1.809  -12.305 -4.382  1.00 22.62 ? 85   VAL A N   1 
ATOM   189 C CA  . VAL A 1 70  ? -0.577  -11.972 -3.665  1.00 22.46 ? 85   VAL A CA  1 
ATOM   190 C C   . VAL A 1 70  ? -0.353  -12.941 -2.501  1.00 21.36 ? 85   VAL A C   1 
ATOM   191 O O   . VAL A 1 70  ? -1.261  -13.188 -1.710  1.00 22.06 ? 85   VAL A O   1 
ATOM   192 C CB  . VAL A 1 70  ? -0.631  -10.523 -3.089  1.00 21.77 ? 85   VAL A CB  1 
ATOM   193 C CG1 . VAL A 1 70  ? 0.652   -10.221 -2.283  1.00 22.35 ? 85   VAL A CG1 1 
ATOM   194 C CG2 . VAL A 1 70  ? -0.787  -9.512  -4.220  1.00 23.71 ? 85   VAL A CG2 1 
ATOM   195 N N   . ASP A 1 71  ? 0.863   -13.471 -2.403  1.00 19.85 ? 86   ASP A N   1 
ATOM   196 C CA  . ASP A 1 71  ? 1.244   -14.398 -1.334  1.00 18.16 ? 86   ASP A CA  1 
ATOM   197 C C   . ASP A 1 71  ? 2.647   -13.940 -0.972  1.00 18.28 ? 86   ASP A C   1 
ATOM   198 O O   . ASP A 1 71  ? 3.632   -14.400 -1.547  1.00 18.01 ? 86   ASP A O   1 
ATOM   199 C CB  . ASP A 1 71  ? 1.256   -15.835 -1.862  1.00 17.19 ? 86   ASP A CB  1 
ATOM   200 C CG  . ASP A 1 71  ? 1.846   -16.809 -0.869  1.00 20.32 ? 86   ASP A CG  1 
ATOM   201 O OD1 . ASP A 1 71  ? 1.968   -16.442 0.322   1.00 19.86 ? 86   ASP A OD1 1 
ATOM   202 O OD2 . ASP A 1 71  ? 2.180   -17.938 -1.279  1.00 19.29 ? 86   ASP A OD2 1 
ATOM   203 N N   . TRP A 1 72  ? 2.741   -13.043 -0.001  1.00 19.73 ? 87   TRP A N   1 
ATOM   204 C CA  . TRP A 1 72  ? 4.033   -12.463 0.322   1.00 22.39 ? 87   TRP A CA  1 
ATOM   205 C C   . TRP A 1 72  ? 4.018   -11.759 1.673   1.00 22.56 ? 87   TRP A C   1 
ATOM   206 O O   . TRP A 1 72  ? 2.986   -11.258 2.117   1.00 22.07 ? 87   TRP A O   1 
ATOM   207 C CB  . TRP A 1 72  ? 4.355   -11.454 -0.789  1.00 24.73 ? 87   TRP A CB  1 
ATOM   208 C CG  . TRP A 1 72  ? 5.676   -10.746 -0.729  1.00 27.16 ? 87   TRP A CG  1 
ATOM   209 C CD1 . TRP A 1 72  ? 6.810   -11.064 -1.425  1.00 27.85 ? 87   TRP A CD1 1 
ATOM   210 C CD2 . TRP A 1 72  ? 5.985   -9.565  0.019   1.00 25.32 ? 87   TRP A CD2 1 
ATOM   211 N NE1 . TRP A 1 72  ? 7.802   -10.149 -1.161  1.00 26.92 ? 87   TRP A NE1 1 
ATOM   212 C CE2 . TRP A 1 72  ? 7.323   -9.218  -0.277  1.00 27.14 ? 87   TRP A CE2 1 
ATOM   213 C CE3 . TRP A 1 72  ? 5.261   -8.762  0.912   1.00 25.86 ? 87   TRP A CE3 1 
ATOM   214 C CZ2 . TRP A 1 72  ? 7.954   -8.101  0.288   1.00 26.16 ? 87   TRP A CZ2 1 
ATOM   215 C CZ3 . TRP A 1 72  ? 5.890   -7.650  1.474   1.00 26.03 ? 87   TRP A CZ3 1 
ATOM   216 C CH2 . TRP A 1 72  ? 7.222   -7.334  1.157   1.00 24.21 ? 87   TRP A CH2 1 
ATOM   217 N N   . SER A 1 73  ? 5.171   -11.732 2.329   1.00 23.88 ? 88   SER A N   1 
ATOM   218 C CA  . SER A 1 73  ? 5.297   -11.042 3.603   1.00 26.08 ? 88   SER A CA  1 
ATOM   219 C C   . SER A 1 73  ? 6.676   -10.392 3.577   1.00 28.10 ? 88   SER A C   1 
ATOM   220 O O   . SER A 1 73  ? 7.590   -10.890 2.912   1.00 27.96 ? 88   SER A O   1 
ATOM   221 C CB  . SER A 1 73  ? 5.172   -12.015 4.783   1.00 27.78 ? 88   SER A CB  1 
ATOM   222 O OG  . SER A 1 73  ? 6.295   -12.862 4.881   1.00 32.10 ? 88   SER A OG  1 
ATOM   223 N N   . GLY A 1 74  ? 6.816   -9.268  4.270   1.00 28.39 ? 89   GLY A N   1 
ATOM   224 C CA  . GLY A 1 74  ? 8.088   -8.572  4.285   1.00 30.58 ? 89   GLY A CA  1 
ATOM   225 C C   . GLY A 1 74  ? 7.909   -7.068  4.415   1.00 30.26 ? 89   GLY A C   1 
ATOM   226 O O   . GLY A 1 74  ? 6.834   -6.611  4.801   1.00 31.14 ? 89   GLY A O   1 
ATOM   227 N N   . PRO A 1 75  ? 8.945   -6.277  4.098   1.00 31.46 ? 90   PRO A N   1 
ATOM   228 C CA  . PRO A 1 75  ? 8.929   -4.808  4.176   1.00 31.28 ? 90   PRO A CA  1 
ATOM   229 C C   . PRO A 1 75  ? 7.720   -4.170  3.489   1.00 29.57 ? 90   PRO A C   1 
ATOM   230 O O   . PRO A 1 75  ? 7.467   -4.415  2.313   1.00 29.14 ? 90   PRO A O   1 
ATOM   231 C CB  . PRO A 1 75  ? 10.244  -4.420  3.507   1.00 31.10 ? 90   PRO A CB  1 
ATOM   232 C CG  . PRO A 1 75  ? 11.142  -5.560  3.868   1.00 34.45 ? 90   PRO A CG  1 
ATOM   233 C CD  . PRO A 1 75  ? 10.255  -6.758  3.624   1.00 31.06 ? 90   PRO A CD  1 
ATOM   234 N N   . ILE A 1 76  ? 6.991   -3.346  4.236   1.00 30.76 ? 91   ILE A N   1 
ATOM   235 C CA  . ILE A 1 76  ? 5.802   -2.669  3.724   1.00 31.93 ? 91   ILE A CA  1 
ATOM   236 C C   . ILE A 1 76  ? 6.103   -1.814  2.499   1.00 32.29 ? 91   ILE A C   1 
ATOM   237 O O   . ILE A 1 76  ? 5.301   -1.729  1.568   1.00 31.74 ? 91   ILE A O   1 
ATOM   238 C CB  . ILE A 1 76  ? 5.178   -1.762  4.807   1.00 31.38 ? 91   ILE A CB  1 
ATOM   239 C CG1 . ILE A 1 76  ? 3.881   -1.144  4.286   1.00 31.85 ? 91   ILE A CG1 1 
ATOM   240 C CG2 . ILE A 1 76  ? 6.156   -0.653  5.192   1.00 31.81 ? 91   ILE A CG2 1 
ATOM   241 C CD1 . ILE A 1 76  ? 3.126   -0.343  5.325   1.00 29.93 ? 91   ILE A CD1 1 
ATOM   242 N N   . GLU A 1 77  ? 7.270   -1.185  2.509   1.00 31.83 ? 92   GLU A N   1 
ATOM   243 C CA  . GLU A 1 77  ? 7.697   -0.321  1.419   1.00 31.82 ? 92   GLU A CA  1 
ATOM   244 C C   . GLU A 1 77  ? 7.885   -1.105  0.122   1.00 31.05 ? 92   GLU A C   1 
ATOM   245 O O   . GLU A 1 77  ? 7.613   -0.605  -0.969  1.00 29.05 ? 92   GLU A O   1 
ATOM   246 C CB  . GLU A 1 77  ? 9.003   0.362   1.823   1.00 35.38 ? 92   GLU A CB  1 
ATOM   247 C CG  . GLU A 1 77  ? 9.369   1.584   1.027   1.00 40.28 ? 92   GLU A CG  1 
ATOM   248 C CD  . GLU A 1 77  ? 10.580  2.286   1.615   1.00 42.79 ? 92   GLU A CD  1 
ATOM   249 O OE1 . GLU A 1 77  ? 10.515  2.692   2.797   1.00 43.78 ? 92   GLU A OE1 1 
ATOM   250 O OE2 . GLU A 1 77  ? 11.591  2.425   0.899   1.00 44.23 ? 92   GLU A OE2 1 
ATOM   251 N N   . GLU A 1 78  ? 8.330   -2.350  0.241   1.00 29.32 ? 93   GLU A N   1 
ATOM   252 C CA  . GLU A 1 78  ? 8.557   -3.185  -0.932  1.00 27.75 ? 93   GLU A CA  1 
ATOM   253 C C   . GLU A 1 78  ? 7.262   -3.539  -1.676  1.00 24.93 ? 93   GLU A C   1 
ATOM   254 O O   . GLU A 1 78  ? 7.169   -3.385  -2.893  1.00 24.53 ? 93   GLU A O   1 
ATOM   255 C CB  . GLU A 1 78  ? 9.266   -4.473  -0.510  1.00 30.68 ? 93   GLU A CB  1 
ATOM   256 C CG  . GLU A 1 78  ? 10.120  -5.083  -1.596  1.00 38.60 ? 93   GLU A CG  1 
ATOM   257 C CD  . GLU A 1 78  ? 10.786  -6.366  -1.147  1.00 39.88 ? 93   GLU A CD  1 
ATOM   258 O OE1 . GLU A 1 78  ? 11.177  -6.451  0.037   1.00 39.22 ? 93   GLU A OE1 1 
ATOM   259 O OE2 . GLU A 1 78  ? 10.924  -7.284  -1.983  1.00 44.88 ? 93   GLU A OE2 1 
ATOM   260 N N   . LEU A 1 79  ? 6.267   -4.025  -0.946  1.00 24.66 ? 94   LEU A N   1 
ATOM   261 C CA  . LEU A 1 79  ? 5.005   -4.405  -1.570  1.00 24.37 ? 94   LEU A CA  1 
ATOM   262 C C   . LEU A 1 79  ? 4.242   -3.177  -2.051  1.00 23.41 ? 94   LEU A C   1 
ATOM   263 O O   . LEU A 1 79  ? 3.683   -3.169  -3.149  1.00 23.65 ? 94   LEU A O   1 
ATOM   264 C CB  . LEU A 1 79  ? 4.142   -5.200  -0.588  1.00 22.19 ? 94   LEU A CB  1 
ATOM   265 C CG  . LEU A 1 79  ? 2.835   -5.750  -1.167  1.00 22.30 ? 94   LEU A CG  1 
ATOM   266 C CD1 . LEU A 1 79  ? 3.129   -6.518  -2.455  1.00 22.79 ? 94   LEU A CD1 1 
ATOM   267 C CD2 . LEU A 1 79  ? 2.162   -6.655  -0.145  1.00 23.66 ? 94   LEU A CD2 1 
ATOM   268 N N   . THR A 1 80  ? 4.224   -2.140  -1.224  1.00 23.63 ? 95   THR A N   1 
ATOM   269 C CA  . THR A 1 80  ? 3.520   -0.912  -1.569  1.00 22.49 ? 95   THR A CA  1 
ATOM   270 C C   . THR A 1 80  ? 4.053   -0.333  -2.871  1.00 22.24 ? 95   THR A C   1 
ATOM   271 O O   . THR A 1 80  ? 3.277   0.060   -3.736  1.00 22.30 ? 95   THR A O   1 
ATOM   272 C CB  . THR A 1 80  ? 3.631   0.126   -0.430  1.00 21.18 ? 95   THR A CB  1 
ATOM   273 O OG1 . THR A 1 80  ? 3.084   -0.437  0.767   1.00 22.16 ? 95   THR A OG1 1 
ATOM   274 C CG2 . THR A 1 80  ? 2.848   1.390   -0.767  1.00 19.58 ? 95   THR A CG2 1 
ATOM   275 N N   . ALA A 1 81  ? 5.375   -0.298  -3.022  1.00 21.73 ? 96   ALA A N   1 
ATOM   276 C CA  . ALA A 1 81  ? 5.977   0.227   -4.239  1.00 21.30 ? 96   ALA A CA  1 
ATOM   277 C C   . ALA A 1 81  ? 5.623   -0.643  -5.443  1.00 23.59 ? 96   ALA A C   1 
ATOM   278 O O   . ALA A 1 81  ? 5.470   -0.147  -6.561  1.00 20.86 ? 96   ALA A O   1 
ATOM   279 C CB  . ALA A 1 81  ? 7.487   0.309   -4.083  1.00 24.76 ? 96   ALA A CB  1 
ATOM   280 N N   . ARG A 1 82  ? 5.499   -1.947  -5.216  1.00 21.55 ? 97   ARG A N   1 
ATOM   281 C CA  . ARG A 1 82  ? 5.155   -2.863  -6.294  1.00 21.84 ? 97   ARG A CA  1 
ATOM   282 C C   . ARG A 1 82  ? 3.707   -2.650  -6.735  1.00 20.50 ? 97   ARG A C   1 
ATOM   283 O O   . ARG A 1 82  ? 3.405   -2.662  -7.924  1.00 17.28 ? 97   ARG A O   1 
ATOM   284 C CB  . ARG A 1 82  ? 5.359   -4.308  -5.832  1.00 28.40 ? 97   ARG A CB  1 
ATOM   285 C CG  . ARG A 1 82  ? 6.469   -5.027  -6.577  1.00 38.21 ? 97   ARG A CG  1 
ATOM   286 C CD  . ARG A 1 82  ? 5.962   -5.582  -7.904  1.00 45.34 ? 97   ARG A CD  1 
ATOM   287 N NE  . ARG A 1 82  ? 7.048   -6.077  -8.749  1.00 51.43 ? 97   ARG A NE  1 
ATOM   288 C CZ  . ARG A 1 82  ? 7.018   -7.233  -9.407  1.00 54.86 ? 97   ARG A CZ  1 
ATOM   289 N NH1 . ARG A 1 82  ? 5.955   -8.023  -9.319  1.00 55.22 ? 97   ARG A NH1 1 
ATOM   290 N NH2 . ARG A 1 82  ? 8.055   -7.600  -10.154 1.00 56.39 ? 97   ARG A NH2 1 
ATOM   291 N N   . ILE A 1 83  ? 2.813   -2.461  -5.769  1.00 19.21 ? 98   ILE A N   1 
ATOM   292 C CA  . ILE A 1 83  ? 1.406   -2.230  -6.079  1.00 19.09 ? 98   ILE A CA  1 
ATOM   293 C C   . ILE A 1 83  ? 1.282   -0.928  -6.874  1.00 18.67 ? 98   ILE A C   1 
ATOM   294 O O   . ILE A 1 83  ? 0.630   -0.889  -7.920  1.00 19.70 ? 98   ILE A O   1 
ATOM   295 C CB  . ILE A 1 83  ? 0.568   -2.159  -4.783  1.00 18.76 ? 98   ILE A CB  1 
ATOM   296 C CG1 . ILE A 1 83  ? 0.501   -3.553  -4.150  1.00 19.77 ? 98   ILE A CG1 1 
ATOM   297 C CG2 . ILE A 1 83  ? -0.843  -1.637  -5.077  1.00 20.39 ? 98   ILE A CG2 1 
ATOM   298 C CD1 . ILE A 1 83  ? -0.149  -3.570  -2.786  1.00 17.23 ? 98   ILE A CD1 1 
ATOM   299 N N   . ALA A 1 84  ? 1.929   0.135   -6.396  1.00 18.32 ? 99   ALA A N   1 
ATOM   300 C CA  . ALA A 1 84  ? 1.870   1.423   -7.094  1.00 19.67 ? 99   ALA A CA  1 
ATOM   301 C C   . ALA A 1 84  ? 2.341   1.298   -8.541  1.00 20.54 ? 99   ALA A C   1 
ATOM   302 O O   . ALA A 1 84  ? 1.678   1.779   -9.463  1.00 20.42 ? 99   ALA A O   1 
ATOM   303 C CB  . ALA A 1 84  ? 2.716   2.464   -6.356  1.00 20.64 ? 99   ALA A CB  1 
ATOM   304 N N   . LYS A 1 85  ? 3.483   0.649   -8.746  1.00 22.84 ? 100  LYS A N   1 
ATOM   305 C CA  . LYS A 1 85  ? 4.018   0.470   -10.095 1.00 25.01 ? 100  LYS A CA  1 
ATOM   306 C C   . LYS A 1 85  ? 3.023   -0.297  -10.967 1.00 25.04 ? 100  LYS A C   1 
ATOM   307 O O   . LYS A 1 85  ? 2.783   0.056   -12.123 1.00 25.82 ? 100  LYS A O   1 
ATOM   308 C CB  . LYS A 1 85  ? 5.344   -0.297  -10.034 1.00 29.55 ? 100  LYS A CB  1 
ATOM   309 C CG  . LYS A 1 85  ? 5.940   -0.651  -11.392 1.00 37.31 ? 100  LYS A CG  1 
ATOM   310 C CD  . LYS A 1 85  ? 7.024   -1.715  -11.244 1.00 43.04 ? 100  LYS A CD  1 
ATOM   311 C CE  . LYS A 1 85  ? 7.664   -2.084  -12.579 1.00 47.33 ? 100  LYS A CE  1 
ATOM   312 N NZ  . LYS A 1 85  ? 8.464   -0.959  -13.155 1.00 51.59 ? 100  LYS A NZ  1 
ATOM   313 N N   . ALA A 1 86  ? 2.437   -1.343  -10.397 1.00 25.78 ? 101  ALA A N   1 
ATOM   314 C CA  . ALA A 1 86  ? 1.476   -2.170  -11.115 1.00 25.45 ? 101  ALA A CA  1 
ATOM   315 C C   . ALA A 1 86  ? 0.227   -1.388  -11.521 1.00 25.77 ? 101  ALA A C   1 
ATOM   316 O O   . ALA A 1 86  ? -0.387  -1.676  -12.549 1.00 26.01 ? 101  ALA A O   1 
ATOM   317 C CB  . ALA A 1 86  ? 1.086   -3.362  -10.254 1.00 25.12 ? 101  ALA A CB  1 
ATOM   318 N N   . ALA A 1 87  ? -0.147  -0.404  -10.706 1.00 23.45 ? 102  ALA A N   1 
ATOM   319 C CA  . ALA A 1 87  ? -1.332  0.410   -10.967 1.00 20.81 ? 102  ALA A CA  1 
ATOM   320 C C   . ALA A 1 87  ? -1.033  1.699   -11.729 1.00 20.20 ? 102  ALA A C   1 
ATOM   321 O O   . ALA A 1 87  ? -1.912  2.549   -11.882 1.00 19.45 ? 102  ALA A O   1 
ATOM   322 C CB  . ALA A 1 87  ? -2.027  0.750   -9.648  1.00 18.95 ? 102  ALA A CB  1 
ATOM   323 N N   . HIS A 1 88  ? 0.202   1.844   -12.193 1.00 20.62 ? 103  HIS A N   1 
ATOM   324 C CA  . HIS A 1 88  ? 0.622   3.024   -12.942 1.00 24.51 ? 103  HIS A CA  1 
ATOM   325 C C   . HIS A 1 88  ? 0.556   4.293   -12.089 1.00 25.62 ? 103  HIS A C   1 
ATOM   326 O O   . HIS A 1 88  ? 0.207   5.362   -12.582 1.00 25.05 ? 103  HIS A O   1 
ATOM   327 C CB  . HIS A 1 88  ? -0.250  3.186   -14.195 1.00 27.70 ? 103  HIS A CB  1 
ATOM   328 C CG  . HIS A 1 88  ? -0.383  1.925   -14.995 1.00 29.32 ? 103  HIS A CG  1 
ATOM   329 N ND1 . HIS A 1 88  ? 0.674   1.356   -15.669 1.00 30.94 ? 103  HIS A ND1 1 
ATOM   330 C CD2 . HIS A 1 88  ? -1.438  1.098   -15.181 1.00 31.40 ? 103  HIS A CD2 1 
ATOM   331 C CE1 . HIS A 1 88  ? 0.279   0.229   -16.236 1.00 31.81 ? 103  HIS A CE1 1 
ATOM   332 N NE2 . HIS A 1 88  ? -1.000  0.049   -15.954 1.00 33.66 ? 103  HIS A NE2 1 
ATOM   333 N N   . PHE A 1 89  ? 0.884   4.165   -10.806 1.00 21.97 ? 104  PHE A N   1 
ATOM   334 C CA  . PHE A 1 89  ? 0.897   5.308   -9.894  1.00 23.53 ? 104  PHE A CA  1 
ATOM   335 C C   . PHE A 1 89  ? 2.330   5.600   -9.465  1.00 24.52 ? 104  PHE A C   1 
ATOM   336 O O   . PHE A 1 89  ? 3.152   4.687   -9.352  1.00 24.26 ? 104  PHE A O   1 
ATOM   337 C CB  . PHE A 1 89  ? 0.101   5.023   -8.614  1.00 21.59 ? 104  PHE A CB  1 
ATOM   338 C CG  . PHE A 1 89  ? -1.370  5.314   -8.715  1.00 20.25 ? 104  PHE A CG  1 
ATOM   339 C CD1 . PHE A 1 89  ? -2.034  5.923   -7.652  1.00 20.36 ? 104  PHE A CD1 1 
ATOM   340 C CD2 . PHE A 1 89  ? -2.097  4.964   -9.847  1.00 24.40 ? 104  PHE A CD2 1 
ATOM   341 C CE1 . PHE A 1 89  ? -3.396  6.178   -7.711  1.00 21.00 ? 104  PHE A CE1 1 
ATOM   342 C CE2 . PHE A 1 89  ? -3.472  5.215   -9.919  1.00 25.07 ? 104  PHE A CE2 1 
ATOM   343 C CZ  . PHE A 1 89  ? -4.121  5.823   -8.848  1.00 24.31 ? 104  PHE A CZ  1 
ATOM   344 N N   . ARG A 1 90  ? 2.622   6.871   -9.222  1.00 26.15 ? 105  ARG A N   1 
ATOM   345 C CA  . ARG A 1 90  ? 3.938   7.259   -8.749  1.00 28.94 ? 105  ARG A CA  1 
ATOM   346 C C   . ARG A 1 90  ? 3.981   6.833   -7.290  1.00 30.18 ? 105  ARG A C   1 
ATOM   347 O O   . ARG A 1 90  ? 2.941   6.766   -6.626  1.00 31.32 ? 105  ARG A O   1 
ATOM   348 C CB  . ARG A 1 90  ? 4.128   8.777   -8.830  1.00 32.36 ? 105  ARG A CB  1 
ATOM   349 C CG  . ARG A 1 90  ? 4.629   9.294   -10.159 1.00 33.85 ? 105  ARG A CG  1 
ATOM   350 C CD  . ARG A 1 90  ? 5.017   10.765  -10.049 1.00 35.82 ? 105  ARG A CD  1 
ATOM   351 N NE  . ARG A 1 90  ? 3.858   11.647  -10.115 1.00 37.99 ? 105  ARG A NE  1 
ATOM   352 C CZ  . ARG A 1 90  ? 3.720   12.765  -9.404  1.00 38.75 ? 105  ARG A CZ  1 
ATOM   353 N NH1 . ARG A 1 90  ? 4.673   13.145  -8.560  1.00 38.68 ? 105  ARG A NH1 1 
ATOM   354 N NH2 . ARG A 1 90  ? 2.629   13.506  -9.544  1.00 35.36 ? 105  ARG A NH2 1 
ATOM   355 N N   . PHE A 1 91  ? 5.173   6.535   -6.792  1.00 29.09 ? 106  PHE A N   1 
ATOM   356 C CA  . PHE A 1 91  ? 5.325   6.138   -5.404  1.00 30.63 ? 106  PHE A CA  1 
ATOM   357 C C   . PHE A 1 91  ? 6.399   6.992   -4.758  1.00 32.61 ? 106  PHE A C   1 
ATOM   358 O O   . PHE A 1 91  ? 7.443   7.254   -5.352  1.00 33.17 ? 106  PHE A O   1 
ATOM   359 C CB  . PHE A 1 91  ? 5.719   4.661   -5.288  1.00 29.79 ? 106  PHE A CB  1 
ATOM   360 C CG  . PHE A 1 91  ? 6.016   4.217   -3.876  1.00 29.92 ? 106  PHE A CG  1 
ATOM   361 C CD1 . PHE A 1 91  ? 7.307   3.868   -3.496  1.00 30.68 ? 106  PHE A CD1 1 
ATOM   362 C CD2 . PHE A 1 91  ? 5.005   4.166   -2.924  1.00 29.49 ? 106  PHE A CD2 1 
ATOM   363 C CE1 . PHE A 1 91  ? 7.583   3.470   -2.187  1.00 27.65 ? 106  PHE A CE1 1 
ATOM   364 C CE2 . PHE A 1 91  ? 5.271   3.770   -1.617  1.00 29.32 ? 106  PHE A CE2 1 
ATOM   365 C CZ  . PHE A 1 91  ? 6.563   3.424   -1.247  1.00 29.21 ? 106  PHE A CZ  1 
ATOM   366 N N   . ARG A 1 92  ? 6.132   7.434   -3.541  1.00 35.25 ? 107  ARG A N   1 
ATOM   367 C CA  . ARG A 1 92  ? 7.102   8.239   -2.827  1.00 38.72 ? 107  ARG A CA  1 
ATOM   368 C C   . ARG A 1 92  ? 6.913   8.022   -1.345  1.00 39.61 ? 107  ARG A C   1 
ATOM   369 O O   . ARG A 1 92  ? 5.793   7.856   -0.864  1.00 39.85 ? 107  ARG A O   1 
ATOM   370 C CB  . ARG A 1 92  ? 6.944   9.719   -3.182  1.00 39.34 ? 107  ARG A CB  1 
ATOM   371 C CG  . ARG A 1 92  ? 5.763   10.413  -2.541  1.00 41.34 ? 107  ARG A CG  1 
ATOM   372 C CD  . ARG A 1 92  ? 5.602   11.797  -3.144  1.00 42.93 ? 107  ARG A CD  1 
ATOM   373 N NE  . ARG A 1 92  ? 4.632   12.618  -2.426  1.00 43.17 ? 107  ARG A NE  1 
ATOM   374 C CZ  . ARG A 1 92  ? 4.195   13.794  -2.864  1.00 43.98 ? 107  ARG A CZ  1 
ATOM   375 N NH1 . ARG A 1 92  ? 3.316   14.483  -2.153  1.00 43.36 ? 107  ARG A NH1 1 
ATOM   376 N NH2 . ARG A 1 92  ? 4.635   14.274  -4.020  1.00 44.87 ? 107  ARG A NH2 1 
ATOM   377 N N   . VAL A 1 93  ? 8.025   8.000   -0.625  1.00 41.92 ? 108  VAL A N   1 
ATOM   378 C CA  . VAL A 1 93  ? 7.990   7.798   0.809   1.00 43.09 ? 108  VAL A CA  1 
ATOM   379 C C   . VAL A 1 93  ? 8.279   9.110   1.520   1.00 45.31 ? 108  VAL A C   1 
ATOM   380 O O   . VAL A 1 93  ? 9.187   9.846   1.140   1.00 45.03 ? 108  VAL A O   1 
ATOM   381 C CB  . VAL A 1 93  ? 9.041   6.754   1.243   1.00 43.30 ? 108  VAL A CB  1 
ATOM   382 C CG1 . VAL A 1 93  ? 9.093   6.664   2.760   1.00 41.17 ? 108  VAL A CG1 1 
ATOM   383 C CG2 . VAL A 1 93  ? 8.701   5.399   0.639   1.00 42.91 ? 108  VAL A CG2 1 
ATOM   384 N N   . LEU A 1 94  ? 7.484   9.402   2.542   1.00 47.05 ? 109  LEU A N   1 
ATOM   385 C CA  . LEU A 1 94  ? 7.672   10.607  3.326   1.00 50.93 ? 109  LEU A CA  1 
ATOM   386 C C   . LEU A 1 94  ? 8.067   10.165  4.726   1.00 52.62 ? 109  LEU A C   1 
ATOM   387 O O   . LEU A 1 94  ? 7.491   9.225   5.278   1.00 53.42 ? 109  LEU A O   1 
ATOM   388 C CB  . LEU A 1 94  ? 6.387   11.435  3.365   1.00 51.36 ? 109  LEU A CB  1 
ATOM   389 C CG  . LEU A 1 94  ? 5.865   11.904  2.002   1.00 52.56 ? 109  LEU A CG  1 
ATOM   390 C CD1 . LEU A 1 94  ? 4.763   12.927  2.216   1.00 52.74 ? 109  LEU A CD1 1 
ATOM   391 C CD2 . LEU A 1 94  ? 6.995   12.522  1.186   1.00 52.00 ? 109  LEU A CD2 1 
ATOM   392 N N   . GLY A 1 95  ? 9.055   10.844  5.294   1.00 54.18 ? 110  GLY A N   1 
ATOM   393 C CA  . GLY A 1 95  ? 9.524   10.478  6.613   1.00 55.33 ? 110  GLY A CA  1 
ATOM   394 C C   . GLY A 1 95  ? 10.778  9.653   6.431   1.00 56.90 ? 110  GLY A C   1 
ATOM   395 O O   . GLY A 1 95  ? 11.323  9.581   5.329   1.00 57.02 ? 110  GLY A O   1 
ATOM   396 N N   . LYS A 1 96  ? 11.236  9.019   7.502   1.00 58.18 ? 111  LYS A N   1 
ATOM   397 C CA  . LYS A 1 96  ? 12.441  8.209   7.437   1.00 59.75 ? 111  LYS A CA  1 
ATOM   398 C C   . LYS A 1 96  ? 12.105  6.773   7.821   1.00 60.21 ? 111  LYS A C   1 
ATOM   399 O O   . LYS A 1 96  ? 11.448  6.531   8.833   1.00 59.92 ? 111  LYS A O   1 
ATOM   400 C CB  . LYS A 1 96  ? 13.496  8.791   8.387   1.00 60.79 ? 111  LYS A CB  1 
ATOM   401 C CG  . LYS A 1 96  ? 14.921  8.306   8.148   1.00 62.36 ? 111  LYS A CG  1 
ATOM   402 C CD  . LYS A 1 96  ? 15.178  6.924   8.731   1.00 63.68 ? 111  LYS A CD  1 
ATOM   403 C CE  . LYS A 1 96  ? 15.052  6.924   10.250  1.00 64.78 ? 111  LYS A CE  1 
ATOM   404 N NZ  . LYS A 1 96  ? 15.444  5.616   10.850  1.00 64.88 ? 111  LYS A NZ  1 
ATOM   405 N N   . SER A 1 97  ? 12.542  5.824   6.999   1.00 60.72 ? 112  SER A N   1 
ATOM   406 C CA  . SER A 1 97  ? 12.291  4.412   7.265   1.00 61.61 ? 112  SER A CA  1 
ATOM   407 C C   . SER A 1 97  ? 12.789  4.071   8.667   1.00 61.56 ? 112  SER A C   1 
ATOM   408 O O   . SER A 1 97  ? 13.942  4.338   9.006   1.00 62.49 ? 112  SER A O   1 
ATOM   409 C CB  . SER A 1 97  ? 13.010  3.548   6.228   1.00 62.56 ? 112  SER A CB  1 
ATOM   410 O OG  . SER A 1 97  ? 12.626  3.909   4.911   1.00 63.94 ? 112  SER A OG  1 
ATOM   411 N N   . PRO A 1 98  ? 11.928  3.462   9.497   1.00 61.06 ? 113  PRO A N   1 
ATOM   412 C CA  . PRO A 1 98  ? 12.278  3.087   10.871  1.00 60.14 ? 113  PRO A CA  1 
ATOM   413 C C   . PRO A 1 98  ? 13.490  2.169   10.967  1.00 59.39 ? 113  PRO A C   1 
ATOM   414 O O   . PRO A 1 98  ? 13.877  1.526   9.988   1.00 59.65 ? 113  PRO A O   1 
ATOM   415 C CB  . PRO A 1 98  ? 11.004  2.415   11.374  1.00 60.23 ? 113  PRO A CB  1 
ATOM   416 C CG  . PRO A 1 98  ? 10.484  1.756   10.140  1.00 61.10 ? 113  PRO A CG  1 
ATOM   417 C CD  . PRO A 1 98  ? 10.637  2.861   9.115   1.00 61.57 ? 113  PRO A CD  1 
ATOM   418 N N   . SER A 1 99  ? 14.093  2.125   12.153  1.00 58.56 ? 114  SER A N   1 
ATOM   419 C CA  . SER A 1 99  ? 15.249  1.274   12.400  1.00 57.52 ? 114  SER A CA  1 
ATOM   420 C C   . SER A 1 99  ? 14.806  -0.154  12.114  1.00 56.55 ? 114  SER A C   1 
ATOM   421 O O   . SER A 1 99  ? 15.400  -0.854  11.293  1.00 56.08 ? 114  SER A O   1 
ATOM   422 C CB  . SER A 1 99  ? 15.698  1.401   13.857  1.00 57.69 ? 114  SER A CB  1 
ATOM   423 O OG  . SER A 1 99  ? 16.773  0.523   14.132  1.00 59.28 ? 114  SER A OG  1 
ATOM   424 N N   . VAL A 1 100 ? 13.756  -0.581  12.807  1.00 55.06 ? 115  VAL A N   1 
ATOM   425 C CA  . VAL A 1 100 ? 13.204  -1.911  12.605  1.00 53.11 ? 115  VAL A CA  1 
ATOM   426 C C   . VAL A 1 100 ? 12.081  -1.751  11.582  1.00 51.07 ? 115  VAL A C   1 
ATOM   427 O O   . VAL A 1 100 ? 11.049  -1.142  11.862  1.00 50.12 ? 115  VAL A O   1 
ATOM   428 C CB  . VAL A 1 100 ? 12.648  -2.506  13.929  1.00 53.93 ? 115  VAL A CB  1 
ATOM   429 C CG1 . VAL A 1 100 ? 13.787  -2.726  14.912  1.00 54.33 ? 115  VAL A CG1 1 
ATOM   430 C CG2 . VAL A 1 100 ? 11.613  -1.576  14.541  1.00 54.99 ? 115  VAL A CG2 1 
ATOM   431 N N   . PRO A 1 101 ? 12.289  -2.273  10.366  1.00 49.35 ? 116  PRO A N   1 
ATOM   432 C CA  . PRO A 1 101 ? 11.296  -2.183  9.290   1.00 47.71 ? 116  PRO A CA  1 
ATOM   433 C C   . PRO A 1 101 ? 9.908   -2.655  9.698   1.00 45.12 ? 116  PRO A C   1 
ATOM   434 O O   . PRO A 1 101 ? 9.767   -3.548  10.531  1.00 44.96 ? 116  PRO A O   1 
ATOM   435 C CB  . PRO A 1 101 ? 11.898  -3.056  8.194   1.00 48.45 ? 116  PRO A CB  1 
ATOM   436 C CG  . PRO A 1 101 ? 13.371  -2.870  8.399   1.00 49.96 ? 116  PRO A CG  1 
ATOM   437 C CD  . PRO A 1 101 ? 13.497  -2.977  9.901   1.00 49.57 ? 116  PRO A CD  1 
ATOM   438 N N   . VAL A 1 102 ? 8.886   -2.035  9.114   1.00 41.82 ? 117  VAL A N   1 
ATOM   439 C CA  . VAL A 1 102 ? 7.505   -2.410  9.386   1.00 38.16 ? 117  VAL A CA  1 
ATOM   440 C C   . VAL A 1 102 ? 7.191   -3.567  8.442   1.00 35.85 ? 117  VAL A C   1 
ATOM   441 O O   . VAL A 1 102 ? 7.206   -3.397  7.222   1.00 32.87 ? 117  VAL A O   1 
ATOM   442 C CB  . VAL A 1 102 ? 6.539   -1.247  9.084   1.00 40.12 ? 117  VAL A CB  1 
ATOM   443 C CG1 . VAL A 1 102 ? 5.120   -1.637  9.464   1.00 39.77 ? 117  VAL A CG1 1 
ATOM   444 C CG2 . VAL A 1 102 ? 6.974   -0.002  9.838   1.00 41.50 ? 117  VAL A CG2 1 
ATOM   445 N N   . LEU A 1 103 ? 6.922   -4.743  8.998   1.00 32.09 ? 118  LEU A N   1 
ATOM   446 C CA  . LEU A 1 103 ? 6.631   -5.906  8.169   1.00 29.23 ? 118  LEU A CA  1 
ATOM   447 C C   . LEU A 1 103 ? 5.139   -6.177  8.092   1.00 25.90 ? 118  LEU A C   1 
ATOM   448 O O   . LEU A 1 103 ? 4.408   -5.991  9.062   1.00 25.19 ? 118  LEU A O   1 
ATOM   449 C CB  . LEU A 1 103 ? 7.360   -7.143  8.713   1.00 31.73 ? 118  LEU A CB  1 
ATOM   450 C CG  . LEU A 1 103 ? 8.872   -6.978  8.905   1.00 33.70 ? 118  LEU A CG  1 
ATOM   451 C CD1 . LEU A 1 103 ? 9.468   -8.266  9.465   1.00 33.34 ? 118  LEU A CD1 1 
ATOM   452 C CD2 . LEU A 1 103 ? 9.522   -6.615  7.583   1.00 31.14 ? 118  LEU A CD2 1 
ATOM   453 N N   . ILE A 1 104 ? 4.689   -6.614  6.922   1.00 25.55 ? 119  ILE A N   1 
ATOM   454 C CA  . ILE A 1 104 ? 3.283   -6.915  6.710   1.00 22.26 ? 119  ILE A CA  1 
ATOM   455 C C   . ILE A 1 104 ? 3.164   -8.239  5.961   1.00 21.57 ? 119  ILE A C   1 
ATOM   456 O O   . ILE A 1 104 ? 4.150   -8.749  5.430   1.00 20.92 ? 119  ILE A O   1 
ATOM   457 C CB  . ILE A 1 104 ? 2.585   -5.763  5.908   1.00 24.50 ? 119  ILE A CB  1 
ATOM   458 C CG1 . ILE A 1 104 ? 3.367   -5.435  4.635   1.00 24.11 ? 119  ILE A CG1 1 
ATOM   459 C CG2 . ILE A 1 104 ? 2.511   -4.507  6.766   1.00 23.92 ? 119  ILE A CG2 1 
ATOM   460 C CD1 . ILE A 1 104 ? 3.222   -6.456  3.523   1.00 26.74 ? 119  ILE A CD1 1 
ATOM   461 N N   . SER A 1 105 ? 1.963   -8.802  5.920   1.00 20.81 ? 120  SER A N   1 
ATOM   462 C CA  . SER A 1 105 ? 1.772   -10.075 5.235   1.00 21.94 ? 120  SER A CA  1 
ATOM   463 C C   . SER A 1 105 ? 0.454   -10.063 4.493   1.00 19.36 ? 120  SER A C   1 
ATOM   464 O O   . SER A 1 105 ? -0.571  -9.687  5.058   1.00 24.26 ? 120  SER A O   1 
ATOM   465 C CB  . SER A 1 105 ? 1.777   -11.235 6.245   1.00 22.27 ? 120  SER A CB  1 
ATOM   466 O OG  . SER A 1 105 ? 1.605   -12.481 5.582   1.00 26.43 ? 120  SER A OG  1 
ATOM   467 N N   . ILE A 1 106 ? 0.486   -10.457 3.226   1.00 20.32 ? 121  ILE A N   1 
ATOM   468 C CA  . ILE A 1 106 ? -0.730  -10.497 2.415   1.00 18.93 ? 121  ILE A CA  1 
ATOM   469 C C   . ILE A 1 106 ? -0.860  -11.878 1.784   1.00 20.05 ? 121  ILE A C   1 
ATOM   470 O O   . ILE A 1 106 ? 0.057   -12.358 1.111   1.00 22.67 ? 121  ILE A O   1 
ATOM   471 C CB  . ILE A 1 106 ? -0.705  -9.455  1.272   1.00 17.49 ? 121  ILE A CB  1 
ATOM   472 C CG1 . ILE A 1 106 ? -0.723  -8.025  1.839   1.00 16.19 ? 121  ILE A CG1 1 
ATOM   473 C CG2 . ILE A 1 106 ? -1.883  -9.710  0.331   1.00 16.72 ? 121  ILE A CG2 1 
ATOM   474 C CD1 . ILE A 1 106 ? -1.962  -7.667  2.626   1.00 12.12 ? 121  ILE A CD1 1 
ATOM   475 N N   . SER A 1 107 ? -2.004  -12.509 2.011   1.00 19.05 ? 122  SER A N   1 
ATOM   476 C CA  . SER A 1 107 ? -2.288  -13.829 1.471   1.00 21.87 ? 122  SER A CA  1 
ATOM   477 C C   . SER A 1 107 ? -3.680  -13.790 0.857   1.00 21.77 ? 122  SER A C   1 
ATOM   478 O O   . SER A 1 107 ? -4.669  -13.881 1.573   1.00 21.90 ? 122  SER A O   1 
ATOM   479 C CB  . SER A 1 107 ? -2.269  -14.882 2.590   1.00 21.38 ? 122  SER A CB  1 
ATOM   480 O OG  . SER A 1 107 ? -1.012  -14.905 3.241   1.00 28.56 ? 122  SER A OG  1 
ATOM   481 N N   . THR A 1 108 ? -3.753  -13.635 -0.460  1.00 23.63 ? 123  THR A N   1 
ATOM   482 C CA  . THR A 1 108 ? -5.041  -13.601 -1.149  1.00 24.02 ? 123  THR A CA  1 
ATOM   483 C C   . THR A 1 108 ? -4.901  -14.136 -2.560  1.00 22.78 ? 123  THR A C   1 
ATOM   484 O O   . THR A 1 108 ? -3.892  -13.905 -3.226  1.00 22.95 ? 123  THR A O   1 
ATOM   485 C CB  . THR A 1 108 ? -5.627  -12.166 -1.215  1.00 25.24 ? 123  THR A CB  1 
ATOM   486 O OG1 . THR A 1 108 ? -6.891  -12.199 -1.898  1.00 28.79 ? 123  THR A OG1 1 
ATOM   487 C CG2 . THR A 1 108 ? -4.682  -11.227 -1.956  1.00 22.96 ? 123  THR A CG2 1 
ATOM   488 N N   . LYS A 1 109 ? -5.915  -14.865 -3.009  1.00 23.60 ? 124  LYS A N   1 
ATOM   489 C CA  . LYS A 1 109 ? -5.918  -15.433 -4.347  1.00 25.17 ? 124  LYS A CA  1 
ATOM   490 C C   . LYS A 1 109 ? -6.582  -14.446 -5.300  1.00 25.30 ? 124  LYS A C   1 
ATOM   491 O O   . LYS A 1 109 ? -6.426  -14.550 -6.515  1.00 26.50 ? 124  LYS A O   1 
ATOM   492 C CB  . LYS A 1 109 ? -6.694  -16.757 -4.367  1.00 26.12 ? 124  LYS A CB  1 
ATOM   493 C CG  . LYS A 1 109 ? -6.161  -17.823 -3.414  1.00 26.01 ? 124  LYS A CG  1 
ATOM   494 C CD  . LYS A 1 109 ? -4.875  -18.462 -3.926  1.00 25.30 ? 124  LYS A CD  1 
ATOM   495 C CE  . LYS A 1 109 ? -4.404  -19.566 -2.980  1.00 23.61 ? 124  LYS A CE  1 
ATOM   496 N NZ  . LYS A 1 109 ? -3.173  -20.254 -3.464  1.00 22.91 ? 124  LYS A NZ  1 
ATOM   497 N N   . ASP A 1 110 ? -7.306  -13.481 -4.742  1.00 27.24 ? 125  ASP A N   1 
ATOM   498 C CA  . ASP A 1 110 ? -8.010  -12.494 -5.556  1.00 29.15 ? 125  ASP A CA  1 
ATOM   499 C C   . ASP A 1 110 ? -8.511  -11.313 -4.727  1.00 27.70 ? 125  ASP A C   1 
ATOM   500 O O   . ASP A 1 110 ? -9.420  -11.456 -3.915  1.00 28.00 ? 125  ASP A O   1 
ATOM   501 C CB  . ASP A 1 110 ? -9.186  -13.177 -6.266  1.00 34.05 ? 125  ASP A CB  1 
ATOM   502 C CG  . ASP A 1 110 ? -10.051 -12.202 -7.048  1.00 36.74 ? 125  ASP A CG  1 
ATOM   503 O OD1 . ASP A 1 110 ? -9.506  -11.462 -7.891  1.00 40.15 ? 125  ASP A OD1 1 
ATOM   504 O OD2 . ASP A 1 110 ? -11.280 -12.183 -6.824  1.00 39.48 ? 125  ASP A OD2 1 
ATOM   505 N N   . GLU A 1 111 ? -7.910  -10.144 -4.936  1.00 25.32 ? 126  GLU A N   1 
ATOM   506 C CA  . GLU A 1 111 ? -8.304  -8.933  -4.214  1.00 25.40 ? 126  GLU A CA  1 
ATOM   507 C C   . GLU A 1 111 ? -7.919  -7.714  -5.042  1.00 22.27 ? 126  GLU A C   1 
ATOM   508 O O   . GLU A 1 111 ? -7.004  -7.791  -5.851  1.00 21.52 ? 126  GLU A O   1 
ATOM   509 C CB  . GLU A 1 111 ? -7.591  -8.873  -2.862  1.00 25.67 ? 126  GLU A CB  1 
ATOM   510 C CG  . GLU A 1 111 ? -8.057  -7.768  -1.945  1.00 29.29 ? 126  GLU A CG  1 
ATOM   511 C CD  . GLU A 1 111 ? -9.550  -7.827  -1.691  1.00 35.80 ? 126  GLU A CD  1 
ATOM   512 O OE1 . GLU A 1 111 ? -10.321 -7.252  -2.498  1.00 34.43 ? 126  GLU A OE1 1 
ATOM   513 O OE2 . GLU A 1 111 ? -9.954  -8.463  -0.694  1.00 38.15 ? 126  GLU A OE2 1 
ATOM   514 N N   . SER A 1 112 ? -8.611  -6.596  -4.846  1.00 21.29 ? 127  SER A N   1 
ATOM   515 C CA  . SER A 1 112 ? -8.284  -5.389  -5.600  1.00 21.87 ? 127  SER A CA  1 
ATOM   516 C C   . SER A 1 112 ? -7.045  -4.764  -4.979  1.00 21.17 ? 127  SER A C   1 
ATOM   517 O O   . SER A 1 112 ? -6.802  -4.914  -3.778  1.00 20.57 ? 127  SER A O   1 
ATOM   518 C CB  . SER A 1 112 ? -9.434  -4.382  -5.543  1.00 22.35 ? 127  SER A CB  1 
ATOM   519 O OG  . SER A 1 112 ? -9.552  -3.815  -4.249  1.00 20.97 ? 127  SER A OG  1 
ATOM   520 N N   . LEU A 1 113 ? -6.258  -4.067  -5.789  1.00 18.19 ? 128  LEU A N   1 
ATOM   521 C CA  . LEU A 1 113 ? -5.059  -3.422  -5.279  1.00 19.37 ? 128  LEU A CA  1 
ATOM   522 C C   . LEU A 1 113 ? -5.446  -2.430  -4.180  1.00 20.36 ? 128  LEU A C   1 
ATOM   523 O O   . LEU A 1 113 ? -4.708  -2.233  -3.219  1.00 20.28 ? 128  LEU A O   1 
ATOM   524 C CB  . LEU A 1 113 ? -4.327  -2.702  -6.416  1.00 17.25 ? 128  LEU A CB  1 
ATOM   525 C CG  . LEU A 1 113 ? -3.932  -3.583  -7.606  1.00 17.18 ? 128  LEU A CG  1 
ATOM   526 C CD1 . LEU A 1 113 ? -3.252  -2.727  -8.670  1.00 16.79 ? 128  LEU A CD1 1 
ATOM   527 C CD2 . LEU A 1 113 ? -2.993  -4.708  -7.140  1.00 18.54 ? 128  LEU A CD2 1 
ATOM   528 N N   . ALA A 1 114 ? -6.608  -1.804  -4.332  1.00 19.51 ? 129  ALA A N   1 
ATOM   529 C CA  . ALA A 1 114 ? -7.101  -0.839  -3.352  1.00 21.37 ? 129  ALA A CA  1 
ATOM   530 C C   . ALA A 1 114 ? -7.314  -1.489  -1.980  1.00 21.60 ? 129  ALA A C   1 
ATOM   531 O O   . ALA A 1 114 ? -6.931  -0.933  -0.948  1.00 21.14 ? 129  ALA A O   1 
ATOM   532 C CB  . ALA A 1 114 ? -8.422  -0.220  -3.847  1.00 22.31 ? 129  ALA A CB  1 
ATOM   533 N N   . GLU A 1 115 ? -7.938  -2.661  -1.969  1.00 23.19 ? 130  GLU A N   1 
ATOM   534 C CA  . GLU A 1 115 ? -8.194  -3.363  -0.717  1.00 25.58 ? 130  GLU A CA  1 
ATOM   535 C C   . GLU A 1 115 ? -6.904  -3.918  -0.116  1.00 24.83 ? 130  GLU A C   1 
ATOM   536 O O   . GLU A 1 115 ? -6.783  -4.028  1.102   1.00 24.77 ? 130  GLU A O   1 
ATOM   537 C CB  . GLU A 1 115 ? -9.196  -4.497  -0.934  1.00 28.31 ? 130  GLU A CB  1 
ATOM   538 C CG  . GLU A 1 115 ? -10.654 -4.085  -0.792  1.00 36.67 ? 130  GLU A CG  1 
ATOM   539 C CD  . GLU A 1 115 ? -10.979 -3.568  0.604   1.00 42.43 ? 130  GLU A CD  1 
ATOM   540 O OE1 . GLU A 1 115 ? -10.724 -2.376  0.887   1.00 45.48 ? 130  GLU A OE1 1 
ATOM   541 O OE2 . GLU A 1 115 ? -11.482 -4.363  1.427   1.00 47.29 ? 130  GLU A OE2 1 
ATOM   542 N N   . ILE A 1 116 ? -5.944  -4.277  -0.966  1.00 22.56 ? 131  ILE A N   1 
ATOM   543 C CA  . ILE A 1 116 ? -4.673  -4.789  -0.465  1.00 21.44 ? 131  ILE A CA  1 
ATOM   544 C C   . ILE A 1 116 ? -3.943  -3.636  0.228   1.00 22.64 ? 131  ILE A C   1 
ATOM   545 O O   . ILE A 1 116 ? -3.365  -3.808  1.308   1.00 22.47 ? 131  ILE A O   1 
ATOM   546 C CB  . ILE A 1 116 ? -3.800  -5.361  -1.613  1.00 19.69 ? 131  ILE A CB  1 
ATOM   547 C CG1 . ILE A 1 116 ? -4.454  -6.618  -2.184  1.00 18.91 ? 131  ILE A CG1 1 
ATOM   548 C CG2 . ILE A 1 116 ? -2.397  -5.692  -1.093  1.00 19.60 ? 131  ILE A CG2 1 
ATOM   549 C CD1 . ILE A 1 116 ? -3.753  -7.177  -3.416  1.00 18.68 ? 131  ILE A CD1 1 
ATOM   550 N N   . LEU A 1 117 ? -3.988  -2.453  -0.382  1.00 19.87 ? 132  LEU A N   1 
ATOM   551 C CA  . LEU A 1 117 ? -3.338  -1.277  0.195   1.00 19.69 ? 132  LEU A CA  1 
ATOM   552 C C   . LEU A 1 117 ? -3.956  -0.913  1.534   1.00 19.47 ? 132  LEU A C   1 
ATOM   553 O O   . LEU A 1 117 ? -3.254  -0.493  2.456   1.00 21.18 ? 132  LEU A O   1 
ATOM   554 C CB  . LEU A 1 117 ? -3.443  -0.070  -0.744  1.00 18.46 ? 132  LEU A CB  1 
ATOM   555 C CG  . LEU A 1 117 ? -2.521  -0.037  -1.959  1.00 19.18 ? 132  LEU A CG  1 
ATOM   556 C CD1 . LEU A 1 117 ? -2.849  1.192   -2.801  1.00 18.66 ? 132  LEU A CD1 1 
ATOM   557 C CD2 . LEU A 1 117 ? -1.057  -0.013  -1.508  1.00 21.23 ? 132  LEU A CD2 1 
ATOM   558 N N   . ARG A 1 118 ? -5.270  -1.055  1.641   1.00 22.11 ? 133  ARG A N   1 
ATOM   559 C CA  . ARG A 1 118 ? -5.948  -0.742  2.894   1.00 25.00 ? 133  ARG A CA  1 
ATOM   560 C C   . ARG A 1 118 ? -5.575  -1.764  3.962   1.00 27.40 ? 133  ARG A C   1 
ATOM   561 O O   . ARG A 1 118 ? -5.426  -1.417  5.134   1.00 27.63 ? 133  ARG A O   1 
ATOM   562 C CB  . ARG A 1 118 ? -7.460  -0.724  2.685   1.00 25.65 ? 133  ARG A CB  1 
ATOM   563 C CG  . ARG A 1 118 ? -7.931  0.559   2.034   1.00 32.17 ? 133  ARG A CG  1 
ATOM   564 C CD  . ARG A 1 118 ? -9.308  0.415   1.437   1.00 35.51 ? 133  ARG A CD  1 
ATOM   565 N NE  . ARG A 1 118 ? -9.650  1.598   0.660   1.00 39.94 ? 133  ARG A NE  1 
ATOM   566 C CZ  . ARG A 1 118 ? -10.530 1.606   -0.333  1.00 42.56 ? 133  ARG A CZ  1 
ATOM   567 N NH1 . ARG A 1 118 ? -10.781 2.733   -0.989  1.00 44.17 ? 133  ARG A NH1 1 
ATOM   568 N NH2 . ARG A 1 118 ? -11.152 0.483   -0.674  1.00 43.73 ? 133  ARG A NH2 1 
ATOM   569 N N   . ASP A 1 119 ? -5.427  -3.019  3.544   1.00 27.93 ? 134  ASP A N   1 
ATOM   570 C CA  . ASP A 1 119 ? -5.046  -4.108  4.450   1.00 29.08 ? 134  ASP A CA  1 
ATOM   571 C C   . ASP A 1 119 ? -3.651  -3.770  4.995   1.00 29.82 ? 134  ASP A C   1 
ATOM   572 O O   . ASP A 1 119 ? -3.425  -3.772  6.206   1.00 30.66 ? 134  ASP A O   1 
ATOM   573 C CB  . ASP A 1 119 ? -5.001  -5.430  3.677   1.00 28.60 ? 134  ASP A CB  1 
ATOM   574 C CG  . ASP A 1 119 ? -4.977  -6.656  4.589   1.00 32.37 ? 134  ASP A CG  1 
ATOM   575 O OD1 . ASP A 1 119 ? -4.244  -6.649  5.595   1.00 31.37 ? 134  ASP A OD1 1 
ATOM   576 O OD2 . ASP A 1 119 ? -5.683  -7.637  4.278   1.00 34.45 ? 134  ASP A OD2 1 
ATOM   577 N N   . ILE A 1 120 ? -2.731  -3.468  4.085   1.00 29.44 ? 135  ILE A N   1 
ATOM   578 C CA  . ILE A 1 120 ? -1.361  -3.102  4.429   1.00 31.91 ? 135  ILE A CA  1 
ATOM   579 C C   . ILE A 1 120 ? -1.325  -1.895  5.364   1.00 33.82 ? 135  ILE A C   1 
ATOM   580 O O   . ILE A 1 120 ? -0.571  -1.871  6.343   1.00 33.10 ? 135  ILE A O   1 
ATOM   581 C CB  . ILE A 1 120 ? -0.556  -2.736  3.166   1.00 33.15 ? 135  ILE A CB  1 
ATOM   582 C CG1 . ILE A 1 120 ? -0.343  -3.975  2.299   1.00 34.54 ? 135  ILE A CG1 1 
ATOM   583 C CG2 . ILE A 1 120 ? 0.769   -2.120  3.550   1.00 34.31 ? 135  ILE A CG2 1 
ATOM   584 C CD1 . ILE A 1 120 ? 0.348   -3.668  0.983   1.00 34.23 ? 135  ILE A CD1 1 
ATOM   585 N N   . ASP A 1 121 ? -2.135  -0.889  5.044   1.00 33.42 ? 136  ASP A N   1 
ATOM   586 C CA  . ASP A 1 121 ? -2.208  0.335   5.835   1.00 35.71 ? 136  ASP A CA  1 
ATOM   587 C C   . ASP A 1 121 ? -2.586  0.005   7.275   1.00 37.46 ? 136  ASP A C   1 
ATOM   588 O O   . ASP A 1 121 ? -1.913  0.429   8.215   1.00 39.37 ? 136  ASP A O   1 
ATOM   589 C CB  . ASP A 1 121 ? -3.236  1.292   5.215   1.00 34.57 ? 136  ASP A CB  1 
ATOM   590 C CG  . ASP A 1 121 ? -3.209  2.676   5.846   1.00 37.30 ? 136  ASP A CG  1 
ATOM   591 O OD1 . ASP A 1 121 ? -2.108  3.257   5.989   1.00 39.85 ? 136  ASP A OD1 1 
ATOM   592 O OD2 . ASP A 1 121 ? -4.294  3.189   6.184   1.00 38.41 ? 136  ASP A OD2 1 
ATOM   593 N N   . TYR A 1 122 ? -3.659  -0.756  7.446   1.00 39.53 ? 137  TYR A N   1 
ATOM   594 C CA  . TYR A 1 122 ? -4.105  -1.146  8.774   1.00 42.41 ? 137  TYR A CA  1 
ATOM   595 C C   . TYR A 1 122 ? -2.987  -1.871  9.521   1.00 42.83 ? 137  TYR A C   1 
ATOM   596 O O   . TYR A 1 122 ? -2.661  -1.519  10.656  1.00 42.44 ? 137  TYR A O   1 
ATOM   597 C CB  . TYR A 1 122 ? -5.339  -2.046  8.667   1.00 45.25 ? 137  TYR A CB  1 
ATOM   598 C CG  . TYR A 1 122 ? -6.611  -1.303  8.307   1.00 50.64 ? 137  TYR A CG  1 
ATOM   599 C CD1 . TYR A 1 122 ? -7.716  -1.980  7.789   1.00 53.04 ? 137  TYR A CD1 1 
ATOM   600 C CD2 . TYR A 1 122 ? -6.720  0.077   8.513   1.00 52.93 ? 137  TYR A CD2 1 
ATOM   601 C CE1 . TYR A 1 122 ? -8.902  -1.301  7.485   1.00 54.44 ? 137  TYR A CE1 1 
ATOM   602 C CE2 . TYR A 1 122 ? -7.897  0.760   8.216   1.00 54.06 ? 137  TYR A CE2 1 
ATOM   603 C CZ  . TYR A 1 122 ? -8.983  0.067   7.702   1.00 55.26 ? 137  TYR A CZ  1 
ATOM   604 O OH  . TYR A 1 122 ? -10.147 0.744   7.408   1.00 56.81 ? 137  TYR A OH  1 
ATOM   605 N N   . GLN A 1 123 ? -2.395  -2.871  8.874   1.00 41.40 ? 138  GLN A N   1 
ATOM   606 C CA  . GLN A 1 123 ? -1.312  -3.642  9.479   1.00 41.62 ? 138  GLN A CA  1 
ATOM   607 C C   . GLN A 1 123 ? -0.176  -2.771  10.001  1.00 43.15 ? 138  GLN A C   1 
ATOM   608 O O   . GLN A 1 123 ? 0.443   -3.095  11.014  1.00 44.84 ? 138  GLN A O   1 
ATOM   609 C CB  . GLN A 1 123 ? -0.745  -4.650  8.476   1.00 37.70 ? 138  GLN A CB  1 
ATOM   610 C CG  . GLN A 1 123 ? -1.654  -5.829  8.188   1.00 34.26 ? 138  GLN A CG  1 
ATOM   611 C CD  . GLN A 1 123 ? -0.986  -6.855  7.294   1.00 32.96 ? 138  GLN A CD  1 
ATOM   612 O OE1 . GLN A 1 123 ? 0.164   -7.229  7.519   1.00 31.69 ? 138  GLN A OE1 1 
ATOM   613 N NE2 . GLN A 1 123 ? -1.706  -7.321  6.276   1.00 33.07 ? 138  GLN A NE2 1 
ATOM   614 N N   . ALA A 1 124 ? 0.104   -1.672  9.308   1.00 44.05 ? 139  ALA A N   1 
ATOM   615 C CA  . ALA A 1 124 ? 1.179   -0.777  9.721   1.00 44.77 ? 139  ALA A CA  1 
ATOM   616 C C   . ALA A 1 124 ? 0.804   -0.010  10.986  1.00 45.48 ? 139  ALA A C   1 
ATOM   617 O O   . ALA A 1 124 ? 1.674   0.416   11.746  1.00 45.80 ? 139  ALA A O   1 
ATOM   618 C CB  . ALA A 1 124 ? 1.517   0.196   8.594   1.00 44.13 ? 139  ALA A CB  1 
ATOM   619 N N   . GLY A 1 125 ? -0.494  0.159   11.208  1.00 45.94 ? 140  GLY A N   1 
ATOM   620 C CA  . GLY A 1 125 ? -0.952  0.878   12.381  1.00 47.12 ? 140  GLY A CA  1 
ATOM   621 C C   . GLY A 1 125 ? -0.336  2.258   12.524  1.00 48.37 ? 140  GLY A C   1 
ATOM   622 O O   . GLY A 1 125 ? -0.169  2.991   11.545  1.00 47.46 ? 140  GLY A O   1 
ATOM   623 N N   . LYS A 1 126 ? 0.016   2.608   13.755  1.00 48.02 ? 141  LYS A N   1 
ATOM   624 C CA  . LYS A 1 126 ? 0.605   3.907   14.063  1.00 48.18 ? 141  LYS A CA  1 
ATOM   625 C C   . LYS A 1 126 ? 2.031   4.060   13.538  1.00 47.71 ? 141  LYS A C   1 
ATOM   626 O O   . LYS A 1 126 ? 2.601   5.152   13.586  1.00 47.97 ? 141  LYS A O   1 
ATOM   627 C CB  . LYS A 1 126 ? 0.601   4.116   15.580  1.00 50.16 ? 141  LYS A CB  1 
ATOM   628 C CG  . LYS A 1 126 ? -0.737  3.821   16.241  1.00 52.09 ? 141  LYS A CG  1 
ATOM   629 C CD  . LYS A 1 126 ? -0.641  3.929   17.758  1.00 55.11 ? 141  LYS A CD  1 
ATOM   630 C CE  . LYS A 1 126 ? -1.947  3.528   18.427  1.00 55.73 ? 141  LYS A CE  1 
ATOM   631 N NZ  . LYS A 1 126 ? -1.865  3.633   19.911  1.00 57.18 ? 141  LYS A NZ  1 
ATOM   632 N N   . LYS A 1 127 ? 2.604   2.971   13.036  1.00 45.87 ? 142  LYS A N   1 
ATOM   633 C CA  . LYS A 1 127 ? 3.970   3.000   12.529  1.00 45.09 ? 142  LYS A CA  1 
ATOM   634 C C   . LYS A 1 127 ? 4.110   3.693   11.177  1.00 45.55 ? 142  LYS A C   1 
ATOM   635 O O   . LYS A 1 127 ? 5.168   4.236   10.853  1.00 45.97 ? 142  LYS A O   1 
ATOM   636 C CB  . LYS A 1 127 ? 4.513   1.573   12.445  1.00 47.33 ? 142  LYS A CB  1 
ATOM   637 C CG  . LYS A 1 127 ? 4.568   0.872   13.797  1.00 49.29 ? 142  LYS A CG  1 
ATOM   638 C CD  . LYS A 1 127 ? 5.997   0.643   14.252  1.00 51.57 ? 142  LYS A CD  1 
ATOM   639 C CE  . LYS A 1 127 ? 6.524   -0.688  13.747  1.00 53.30 ? 142  LYS A CE  1 
ATOM   640 N NZ  . LYS A 1 127 ? 5.785   -1.838  14.348  1.00 54.34 ? 142  LYS A NZ  1 
ATOM   641 N N   . ALA A 1 128 ? 3.046   3.675   10.382  1.00 43.88 ? 143  ALA A N   1 
ATOM   642 C CA  . ALA A 1 128 ? 3.089   4.312   9.070   1.00 42.16 ? 143  ALA A CA  1 
ATOM   643 C C   . ALA A 1 128 ? 1.704   4.392   8.464   1.00 40.36 ? 143  ALA A C   1 
ATOM   644 O O   . ALA A 1 128 ? 0.774   3.735   8.928   1.00 39.08 ? 143  ALA A O   1 
ATOM   645 C CB  . ALA A 1 128 ? 4.022   3.545   8.140   1.00 42.53 ? 143  ALA A CB  1 
ATOM   646 N N   . SER A 1 129 ? 1.570   5.207   7.424   1.00 39.50 ? 144  SER A N   1 
ATOM   647 C CA  . SER A 1 129 ? 0.288   5.369   6.756   1.00 37.53 ? 144  SER A CA  1 
ATOM   648 C C   . SER A 1 129 ? 0.445   5.454   5.250   1.00 33.53 ? 144  SER A C   1 
ATOM   649 O O   . SER A 1 129 ? 1.488   5.871   4.740   1.00 31.68 ? 144  SER A O   1 
ATOM   650 C CB  . SER A 1 129 ? -0.421  6.630   7.257   1.00 39.70 ? 144  SER A CB  1 
ATOM   651 O OG  . SER A 1 129 ? -0.869  6.466   8.589   1.00 44.13 ? 144  SER A OG  1 
ATOM   652 N N   . ILE A 1 130 ? -0.601  5.046   4.545   1.00 32.57 ? 145  ILE A N   1 
ATOM   653 C CA  . ILE A 1 130 ? -0.600  5.092   3.093   1.00 31.50 ? 145  ILE A CA  1 
ATOM   654 C C   . ILE A 1 130 ? -1.642  6.097   2.621   1.00 30.88 ? 145  ILE A C   1 
ATOM   655 O O   . ILE A 1 130 ? -2.780  6.100   3.092   1.00 30.08 ? 145  ILE A O   1 
ATOM   656 C CB  . ILE A 1 130 ? -0.924  3.710   2.483   1.00 31.13 ? 145  ILE A CB  1 
ATOM   657 C CG1 . ILE A 1 130 ? 0.241   2.752   2.731   1.00 30.68 ? 145  ILE A CG1 1 
ATOM   658 C CG2 . ILE A 1 130 ? -1.201  3.845   0.981   1.00 30.48 ? 145  ILE A CG2 1 
ATOM   659 C CD1 . ILE A 1 130 ? 0.004   1.349   2.217   1.00 28.55 ? 145  ILE A CD1 1 
ATOM   660 N N   . HIS A 1 131 ? -1.233  6.965   1.706   1.00 28.38 ? 146  HIS A N   1 
ATOM   661 C CA  . HIS A 1 131 ? -2.133  7.956   1.143   1.00 29.98 ? 146  HIS A CA  1 
ATOM   662 C C   . HIS A 1 131 ? -2.224  7.676   -0.349  1.00 26.14 ? 146  HIS A C   1 
ATOM   663 O O   . HIS A 1 131 ? -1.217  7.373   -0.983  1.00 28.58 ? 146  HIS A O   1 
ATOM   664 C CB  . HIS A 1 131 ? -1.587  9.373   1.346   1.00 31.33 ? 146  HIS A CB  1 
ATOM   665 C CG  . HIS A 1 131 ? -1.659  9.857   2.760   1.00 37.48 ? 146  HIS A CG  1 
ATOM   666 N ND1 . HIS A 1 131 ? -2.056  9.053   3.806   1.00 38.03 ? 146  HIS A ND1 1 
ATOM   667 C CD2 . HIS A 1 131 ? -1.363  11.063  3.303   1.00 38.98 ? 146  HIS A CD2 1 
ATOM   668 C CE1 . HIS A 1 131 ? -2.000  9.739   4.932   1.00 39.54 ? 146  HIS A CE1 1 
ATOM   669 N NE2 . HIS A 1 131 ? -1.581  10.962  4.655   1.00 41.06 ? 146  HIS A NE2 1 
ATOM   670 N N   . VAL A 1 132 ? -3.429  7.760   -0.895  1.00 24.30 ? 147  VAL A N   1 
ATOM   671 C CA  . VAL A 1 132 ? -3.643  7.556   -2.322  1.00 23.71 ? 147  VAL A CA  1 
ATOM   672 C C   . VAL A 1 132 ? -4.299  8.808   -2.905  1.00 21.68 ? 147  VAL A C   1 
ATOM   673 O O   . VAL A 1 132 ? -5.341  9.256   -2.425  1.00 20.96 ? 147  VAL A O   1 
ATOM   674 C CB  . VAL A 1 132 ? -4.543  6.341   -2.593  1.00 24.05 ? 147  VAL A CB  1 
ATOM   675 C CG1 . VAL A 1 132 ? -4.966  6.324   -4.059  1.00 22.64 ? 147  VAL A CG1 1 
ATOM   676 C CG2 . VAL A 1 132 ? -3.791  5.054   -2.246  1.00 24.27 ? 147  VAL A CG2 1 
ATOM   677 N N   . TYR A 1 133 ? -3.673  9.361   -3.939  1.00 18.61 ? 148  TYR A N   1 
ATOM   678 C CA  . TYR A 1 133 ? -4.160  10.565  -4.616  1.00 18.72 ? 148  TYR A CA  1 
ATOM   679 C C   . TYR A 1 133 ? -4.617  10.129  -6.003  1.00 18.45 ? 148  TYR A C   1 
ATOM   680 O O   . TYR A 1 133 ? -3.799  9.919   -6.901  1.00 19.30 ? 148  TYR A O   1 
ATOM   681 C CB  . TYR A 1 133 ? -3.014  11.568  -4.720  1.00 18.11 ? 148  TYR A CB  1 
ATOM   682 C CG  . TYR A 1 133 ? -2.445  11.939  -3.368  1.00 19.78 ? 148  TYR A CG  1 
ATOM   683 C CD1 . TYR A 1 133 ? -3.033  12.941  -2.594  1.00 20.18 ? 148  TYR A CD1 1 
ATOM   684 C CD2 . TYR A 1 133 ? -1.336  11.274  -2.848  1.00 19.63 ? 148  TYR A CD2 1 
ATOM   685 C CE1 . TYR A 1 133 ? -2.525  13.272  -1.330  1.00 19.64 ? 148  TYR A CE1 1 
ATOM   686 C CE2 . TYR A 1 133 ? -0.820  11.601  -1.575  1.00 20.58 ? 148  TYR A CE2 1 
ATOM   687 C CZ  . TYR A 1 133 ? -1.422  12.603  -0.832  1.00 22.10 ? 148  TYR A CZ  1 
ATOM   688 O OH  . TYR A 1 133 ? -0.912  12.963  0.405   1.00 23.68 ? 148  TYR A OH  1 
ATOM   689 N N   . PRO A 1 134 ? -5.932  9.989   -6.197  1.00 19.30 ? 149  PRO A N   1 
ATOM   690 C CA  . PRO A 1 134 ? -6.498  9.560   -7.481  1.00 19.83 ? 149  PRO A CA  1 
ATOM   691 C C   . PRO A 1 134 ? -6.325  10.448  -8.709  1.00 20.56 ? 149  PRO A C   1 
ATOM   692 O O   . PRO A 1 134 ? -6.185  9.927   -9.824  1.00 20.03 ? 149  PRO A O   1 
ATOM   693 C CB  . PRO A 1 134 ? -7.969  9.307   -7.141  1.00 21.46 ? 149  PRO A CB  1 
ATOM   694 C CG  . PRO A 1 134 ? -8.238  10.288  -6.047  1.00 23.85 ? 149  PRO A CG  1 
ATOM   695 C CD  . PRO A 1 134 ? -6.993  10.177  -5.189  1.00 21.40 ? 149  PRO A CD  1 
ATOM   696 N N   . ASN A 1 135 ? -6.330  11.768  -8.530  1.00 18.42 ? 150  ASN A N   1 
ATOM   697 C CA  . ASN A 1 135 ? -6.180  12.664  -9.676  1.00 21.69 ? 150  ASN A CA  1 
ATOM   698 C C   . ASN A 1 135 ? -4.747  12.699  -10.200 1.00 21.05 ? 150  ASN A C   1 
ATOM   699 O O   . ASN A 1 135 ? -4.507  12.489  -11.390 1.00 23.21 ? 150  ASN A O   1 
ATOM   700 C CB  . ASN A 1 135 ? -6.620  14.092  -9.329  1.00 21.61 ? 150  ASN A CB  1 
ATOM   701 C CG  . ASN A 1 135 ? -8.041  14.158  -8.820  1.00 26.77 ? 150  ASN A CG  1 
ATOM   702 O OD1 . ASN A 1 135 ? -8.897  13.372  -9.225  1.00 30.86 ? 150  ASN A OD1 1 
ATOM   703 N ND2 . ASN A 1 135 ? -8.310  15.118  -7.936  1.00 27.12 ? 150  ASN A ND2 1 
ATOM   704 N N   . SER A 1 136 ? -3.795  12.967  -9.316  1.00 19.12 ? 151  SER A N   1 
ATOM   705 C CA  . SER A 1 136 ? -2.400  13.025  -9.723  1.00 20.56 ? 151  SER A CA  1 
ATOM   706 C C   . SER A 1 136 ? -1.817  11.614  -9.851  1.00 22.20 ? 151  SER A C   1 
ATOM   707 O O   . SER A 1 136 ? -0.723  11.430  -10.384 1.00 23.14 ? 151  SER A O   1 
ATOM   708 C CB  . SER A 1 136 ? -1.592  13.846  -8.716  1.00 23.44 ? 151  SER A CB  1 
ATOM   709 O OG  . SER A 1 136 ? -1.704  13.311  -7.409  1.00 25.13 ? 151  SER A OG  1 
ATOM   710 N N   . GLN A 1 137 ? -2.569  10.628  -9.363  1.00 17.82 ? 152  GLN A N   1 
ATOM   711 C CA  . GLN A 1 137 ? -2.168  9.229   -9.404  1.00 19.44 ? 152  GLN A CA  1 
ATOM   712 C C   . GLN A 1 137 ? -0.842  9.003   -8.693  1.00 19.60 ? 152  GLN A C   1 
ATOM   713 O O   . GLN A 1 137 ? 0.172   8.645   -9.297  1.00 20.66 ? 152  GLN A O   1 
ATOM   714 C CB  . GLN A 1 137 ? -2.136  8.717   -10.862 1.00 19.79 ? 152  GLN A CB  1 
ATOM   715 C CG  . GLN A 1 137 ? -3.551  8.706   -11.487 1.00 19.28 ? 152  GLN A CG  1 
ATOM   716 C CD  . GLN A 1 137 ? -3.658  8.009   -12.852 1.00 23.13 ? 152  GLN A CD  1 
ATOM   717 O OE1 . GLN A 1 137 ? -4.649  8.181   -13.567 1.00 25.41 ? 152  GLN A OE1 1 
ATOM   718 N NE2 . GLN A 1 137 ? -2.661  7.219   -13.202 1.00 18.24 ? 152  GLN A NE2 1 
ATOM   719 N N   . VAL A 1 138 ? -0.877  9.219   -7.383  1.00 20.99 ? 153  VAL A N   1 
ATOM   720 C CA  . VAL A 1 138 ? 0.288   9.046   -6.527  1.00 21.13 ? 153  VAL A CA  1 
ATOM   721 C C   . VAL A 1 138 ? -0.089  8.177   -5.328  1.00 21.14 ? 153  VAL A C   1 
ATOM   722 O O   . VAL A 1 138 ? -1.188  8.299   -4.792  1.00 20.95 ? 153  VAL A O   1 
ATOM   723 C CB  . VAL A 1 138 ? 0.794   10.409  -5.990  1.00 24.14 ? 153  VAL A CB  1 
ATOM   724 C CG1 . VAL A 1 138 ? 1.941   10.191  -4.996  1.00 21.27 ? 153  VAL A CG1 1 
ATOM   725 C CG2 . VAL A 1 138 ? 1.255   11.286  -7.142  1.00 22.34 ? 153  VAL A CG2 1 
ATOM   726 N N   . VAL A 1 139 ? 0.813   7.277   -4.938  1.00 22.90 ? 154  VAL A N   1 
ATOM   727 C CA  . VAL A 1 139 ? 0.611   6.432   -3.763  1.00 23.38 ? 154  VAL A CA  1 
ATOM   728 C C   . VAL A 1 139 ? 1.701   6.891   -2.807  1.00 25.08 ? 154  VAL A C   1 
ATOM   729 O O   . VAL A 1 139 ? 2.885   6.870   -3.142  1.00 26.12 ? 154  VAL A O   1 
ATOM   730 C CB  . VAL A 1 139 ? 0.801   4.925   -4.047  1.00 22.81 ? 154  VAL A CB  1 
ATOM   731 C CG1 . VAL A 1 139 ? 0.786   4.154   -2.723  1.00 23.59 ? 154  VAL A CG1 1 
ATOM   732 C CG2 . VAL A 1 139 ? -0.322  4.414   -4.947  1.00 23.45 ? 154  VAL A CG2 1 
ATOM   733 N N   . GLU A 1 140 ? 1.293   7.307   -1.618  1.00 26.34 ? 155  GLU A N   1 
ATOM   734 C CA  . GLU A 1 140 ? 2.228   7.830   -0.640  1.00 28.65 ? 155  GLU A CA  1 
ATOM   735 C C   . GLU A 1 140 ? 2.340   6.985   0.618   1.00 28.24 ? 155  GLU A C   1 
ATOM   736 O O   . GLU A 1 140 ? 1.340   6.674   1.260   1.00 29.96 ? 155  GLU A O   1 
ATOM   737 C CB  . GLU A 1 140 ? 1.791   9.248   -0.272  1.00 30.12 ? 155  GLU A CB  1 
ATOM   738 C CG  . GLU A 1 140 ? 2.798   10.067  0.486   1.00 33.47 ? 155  GLU A CG  1 
ATOM   739 C CD  . GLU A 1 140 ? 2.369   11.521  0.568   1.00 34.19 ? 155  GLU A CD  1 
ATOM   740 O OE1 . GLU A 1 140 ? 1.354   11.807  1.238   1.00 33.74 ? 155  GLU A OE1 1 
ATOM   741 O OE2 . GLU A 1 140 ? 3.035   12.370  -0.056  1.00 35.72 ? 155  GLU A OE2 1 
ATOM   742 N N   . LEU A 1 141 ? 3.571   6.623   0.963   1.00 31.85 ? 156  LEU A N   1 
ATOM   743 C CA  . LEU A 1 141 ? 3.839   5.838   2.165   1.00 35.19 ? 156  LEU A CA  1 
ATOM   744 C C   . LEU A 1 141 ? 4.476   6.827   3.138   1.00 36.99 ? 156  LEU A C   1 
ATOM   745 O O   . LEU A 1 141 ? 5.585   7.309   2.904   1.00 36.57 ? 156  LEU A O   1 
ATOM   746 C CB  . LEU A 1 141 ? 4.810   4.694   1.851   1.00 34.17 ? 156  LEU A CB  1 
ATOM   747 C CG  . LEU A 1 141 ? 5.003   3.547   2.857   1.00 37.22 ? 156  LEU A CG  1 
ATOM   748 C CD1 . LEU A 1 141 ? 6.429   3.574   3.370   1.00 37.85 ? 156  LEU A CD1 1 
ATOM   749 C CD2 . LEU A 1 141 ? 3.995   3.638   4.003   1.00 33.65 ? 156  LEU A CD2 1 
ATOM   750 N N   . ARG A 1 142 ? 3.764   7.133   4.215   1.00 39.09 ? 157  ARG A N   1 
ATOM   751 C CA  . ARG A 1 142 ? 4.242   8.095   5.199   1.00 43.39 ? 157  ARG A CA  1 
ATOM   752 C C   . ARG A 1 142 ? 4.590   7.480   6.545   1.00 44.93 ? 157  ARG A C   1 
ATOM   753 O O   . ARG A 1 142 ? 3.706   7.157   7.343   1.00 44.51 ? 157  ARG A O   1 
ATOM   754 C CB  . ARG A 1 142 ? 3.189   9.185   5.399   1.00 43.26 ? 157  ARG A CB  1 
ATOM   755 C CG  . ARG A 1 142 ? 2.949   10.035  4.167   1.00 44.42 ? 157  ARG A CG  1 
ATOM   756 C CD  . ARG A 1 142 ? 1.640   10.786  4.275   1.00 47.00 ? 157  ARG A CD  1 
ATOM   757 N NE  . ARG A 1 142 ? 1.589   11.672  5.434   1.00 49.89 ? 157  ARG A NE  1 
ATOM   758 C CZ  . ARG A 1 142 ? 2.284   12.799  5.548   1.00 51.24 ? 157  ARG A CZ  1 
ATOM   759 N NH1 . ARG A 1 142 ? 2.174   13.540  6.643   1.00 50.95 ? 157  ARG A NH1 1 
ATOM   760 N NH2 . ARG A 1 142 ? 3.083   13.193  4.565   1.00 50.62 ? 157  ARG A NH2 1 
ATOM   761 N N   . TYR A 1 143 ? 5.884   7.328   6.796   1.00 48.03 ? 158  TYR A N   1 
ATOM   762 C CA  . TYR A 1 143 ? 6.338   6.768   8.060   1.00 51.12 ? 158  TYR A CA  1 
ATOM   763 C C   . TYR A 1 143 ? 6.008   7.770   9.162   1.00 53.72 ? 158  TYR A C   1 
ATOM   764 O O   . TYR A 1 143 ? 6.540   8.884   9.183   1.00 53.97 ? 158  TYR A O   1 
ATOM   765 C CB  . TYR A 1 143 ? 7.844   6.511   8.017   1.00 49.83 ? 158  TYR A CB  1 
ATOM   766 C CG  . TYR A 1 143 ? 8.240   5.332   7.159   1.00 50.08 ? 158  TYR A CG  1 
ATOM   767 C CD1 . TYR A 1 143 ? 7.776   4.046   7.447   1.00 49.64 ? 158  TYR A CD1 1 
ATOM   768 C CD2 . TYR A 1 143 ? 9.087   5.497   6.066   1.00 49.54 ? 158  TYR A CD2 1 
ATOM   769 C CE1 . TYR A 1 143 ? 8.146   2.954   6.665   1.00 48.76 ? 158  TYR A CE1 1 
ATOM   770 C CE2 . TYR A 1 143 ? 9.466   4.412   5.278   1.00 50.67 ? 158  TYR A CE2 1 
ATOM   771 C CZ  . TYR A 1 143 ? 8.991   3.147   5.585   1.00 49.48 ? 158  TYR A CZ  1 
ATOM   772 O OH  . TYR A 1 143 ? 9.373   2.080   4.812   1.00 49.47 ? 158  TYR A OH  1 
ATOM   773 N N   . ALA A 1 144 ? 5.117   7.378   10.066  1.00 56.94 ? 159  ALA A N   1 
ATOM   774 C CA  . ALA A 1 144 ? 4.711   8.246   11.165  1.00 59.80 ? 159  ALA A CA  1 
ATOM   775 C C   . ALA A 1 144 ? 5.865   8.444   12.143  1.00 61.98 ? 159  ALA A C   1 
ATOM   776 O O   . ALA A 1 144 ? 5.664   8.874   13.280  1.00 63.17 ? 159  ALA A O   1 
ATOM   777 C CB  . ALA A 1 144 ? 3.513   7.652   11.884  1.00 59.56 ? 159  ALA A CB  1 
ATOM   778 N N   . LYS A 1 145 ? 7.074   8.128   11.692  1.00 64.43 ? 160  LYS A N   1 
ATOM   779 C CA  . LYS A 1 145 ? 8.256   8.268   12.529  1.00 66.14 ? 160  LYS A CA  1 
ATOM   780 C C   . LYS A 1 145 ? 8.287   9.656   13.153  1.00 68.20 ? 160  LYS A C   1 
ATOM   781 O O   . LYS A 1 145 ? 8.149   10.658  12.452  1.00 69.17 ? 160  LYS A O   1 
ATOM   782 C CB  . LYS A 1 145 ? 9.518   8.043   11.691  1.00 66.32 ? 160  LYS A CB  1 
ATOM   783 C CG  . LYS A 1 145 ? 9.534   6.720   10.952  1.00 66.13 ? 160  LYS A CG  1 
ATOM   784 C CD  . LYS A 1 145 ? 9.265   5.559   11.893  1.00 66.06 ? 160  LYS A CD  1 
ATOM   785 C CE  . LYS A 1 145 ? 8.213   4.641   11.303  1.00 66.42 ? 160  LYS A CE  1 
ATOM   786 N NZ  . LYS A 1 145 ? 7.823   3.530   12.207  1.00 65.72 ? 160  LYS A NZ  1 
ATOM   787 N N   . ILE A 1 146 ? 8.452   9.714   14.470  1.00 68.68 ? 161  ILE A N   1 
ATOM   788 C CA  . ILE A 1 146 ? 8.507   10.995  15.154  1.00 70.48 ? 161  ILE A CA  1 
ATOM   789 C C   . ILE A 1 146 ? 9.844   11.129  15.872  1.00 73.13 ? 161  ILE A C   1 
ATOM   790 O O   . ILE A 1 146 ? 10.623  10.154  15.838  1.00 72.96 ? 161  ILE A O   1 
ATOM   791 C CB  . ILE A 1 146 ? 7.364   11.138  16.183  1.00 69.52 ? 161  ILE A CB  1 
ATOM   792 C CG1 . ILE A 1 146 ? 6.339   10.005  15.999  1.00 68.72 ? 161  ILE A CG1 1 
ATOM   793 C CG2 . ILE A 1 146 ? 6.716   12.515  16.041  1.00 69.84 ? 161  ILE A CG2 1 
ATOM   794 C CD1 . ILE A 1 146 ? 4.908   10.463  15.722  1.00 66.20 ? 161  ILE A CD1 1 
HETATM 795 O O   . HOH B 2 .   ? -7.212  7.461   -10.338 1.00 20.14 ? 1001 HOH A O   1 
HETATM 796 O O   . HOH B 2 .   ? -6.426  10.224  -12.749 1.00 20.89 ? 1002 HOH A O   1 
HETATM 797 O O   . HOH B 2 .   ? -9.982  1.884   -6.215  1.00 25.99 ? 1003 HOH A O   1 
HETATM 798 O O   . HOH B 2 .   ? -6.501  5.373   -11.739 1.00 18.72 ? 1004 HOH A O   1 
HETATM 799 O O   . HOH B 2 .   ? 1.178   9.055   -12.000 1.00 23.23 ? 1005 HOH A O   1 
HETATM 800 O O   . HOH B 2 .   ? 6.708   2.168   -7.374  1.00 25.58 ? 1006 HOH A O   1 
HETATM 801 O O   . HOH B 2 .   ? -1.088  -13.339 5.389   1.00 30.75 ? 1007 HOH A O   1 
HETATM 802 O O   . HOH B 2 .   ? -12.072 -4.823  -8.080  1.00 30.83 ? 1008 HOH A O   1 
HETATM 803 O O   . HOH B 2 .   ? 2.833   -13.155 -4.783  1.00 36.70 ? 1009 HOH A O   1 
HETATM 804 O O   . HOH B 2 .   ? -1.879  -15.791 -3.789  1.00 25.59 ? 1010 HOH A O   1 
HETATM 805 O O   . HOH B 2 .   ? 5.049   -14.852 6.821   1.00 34.20 ? 1011 HOH A O   1 
HETATM 806 O O   . HOH B 2 .   ? -4.149  -11.417 3.268   1.00 33.42 ? 1012 HOH A O   1 
HETATM 807 O O   . HOH B 2 .   ? 5.728   3.780   -9.262  1.00 25.19 ? 1013 HOH A O   1 
HETATM 808 O O   . HOH B 2 .   ? -9.985  7.122   -10.795 1.00 26.85 ? 1014 HOH A O   1 
HETATM 809 O O   . HOH B 2 .   ? 1.887   -18.334 -3.826  1.00 35.48 ? 1015 HOH A O   1 
HETATM 810 O O   . HOH B 2 .   ? 11.911  -1.477  3.532   1.00 49.63 ? 1016 HOH A O   1 
HETATM 811 O O   . HOH B 2 .   ? -14.205 -0.357  -7.242  1.00 38.90 ? 1017 HOH A O   1 
HETATM 812 O O   . HOH B 2 .   ? -12.755 -0.853  -16.833 1.00 41.31 ? 1018 HOH A O   1 
HETATM 813 O O   . HOH B 2 .   ? -8.609  -1.229  -12.912 1.00 33.57 ? 1019 HOH A O   1 
HETATM 814 O O   . HOH B 2 .   ? -1.056  -18.563 -3.832  1.00 38.00 ? 1020 HOH A O   1 
HETATM 815 O O   . HOH B 2 .   ? -8.776  -4.342  5.721   1.00 62.95 ? 1021 HOH A O   1 
HETATM 816 O O   . HOH B 2 .   ? -8.326  -15.249 -1.336  1.00 32.42 ? 1022 HOH A O   1 
HETATM 817 O O   . HOH B 2 .   ? -10.919 -2.477  -13.397 1.00 35.19 ? 1023 HOH A O   1 
HETATM 818 O O   . HOH B 2 .   ? -13.479 -5.124  -10.343 1.00 48.76 ? 1024 HOH A O   1 
HETATM 819 O O   . HOH B 2 .   ? -8.524  -6.718  -12.887 1.00 40.17 ? 1025 HOH A O   1 
HETATM 820 O O   . HOH B 2 .   ? -3.850  5.944   5.609   1.00 34.67 ? 1026 HOH A O   1 
HETATM 821 O O   . HOH B 2 .   ? 2.066   14.741  0.722   1.00 39.65 ? 1027 HOH A O   1 
HETATM 822 O O   . HOH B 2 .   ? -4.273  -1.181  -12.857 1.00 33.45 ? 1028 HOH A O   1 
HETATM 823 O O   . HOH B 2 .   ? -8.352  -11.326 0.048   1.00 52.97 ? 1029 HOH A O   1 
HETATM 824 O O   . HOH B 2 .   ? -11.030 11.649  -4.371  1.00 72.15 ? 1030 HOH A O   1 
HETATM 825 O O   . HOH B 2 .   ? -4.445  -9.656  5.706   1.00 41.05 ? 1031 HOH A O   1 
HETATM 826 O O   . HOH B 2 .   ? 12.794  1.237   14.572  1.00 75.50 ? 1032 HOH A O   1 
HETATM 827 O O   . HOH B 2 .   ? 15.891  8.069   -11.937 1.00 59.39 ? 1033 HOH A O   1 
HETATM 828 O O   . HOH B 2 .   ? 3.335   -4.362  10.850  1.00 53.10 ? 1034 HOH A O   1 
HETATM 829 O O   . HOH B 2 .   ? -10.228 3.040   2.686   1.00 70.44 ? 1035 HOH A O   1 
HETATM 830 O O   . HOH B 2 .   ? -5.123  13.678  6.307   1.00 67.02 ? 1036 HOH A O   1 
HETATM 831 O O   . HOH B 2 .   ? 8.403   -2.184  -7.659  1.00 44.80 ? 1037 HOH A O   1 
HETATM 832 O O   . HOH B 2 .   ? -11.552 8.518   -8.994  1.00 59.03 ? 1038 HOH A O   1 
HETATM 833 O O   . HOH B 2 .   ? -11.507 -2.648  3.598   1.00 70.21 ? 1039 HOH A O   1 
HETATM 834 O O   . HOH B 2 .   ? -4.066  -4.823  -14.857 1.00 73.53 ? 1040 HOH A O   1 
HETATM 835 O O   . HOH B 2 .   ? -0.995  6.229   11.418  1.00 77.49 ? 1041 HOH A O   1 
HETATM 836 O O   . HOH B 2 .   ? -13.085 6.310   0.685   1.00 54.97 ? 1042 HOH A O   1 
HETATM 837 O O   . HOH B 2 .   ? 0.235   -2.285  14.943  1.00 58.51 ? 1043 HOH A O   1 
HETATM 838 O O   . HOH B 2 .   ? 11.955  -8.998  0.941   1.00 69.38 ? 1044 HOH A O   1 
HETATM 839 O O   . HOH B 2 .   ? -13.010 6.980   -1.891  1.00 73.23 ? 1045 HOH A O   1 
HETATM 840 O O   . HOH B 2 .   ? 6.998   -14.623 3.334   1.00 54.15 ? 1046 HOH A O   1 
HETATM 841 O O   . HOH B 2 .   ? 10.205  -10.747 2.378   1.00 40.15 ? 1047 HOH A O   1 
HETATM 842 O O   . HOH B 2 .   ? 0.256   -15.041 -5.973  1.00 67.13 ? 1048 HOH A O   1 
HETATM 843 O O   . HOH B 2 .   ? -8.675  -4.293  2.887   1.00 44.15 ? 1049 HOH A O   1 
HETATM 844 O O   . HOH B 2 .   ? -2.202  -10.816 6.926   1.00 63.28 ? 1050 HOH A O   1 
HETATM 845 O O   . HOH B 2 .   ? -8.166  -8.494  3.818   1.00 63.71 ? 1051 HOH A O   1 
HETATM 846 O O   . HOH B 2 .   ? 6.687   10.965  7.256   1.00 68.76 ? 1052 HOH A O   1 
HETATM 847 O O   . HOH B 2 .   ? -12.482 9.644   0.026   1.00 58.43 ? 1053 HOH A O   1 
HETATM 848 O O   . HOH B 2 .   ? -10.757 -11.788 -10.340 1.00 53.74 ? 1054 HOH A O   1 
HETATM 849 O O   . HOH B 2 .   ? -5.736  -8.738  1.318   1.00 72.91 ? 1055 HOH A O   1 
HETATM 850 O O   . HOH B 2 .   ? 18.019  1.999   18.612  1.00 57.82 ? 1056 HOH A O   1 
HETATM 851 O O   . HOH B 2 .   ? 17.239  8.060   11.820  1.00 78.52 ? 1057 HOH A O   1 
HETATM 852 O O   . HOH B 2 .   ? -13.377 1.701   -6.182  1.00 70.43 ? 1058 HOH A O   1 
HETATM 853 O O   . HOH B 2 .   ? -11.821 -1.866  -4.168  1.00 57.54 ? 1059 HOH A O   1 
HETATM 854 O O   . HOH B 2 .   ? -8.690  -6.750  1.969   1.00 70.37 ? 1060 HOH A O   1 
HETATM 855 O O   . HOH B 2 .   ? -12.690 14.843  -8.350  1.00 71.74 ? 1061 HOH A O   1 
HETATM 856 O O   . HOH B 2 .   ? -5.567  7.557   11.696  1.00 81.30 ? 1062 HOH A O   1 
HETATM 857 O O   . HOH B 2 .   ? -10.012 -13.651 -2.622  1.00 49.39 ? 1063 HOH A O   1 
HETATM 858 O O   . HOH B 2 .   ? 9.468   -1.072  4.395   1.00 35.79 ? 1064 HOH A O   1 
HETATM 859 O O   . HOH B 2 .   ? 0.713   10.293  7.706   1.00 50.60 ? 1065 HOH A O   1 
HETATM 860 O O   . HOH B 2 .   ? -11.015 12.633  -7.623  1.00 53.35 ? 1066 HOH A O   1 
HETATM 861 O O   . HOH B 2 .   ? -15.173 -7.374  -7.807  1.00 62.08 ? 1067 HOH A O   1 
HETATM 862 O O   . HOH B 2 .   ? -7.016  -10.972 6.993   1.00 65.82 ? 1068 HOH A O   1 
HETATM 863 O O   . HOH B 2 .   ? -13.342 14.574  -4.162  1.00 75.15 ? 1069 HOH A O   1 
HETATM 864 O O   . HOH B 2 .   ? -3.210  7.551   8.104   1.00 54.68 ? 1070 HOH A O   1 
HETATM 865 O O   . HOH B 2 .   ? -12.842 -6.854  -3.421  1.00 52.36 ? 1071 HOH A O   1 
HETATM 866 O O   . HOH B 2 .   ? 7.475   -10.365 -10.136 1.00 64.53 ? 1072 HOH A O   1 
HETATM 867 O O   . HOH B 2 .   ? 7.297   5.979   -8.853  1.00 36.48 ? 1073 HOH A O   1 
HETATM 868 O O   . HOH B 2 .   ? -3.537  2.281   14.948  1.00 85.56 ? 1074 HOH A O   1 
HETATM 869 O O   . HOH B 2 .   ? 15.484  5.629   -9.995  1.00 71.19 ? 1075 HOH A O   1 
HETATM 870 O O   . HOH B 2 .   ? 13.588  3.953   13.914  1.00 59.28 ? 1076 HOH A O   1 
HETATM 871 O O   . HOH B 2 .   ? -2.290  9.908   7.711   1.00 43.12 ? 1077 HOH A O   1 
HETATM 872 O O   . HOH B 2 .   ? -15.359 -3.322  -11.500 1.00 56.75 ? 1078 HOH A O   1 
HETATM 873 O O   . HOH B 2 .   ? -9.447  11.878  -0.468  1.00 58.63 ? 1079 HOH A O   1 
HETATM 874 O O   . HOH B 2 .   ? -11.249 -15.664 -7.907  1.00 58.16 ? 1080 HOH A O   1 
HETATM 875 O O   . HOH B 2 .   ? 16.498  -1.572  9.337   1.00 81.31 ? 1081 HOH A O   1 
HETATM 876 O O   . HOH B 2 .   ? 12.006  0.737   7.527   1.00 53.97 ? 1082 HOH A O   1 
HETATM 877 O O   . HOH B 2 .   ? -7.840  -1.290  -17.190 1.00 72.86 ? 1083 HOH A O   1 
HETATM 878 O O   . HOH B 2 .   ? 9.184   -3.118  -4.669  1.00 52.56 ? 1084 HOH A O   1 
HETATM 879 O O   . HOH B 2 .   ? 9.594   -0.081  7.276   1.00 34.89 ? 1085 HOH A O   1 
HETATM 880 O O   . HOH B 2 .   ? 10.389  -9.991  -1.858  1.00 58.39 ? 1086 HOH A O   1 
HETATM 881 O O   . HOH B 2 .   ? -3.518  12.226  8.579   1.00 57.65 ? 1087 HOH A O   1 
HETATM 882 O O   . HOH B 2 .   ? 4.440   0.227   -14.507 1.00 56.48 ? 1088 HOH A O   1 
HETATM 883 O O   . HOH B 2 .   ? -5.994  -16.858 -7.972  1.00 53.33 ? 1089 HOH A O   1 
HETATM 884 O O   . HOH B 2 .   ? 13.250  -8.019  -3.217  1.00 74.07 ? 1090 HOH A O   1 
HETATM 885 O O   . HOH B 2 .   ? 9.364   -0.137  13.447  1.00 64.25 ? 1091 HOH A O   1 
HETATM 886 O O   . HOH B 2 .   ? -0.854  10.214  11.243  1.00 76.97 ? 1092 HOH A O   1 
HETATM 887 O O   . HOH B 2 .   ? 9.192   2.576   -6.702  1.00 43.98 ? 1093 HOH A O   1 
HETATM 888 O O   . HOH B 2 .   ? -7.766  -11.480 4.508   1.00 86.65 ? 1094 HOH A O   1 
HETATM 889 O O   . HOH B 2 .   ? -3.095  8.593   12.598  1.00 67.46 ? 1095 HOH A O   1 
HETATM 890 O O   . HOH B 2 .   ? 17.540  -1.913  7.132   1.00 69.86 ? 1096 HOH A O   1 
HETATM 891 O O   . HOH B 2 .   ? 7.461   14.236  -5.321  1.00 45.31 ? 1097 HOH A O   1 
HETATM 892 O O   . HOH B 2 .   ? 12.269  -2.659  -5.584  1.00 71.81 ? 1098 HOH A O   1 
HETATM 893 O O   . HOH B 2 .   ? -12.689 -14.197 -5.740  1.00 57.88 ? 1099 HOH A O   1 
HETATM 894 O O   . HOH B 2 .   ? -3.752  7.144   15.202  1.00 74.60 ? 1100 HOH A O   1 
HETATM 895 O O   . HOH B 2 .   ? -3.507  -17.507 -7.577  1.00 47.43 ? 1101 HOH A O   1 
HETATM 896 O O   . HOH B 2 .   ? -13.121 -2.984  -6.530  1.00 45.38 ? 1102 HOH A O   1 
HETATM 897 O O   . HOH B 2 .   ? -13.207 -3.457  -2.578  1.00 74.67 ? 1103 HOH A O   1 
HETATM 898 O O   . HOH B 2 .   ? -11.346 1.359   5.164   1.00 86.86 ? 1104 HOH A O   1 
HETATM 899 O O   . HOH B 2 .   ? -11.325 15.515  -5.600  1.00 71.15 ? 1105 HOH A O   1 
HETATM 900 O O   . HOH B 2 .   ? 19.455  -1.774  5.433   1.00 85.38 ? 1106 HOH A O   1 
HETATM 901 O O   . HOH B 2 .   ? 4.516   -4.008  -12.656 1.00 62.99 ? 1107 HOH A O   1 
HETATM 902 O O   . HOH B 2 .   ? -13.711 -2.219  -14.946 1.00 61.96 ? 1108 HOH A O   1 
HETATM 903 O O   . HOH B 2 .   ? -14.398 -5.511  -0.023  1.00 72.69 ? 1109 HOH A O   1 
HETATM 904 O O   . HOH B 2 .   ? 0.296   0.521   15.859  1.00 57.60 ? 1110 HOH A O   1 
HETATM 905 O O   . HOH B 2 .   ? -0.578  6.105   20.105  1.00 72.79 ? 1111 HOH A O   1 
HETATM 906 O O   . HOH B 2 .   ? 2.505   -1.695  13.560  1.00 67.08 ? 1112 HOH A O   1 
HETATM 907 O O   . HOH B 2 .   ? -14.280 -7.986  -10.974 1.00 66.95 ? 1113 HOH A O   1 
HETATM 908 O O   . HOH B 2 .   ? 12.079  -13.926 -1.232  1.00 74.11 ? 1114 HOH A O   1 
HETATM 909 O O   . HOH B 2 .   ? -15.789 -2.119  -8.102  1.00 54.44 ? 1115 HOH A O   1 
HETATM 910 O O   . HOH B 2 .   ? 0.710   13.571  8.818   1.00 77.47 ? 1116 HOH A O   1 
HETATM 911 O O   . HOH B 2 .   ? 15.818  2.912   7.531   1.00 73.85 ? 1117 HOH A O   1 
HETATM 912 O O   . HOH B 2 .   ? 10.276  9.971   9.525   1.00 71.09 ? 1118 HOH A O   1 
HETATM 913 O O   . HOH B 2 .   ? -13.386 9.359   -2.473  1.00 64.32 ? 1119 HOH A O   1 
HETATM 914 O O   . HOH B 2 .   ? 0.669   -3.308  -14.459 1.00 47.02 ? 1120 HOH A O   1 
HETATM 915 O O   . HOH B 2 .   ? -16.706 -12.753 -4.465  1.00 75.38 ? 1121 HOH A O   1 
HETATM 916 O O   . HOH B 2 .   ? 19.293  0.890   11.474  1.00 84.36 ? 1122 HOH A O   1 
HETATM 917 O O   . HOH B 2 .   ? -5.836  -7.459  -12.824 1.00 56.21 ? 1123 HOH A O   1 
HETATM 918 O O   . HOH B 2 .   ? -5.961  7.964   8.712   1.00 56.87 ? 1124 HOH A O   1 
HETATM 919 O O   . HOH B 2 .   ? -7.937  11.524  7.288   1.00 63.10 ? 1125 HOH A O   1 
HETATM 920 O O   . HOH B 2 .   ? -12.270 4.196   1.768   1.00 76.54 ? 1126 HOH A O   1 
HETATM 921 O O   . HOH B 2 .   ? -2.122  -1.560  -18.721 1.00 63.57 ? 1127 HOH A O   1 
HETATM 922 O O   . HOH B 2 .   ? 3.652   0.834   17.104  1.00 70.78 ? 1128 HOH A O   1 
HETATM 923 O O   . HOH B 2 .   ? -0.674  12.824  10.990  1.00 71.63 ? 1129 HOH A O   1 
HETATM 924 O O   . HOH B 2 .   ? -6.132  3.254   14.731  1.00 69.40 ? 1130 HOH A O   1 
HETATM 925 O O   . HOH B 2 .   ? -9.138  9.124   6.188   1.00 56.53 ? 1131 HOH A O   1 
HETATM 926 O O   . HOH B 2 .   ? 13.735  -8.043  3.447   1.00 60.06 ? 1132 HOH A O   1 
HETATM 927 O O   . HOH B 2 .   ? -12.824 1.929   -2.560  1.00 71.52 ? 1133 HOH A O   1 
HETATM 928 O O   . HOH B 2 .   ? -3.768  -1.082  -20.632 1.00 59.70 ? 1134 HOH A O   1 
HETATM 929 O O   . HOH B 2 .   ? -6.084  -0.621  -15.051 1.00 51.49 ? 1135 HOH A O   1 
HETATM 930 O O   . HOH B 2 .   ? -5.457  0.704   -21.755 1.00 73.35 ? 1136 HOH A O   1 
HETATM 931 O O   . HOH B 2 .   ? -4.735  -2.661  -22.644 1.00 64.08 ? 1137 HOH A O   1 
HETATM 932 O O   . HOH B 2 .   ? 9.942   5.757   -7.299  1.00 63.07 ? 1138 HOH A O   1 
HETATM 933 O O   . HOH B 2 .   ? -3.513  -5.247  -21.574 1.00 69.00 ? 1139 HOH A O   1 
HETATM 934 O O   . HOH B 2 .   ? -3.322  -1.620  -16.348 1.00 57.03 ? 1140 HOH A O   1 
HETATM 935 O O   . HOH B 2 .   ? -6.475  -12.845 -9.413  1.00 60.40 ? 1141 HOH A O   1 
HETATM 936 O O   . HOH B 2 .   ? -4.146  -12.965 -10.803 1.00 65.36 ? 1142 HOH A O   1 
HETATM 937 O O   . HOH B 2 .   ? -7.503  -15.128 -10.957 1.00 68.11 ? 1143 HOH A O   1 
HETATM 938 O O   . HOH B 2 .   ? -11.110 -4.995  -12.537 1.00 44.45 ? 1144 HOH A O   1 
HETATM 939 O O   . HOH B 2 .   ? 7.383   -13.683 0.945   1.00 38.85 ? 1145 HOH A O   1 
HETATM 940 O O   . HOH B 2 .   ? 7.469   -14.391 -1.443  1.00 54.82 ? 1146 HOH A O   1 
HETATM 941 O O   . HOH B 2 .   ? 7.860   -13.989 -4.179  1.00 77.49 ? 1147 HOH A O   1 
HETATM 942 O O   . HOH B 2 .   ? 10.270  -12.596 0.186   1.00 58.98 ? 1148 HOH A O   1 
HETATM 943 O O   . HOH B 2 .   ? 10.239  8.461   -2.512  1.00 56.36 ? 1149 HOH A O   1 
HETATM 944 O O   . HOH B 2 .   ? 10.830  5.542   -3.404  1.00 74.74 ? 1150 HOH A O   1 
HETATM 945 O O   . HOH B 2 .   ? 11.668  7.143   4.458   1.00 66.49 ? 1151 HOH A O   1 
HETATM 946 O O   . HOH B 2 .   ? 13.365  5.401   -5.515  1.00 58.12 ? 1152 HOH A O   1 
HETATM 947 O O   . HOH B 2 .   ? 4.475   -9.587  -10.660 1.00 79.34 ? 1153 HOH A O   1 
HETATM 948 O O   . HOH B 2 .   ? 10.990  -0.828  -3.196  1.00 59.58 ? 1154 HOH A O   1 
HETATM 949 O O   . HOH B 2 .   ? 12.685  -4.530  0.782   1.00 64.28 ? 1155 HOH A O   1 
HETATM 950 O O   . HOH B 2 .   ? 2.393   -5.441  -13.272 1.00 55.00 ? 1156 HOH A O   1 
HETATM 951 O O   . HOH B 2 .   ? 11.228  1.169   -9.763  1.00 77.36 ? 1157 HOH A O   1 
HETATM 952 O O   . HOH B 2 .   ? 13.910  1.229   -9.535  1.00 72.60 ? 1158 HOH A O   1 
HETATM 953 O O   . HOH B 2 .   ? 14.117  3.969   -8.302  1.00 72.95 ? 1159 HOH A O   1 
HETATM 954 O O   . HOH B 2 .   ? 7.804   2.372   -11.950 1.00 68.03 ? 1160 HOH A O   1 
HETATM 955 O O   . HOH B 2 .   ? 10.158  3.192   -11.123 1.00 71.00 ? 1161 HOH A O   1 
HETATM 956 O O   . HOH B 2 .   ? 13.652  -4.104  -3.707  1.00 80.00 ? 1162 HOH A O   1 
HETATM 957 O O   . HOH B 2 .   ? 10.158  -12.605 -3.983  1.00 75.61 ? 1163 HOH A O   1 
HETATM 958 O O   . HOH B 2 .   ? 4.789   -4.159  -10.091 1.00 45.46 ? 1164 HOH A O   1 
HETATM 959 O O   . HOH B 2 .   ? 5.229   -13.837 -3.992  1.00 69.32 ? 1165 HOH A O   1 
HETATM 960 O O   . HOH B 2 .   ? 2.804   2.602   -16.322 1.00 50.43 ? 1166 HOH A O   1 
HETATM 961 O O   . HOH B 2 .   ? 16.692  7.015   -7.532  1.00 75.55 ? 1167 HOH A O   1 
HETATM 962 O O   . HOH B 2 .   ? 9.883   12.765  -3.588  1.00 58.53 ? 1168 HOH A O   1 
HETATM 963 O O   . HOH B 2 .   ? 4.847   11.902  8.992   1.00 66.55 ? 1169 HOH A O   1 
HETATM 964 O O   . HOH B 2 .   ? 7.576   13.204  9.976   1.00 79.79 ? 1170 HOH A O   1 
HETATM 965 O O   . HOH B 2 .   ? 9.319   11.910  -0.678  1.00 64.33 ? 1171 HOH A O   1 
HETATM 966 O O   . HOH B 2 .   ? 14.572  0.968   -1.554  1.00 69.02 ? 1172 HOH A O   1 
HETATM 967 O O   . HOH B 2 .   ? 14.605  0.762   1.342   1.00 73.70 ? 1173 HOH A O   1 
HETATM 968 O O   . HOH B 2 .   ? 13.041  2.163   -4.571  1.00 66.30 ? 1174 HOH A O   1 
HETATM 969 O O   . HOH B 2 .   ? 12.723  5.398   0.994   1.00 81.04 ? 1175 HOH A O   1 
HETATM 970 O O   . HOH B 2 .   ? 13.781  1.667   -7.000  1.00 82.41 ? 1176 HOH A O   1 
HETATM 971 O O   . HOH B 2 .   ? 11.120  3.153   -1.610  1.00 70.02 ? 1177 HOH A O   1 
HETATM 972 O O   . HOH B 2 .   ? 13.476  1.700   3.737   1.00 75.16 ? 1178 HOH A O   1 
HETATM 973 O O   . HOH B 2 .   ? 16.599  1.452   9.763   1.00 77.09 ? 1179 HOH A O   1 
HETATM 974 O O   . HOH B 2 .   ? -10.847 -15.914 -3.939  1.00 79.23 ? 1180 HOH A O   1 
# 
